data_9DOR
#
_entry.id   9DOR
#
_cell.length_a   1.00
_cell.length_b   1.00
_cell.length_c   1.00
_cell.angle_alpha   90.00
_cell.angle_beta   90.00
_cell.angle_gamma   90.00
#
_symmetry.space_group_name_H-M   'P 1'
#
loop_
_entity.id
_entity.type
_entity.pdbx_description
1 polymer 'Lipopolysaccharide export system ATP-binding protein LptB'
2 polymer Permease
3 polymer 'Lipopolysaccharide export system permease protein LptF'
4 polymer 'Lipopolysaccharide export system protein LptC'
#
loop_
_entity_poly.entity_id
_entity_poly.type
_entity_poly.pdbx_seq_one_letter_code
_entity_poly.pdbx_strand_id
1 'polypeptide(L)'
;MGSMATLKAQHLAKSYKGRQVVRDVSMSIDSGQIVGLLGPNGAGKTTCFYMIVGLVQADQGVVRIDEQNVTHLPMHGRAR
AGIGYLPQEASIFRKLSVSDNIMAILETRSDLDRNGRKEALEGLLQEFHIHHIRDNLGMSLSGGERRRVEIARALASAPK
FILLDEPFAGVDPISVGDIKQIIHHLKAKGIGILITDHNVRETLDICETAYIVNDGQLIAEGDAESILANDLVKEVYLGH
EFRLKLHHHHHH
;
B,A
2 'polypeptide(L)'
;MGSMVKLDRYIGVTVFVAILAVLGVILGLALLFAFIDELNDISASYGIGDALRFIFLTAPRRAYDMLPMAALIGCLVGLG
TLASNSELTIMRAAGVSLSRIVWAVMKPMLVLMLAGILVGEYVAPWTENIAQSGRALAQGGGDSQSSKRGLWHRQGREYI
HINAVQPNGVLYGVTRYRFDEQRGLESASFAKRARFETDHWQLEEVTTTLLHPREKRSEVVKLPTERWDAQLSPQLLNTV
VMEPEALSISGLWQYIHYLADQGLNNNRYWLAFWTKVLQPLVTAALVLMAISFIFGPLRSVTLGQRIFTGVLVGFVFRIA
QDLLGPSSLVFDFPPLLAVVIPASICALAGVWLLRRAG
;
G
3 'polypeptide(L)'
;MGSMIVFRYLSREVLVTMSAVSAVLLVIIMSGRFIKYLAQAAQGLLDPGSLFLIMAFRIPGFLQLILPLGLFLGILLAYG
RLYLESEMTVLSATGMSQKRLLGYTMAPALLVAILVAWLSLFLAPQGINQFALLLNKQDTLTEFDTLVPGRFQAMRDGTR
VTYTEELSKDRGELAGIFISQKDLNSSNQERGISILVAEKGTQNIQADGSRYLILHNGYRYDGNPGQANYRAIQYDTYGV
MLPKPEASSEVSERDAVPTADLFGSDNPRYQAELQWRLSTPLLVFVVTLLAVPLSRVNPRQGRFLKLLPAILLYMGYLAL
LIAVRGQLDKGKIPMAIGLWWVHGLFLAIGLLLFYWEPLRLKLASSRAGREVAHG
;
F
4 'polypeptide(L)'
;MGSMPKTLRQKLLLALIALLLIVAGYYWNVGLELFNEQPTRPGQDNTIDYYAENAHSLQYQEDGSLDYEMTAVKLEHQKA
TDITFVTTPDLLLFRGNVQPWHIQSARAEVGPKGKEVELIDDVRVARTDAKGQPSILTTTRLTVFPDKNYAQTEQAVKID
AANGVTTAVGMKAYLKDSRMHLLSNVRGQHEVR
;
C
#
# COMPACT_ATOMS: atom_id res chain seq x y z
N ALA A 5 38.56 24.22 31.47
CA ALA A 5 37.21 24.38 30.95
C ALA A 5 36.21 23.66 31.85
N THR A 6 35.08 24.33 32.12
CA THR A 6 34.03 23.76 32.95
C THR A 6 32.71 23.81 32.19
N LEU A 7 31.94 22.72 32.26
CA LEU A 7 30.58 22.70 31.76
C LEU A 7 29.68 23.10 32.93
N LYS A 8 29.05 24.26 32.83
CA LYS A 8 28.26 24.81 33.91
C LYS A 8 26.79 24.90 33.50
N ALA A 9 25.92 24.38 34.36
CA ALA A 9 24.48 24.37 34.12
C ALA A 9 23.79 25.13 35.23
N GLN A 10 22.96 26.10 34.86
CA GLN A 10 22.37 27.03 35.81
C GLN A 10 20.87 27.15 35.60
N HIS A 11 20.12 26.94 36.69
CA HIS A 11 18.69 27.23 36.75
C HIS A 11 17.88 26.55 35.66
N LEU A 12 18.15 25.28 35.41
CA LEU A 12 17.44 24.54 34.38
C LEU A 12 16.03 24.20 34.85
N ALA A 13 15.08 24.20 33.91
CA ALA A 13 13.69 23.91 34.20
C ALA A 13 13.02 23.24 33.02
N LYS A 14 11.94 22.51 33.29
CA LYS A 14 11.20 21.82 32.24
C LYS A 14 9.76 21.63 32.69
N SER A 15 8.84 21.73 31.73
CA SER A 15 7.41 21.54 31.97
C SER A 15 6.85 20.64 30.89
N TYR A 16 6.31 19.49 31.31
CA TYR A 16 5.63 18.57 30.40
C TYR A 16 4.17 18.98 30.23
N LYS A 17 3.36 18.05 29.70
CA LYS A 17 1.99 18.35 29.24
C LYS A 17 1.31 19.40 30.09
N GLY A 18 1.21 19.16 31.39
CA GLY A 18 0.66 20.14 32.31
C GLY A 18 1.40 20.16 33.63
N ARG A 19 2.46 19.37 33.71
CA ARG A 19 3.26 19.21 34.92
C ARG A 19 4.71 19.56 34.65
N GLN A 20 5.30 20.35 35.55
CA GLN A 20 6.71 20.70 35.44
C GLN A 20 7.54 19.57 36.03
N VAL A 21 8.57 19.14 35.29
CA VAL A 21 9.38 18.01 35.72
C VAL A 21 10.52 18.47 36.62
N VAL A 22 11.21 19.53 36.22
CA VAL A 22 12.43 19.99 36.89
C VAL A 22 12.27 21.45 37.24
N ARG A 23 12.58 21.81 38.48
CA ARG A 23 12.51 23.20 38.94
C ARG A 23 13.84 23.59 39.57
N ASP A 24 14.53 24.55 38.96
CA ASP A 24 15.70 25.18 39.54
C ASP A 24 16.77 24.17 39.95
N VAL A 25 17.30 23.44 38.99
CA VAL A 25 18.39 22.49 39.23
C VAL A 25 19.64 23.04 38.58
N SER A 26 20.71 23.20 39.36
CA SER A 26 21.97 23.75 38.89
C SER A 26 23.09 22.74 39.13
N MET A 27 23.99 22.61 38.16
CA MET A 27 25.08 21.65 38.23
C MET A 27 26.37 22.31 37.75
N SER A 28 27.50 21.73 38.15
CA SER A 28 28.81 22.18 37.71
C SER A 28 29.73 20.97 37.55
N ILE A 29 30.26 20.79 36.35
CA ILE A 29 31.20 19.71 36.05
C ILE A 29 32.46 20.34 35.48
N ASP A 30 33.60 20.01 36.08
CA ASP A 30 34.88 20.60 35.73
C ASP A 30 35.79 19.53 35.14
N SER A 31 36.67 19.97 34.23
CA SER A 31 37.53 19.04 33.52
C SER A 31 38.49 18.33 34.47
N GLY A 32 38.56 17.01 34.35
CA GLY A 32 39.44 16.20 35.17
C GLY A 32 38.81 15.58 36.40
N GLN A 33 37.49 15.60 36.53
CA GLN A 33 36.81 15.01 37.67
C GLN A 33 35.59 14.23 37.17
N ILE A 34 35.14 13.27 37.97
CA ILE A 34 33.98 12.46 37.64
C ILE A 34 32.83 12.85 38.56
N VAL A 35 31.68 13.14 37.97
CA VAL A 35 30.50 13.61 38.70
C VAL A 35 29.33 12.68 38.38
N GLY A 36 28.63 12.25 39.42
CA GLY A 36 27.50 11.35 39.26
C GLY A 36 26.18 12.07 39.49
N LEU A 37 25.23 11.83 38.60
CA LEU A 37 23.88 12.36 38.72
C LEU A 37 22.93 11.24 39.07
N LEU A 38 22.50 11.20 40.34
CA LEU A 38 21.65 10.13 40.84
C LEU A 38 20.30 10.72 41.26
N GLY A 39 19.31 9.84 41.41
CA GLY A 39 18.01 10.24 41.86
C GLY A 39 16.94 9.20 41.58
N PRO A 40 15.76 9.37 42.17
CA PRO A 40 14.65 8.46 41.88
C PRO A 40 14.23 8.54 40.42
N ASN A 41 13.69 7.43 39.92
CA ASN A 41 13.31 7.35 38.51
C ASN A 41 12.23 8.37 38.16
N GLY A 42 11.25 8.53 39.04
CA GLY A 42 10.19 9.50 38.79
C GLY A 42 10.71 10.93 38.76
N ALA A 43 11.75 11.21 39.54
CA ALA A 43 12.33 12.55 39.58
C ALA A 43 12.99 12.89 38.26
N GLY A 44 13.38 14.17 38.13
CA GLY A 44 13.95 14.66 36.90
C GLY A 44 15.43 14.42 36.74
N LYS A 45 15.89 13.21 37.07
CA LYS A 45 17.29 12.87 36.85
C LYS A 45 17.58 12.66 35.36
N THR A 46 16.81 11.77 34.73
CA THR A 46 16.97 11.55 33.30
C THR A 46 16.65 12.81 32.51
N THR A 47 15.66 13.60 32.95
CA THR A 47 15.34 14.84 32.27
C THR A 47 16.51 15.82 32.32
N CYS A 48 17.12 15.98 33.49
CA CYS A 48 18.28 16.86 33.60
C CYS A 48 19.43 16.36 32.73
N PHE A 49 19.70 15.05 32.76
CA PHE A 49 20.78 14.51 31.94
C PHE A 49 20.53 14.75 30.46
N TYR A 50 19.31 14.51 29.99
CA TYR A 50 19.01 14.68 28.58
C TYR A 50 19.08 16.14 28.17
N MET A 51 18.54 17.04 29.00
CA MET A 51 18.57 18.46 28.64
C MET A 51 19.98 19.03 28.76
N ILE A 52 20.86 18.35 29.51
CA ILE A 52 22.28 18.66 29.43
C ILE A 52 22.84 18.19 28.09
N VAL A 53 22.48 16.97 27.68
CA VAL A 53 22.96 16.44 26.40
C VAL A 53 22.44 17.28 25.24
N GLY A 54 21.16 17.62 25.26
CA GLY A 54 20.53 18.32 24.17
C GLY A 54 19.43 17.56 23.48
N LEU A 55 19.09 16.36 23.94
CA LEU A 55 17.99 15.61 23.35
C LEU A 55 16.67 16.34 23.55
N VAL A 56 16.49 16.96 24.71
CA VAL A 56 15.30 17.75 25.00
C VAL A 56 15.73 19.18 25.29
N GLN A 57 15.06 20.14 24.64
CA GLN A 57 15.38 21.55 24.79
C GLN A 57 14.84 22.06 26.12
N ALA A 58 15.71 22.67 26.91
CA ALA A 58 15.31 23.17 28.22
C ALA A 58 14.34 24.34 28.08
N ASP A 59 13.37 24.40 28.99
CA ASP A 59 12.41 25.50 28.97
C ASP A 59 13.05 26.79 29.47
N GLN A 60 13.85 26.70 30.52
CA GLN A 60 14.49 27.85 31.12
C GLN A 60 15.89 27.47 31.59
N GLY A 61 16.72 28.48 31.79
CA GLY A 61 18.08 28.27 32.27
C GLY A 61 19.09 28.26 31.13
N VAL A 62 20.36 28.39 31.49
CA VAL A 62 21.46 28.45 30.54
C VAL A 62 22.45 27.34 30.86
N VAL A 63 22.81 26.57 29.83
CA VAL A 63 23.88 25.58 29.90
C VAL A 63 25.06 26.16 29.15
N ARG A 64 26.23 26.16 29.79
CA ARG A 64 27.38 26.88 29.28
C ARG A 64 28.65 26.07 29.45
N ILE A 65 29.40 25.90 28.37
CA ILE A 65 30.72 25.29 28.39
C ILE A 65 31.73 26.37 28.02
N ASP A 66 32.49 26.83 29.01
CA ASP A 66 33.56 27.79 28.81
C ASP A 66 33.07 29.04 28.09
N GLU A 67 32.11 29.71 28.72
CA GLU A 67 31.56 31.00 28.27
C GLU A 67 30.95 30.93 26.88
N GLN A 68 30.24 29.86 26.55
CA GLN A 68 29.45 29.76 25.32
C GLN A 68 28.07 29.23 25.68
N ASN A 69 27.04 30.01 25.36
CA ASN A 69 25.65 29.60 25.60
C ASN A 69 25.27 28.55 24.57
N VAL A 70 25.36 27.27 24.95
CA VAL A 70 25.08 26.18 24.03
C VAL A 70 23.67 25.64 24.19
N THR A 71 22.76 26.42 24.79
CA THR A 71 21.38 25.97 24.93
C THR A 71 20.70 25.88 23.56
N HIS A 72 20.80 26.94 22.76
CA HIS A 72 20.11 26.97 21.46
C HIS A 72 20.81 26.07 20.45
N LEU A 73 22.09 25.80 20.66
CA LEU A 73 22.85 25.03 19.68
C LEU A 73 22.37 23.58 19.64
N PRO A 74 22.24 23.01 18.44
CA PRO A 74 21.83 21.61 18.32
C PRO A 74 22.92 20.66 18.80
N MET A 75 22.63 19.37 18.65
CA MET A 75 23.55 18.35 19.13
C MET A 75 24.88 18.41 18.40
N HIS A 76 24.85 18.61 17.08
CA HIS A 76 26.10 18.72 16.32
C HIS A 76 26.89 19.95 16.74
N GLY A 77 26.20 21.06 17.02
CA GLY A 77 26.89 22.24 17.51
C GLY A 77 27.55 22.01 18.86
N ARG A 78 26.84 21.33 19.77
CA ARG A 78 27.42 20.99 21.06
C ARG A 78 28.64 20.07 20.88
N ALA A 79 28.54 19.10 19.99
CA ALA A 79 29.67 18.19 19.76
C ALA A 79 30.87 18.95 19.20
N ARG A 80 30.62 19.90 18.30
CA ARG A 80 31.70 20.74 17.80
C ARG A 80 32.27 21.60 18.92
N ALA A 81 31.43 21.98 19.89
CA ALA A 81 31.90 22.80 21.00
C ALA A 81 32.80 22.01 21.95
N GLY A 82 32.57 20.70 22.07
CA GLY A 82 33.41 19.88 22.93
C GLY A 82 32.69 18.84 23.74
N ILE A 83 31.37 18.74 23.60
CA ILE A 83 30.61 17.74 24.36
C ILE A 83 30.49 16.46 23.55
N GLY A 84 30.90 15.35 24.16
CA GLY A 84 30.68 14.03 23.61
C GLY A 84 29.47 13.38 24.29
N TYR A 85 29.14 12.19 23.81
CA TYR A 85 28.00 11.46 24.33
C TYR A 85 28.12 10.00 23.93
N LEU A 86 27.64 9.12 24.80
CA LEU A 86 27.67 7.67 24.56
C LEU A 86 26.31 7.11 24.95
N PRO A 87 25.55 6.58 23.99
CA PRO A 87 24.19 6.12 24.31
C PRO A 87 24.19 4.82 25.10
N GLN A 88 23.05 4.57 25.75
CA GLN A 88 22.90 3.38 26.58
C GLN A 88 23.01 2.11 25.75
N GLU A 89 22.23 2.02 24.68
CA GLU A 89 22.23 0.85 23.83
C GLU A 89 23.51 0.81 22.98
N ALA A 90 23.73 -0.33 22.34
CA ALA A 90 24.89 -0.48 21.46
C ALA A 90 24.79 0.50 20.29
N SER A 91 25.87 1.23 20.04
CA SER A 91 25.92 2.22 18.96
C SER A 91 27.14 2.00 18.07
N ILE A 92 27.61 0.78 17.97
CA ILE A 92 28.73 0.45 17.09
C ILE A 92 28.20 0.27 15.67
N PHE A 93 29.01 0.63 14.68
CA PHE A 93 28.59 0.51 13.29
C PHE A 93 28.63 -0.97 12.91
N ARG A 94 27.46 -1.55 12.64
CA ARG A 94 27.37 -3.00 12.47
C ARG A 94 28.22 -3.49 11.29
N LYS A 95 27.90 -3.02 10.09
CA LYS A 95 28.60 -3.47 8.88
C LYS A 95 29.81 -2.61 8.57
N LEU A 96 30.71 -2.45 9.54
CA LEU A 96 31.95 -1.70 9.36
C LEU A 96 33.04 -2.28 10.25
N SER A 97 34.24 -2.38 9.71
CA SER A 97 35.37 -2.90 10.47
C SER A 97 35.76 -1.92 11.58
N VAL A 98 36.43 -2.45 12.60
CA VAL A 98 36.77 -1.65 13.78
C VAL A 98 37.70 -0.49 13.39
N SER A 99 38.74 -0.80 12.61
CA SER A 99 39.64 0.26 12.15
C SER A 99 38.87 1.31 11.35
N ASP A 100 38.00 0.86 10.45
CA ASP A 100 37.12 1.80 9.76
C ASP A 100 36.10 2.41 10.71
N ASN A 101 35.69 1.68 11.75
CA ASN A 101 34.78 2.22 12.74
C ASN A 101 35.37 3.46 13.40
N ILE A 102 36.68 3.49 13.58
CA ILE A 102 37.32 4.66 14.17
C ILE A 102 37.71 5.69 13.10
N MET A 103 38.14 5.24 11.92
CA MET A 103 38.52 6.17 10.86
C MET A 103 37.34 7.01 10.38
N ALA A 104 36.13 6.44 10.39
CA ALA A 104 34.97 7.20 9.93
C ALA A 104 34.72 8.44 10.77
N ILE A 105 35.10 8.40 12.04
CA ILE A 105 34.99 9.57 12.91
C ILE A 105 36.26 10.40 12.88
N LEU A 106 37.42 9.75 12.70
CA LEU A 106 38.68 10.50 12.64
C LEU A 106 38.74 11.40 11.41
N GLU A 107 38.11 10.99 10.30
CA GLU A 107 38.20 11.77 9.07
C GLU A 107 37.52 13.13 9.18
N THR A 108 36.51 13.28 10.03
CA THR A 108 35.80 14.55 10.12
C THR A 108 36.57 15.61 10.89
N ARG A 109 37.69 15.25 11.52
CA ARG A 109 38.50 16.23 12.25
C ARG A 109 39.27 17.09 11.27
N SER A 110 38.98 18.39 11.26
CA SER A 110 39.60 19.29 10.30
C SER A 110 41.10 19.41 10.52
N ASP A 111 41.53 19.48 11.78
CA ASP A 111 42.95 19.68 12.10
C ASP A 111 43.61 18.30 12.18
N LEU A 112 43.86 17.74 10.99
CA LEU A 112 44.60 16.51 10.81
C LEU A 112 44.87 16.32 9.32
N ASP A 113 46.06 15.87 8.99
CA ASP A 113 46.38 15.40 7.65
C ASP A 113 46.19 13.90 7.57
N ARG A 114 46.49 13.32 6.41
CA ARG A 114 46.36 11.88 6.24
C ARG A 114 47.33 11.14 7.15
N ASN A 115 48.58 11.62 7.22
CA ASN A 115 49.58 10.97 8.06
C ASN A 115 49.18 11.08 9.53
N GLY A 116 48.73 12.26 9.95
CA GLY A 116 48.25 12.41 11.31
C GLY A 116 47.02 11.57 11.59
N ARG A 117 46.14 11.42 10.59
CA ARG A 117 44.98 10.56 10.77
C ARG A 117 45.39 9.12 11.02
N LYS A 118 46.33 8.61 10.21
CA LYS A 118 46.81 7.25 10.41
C LYS A 118 47.49 7.10 11.77
N GLU A 119 48.29 8.08 12.17
CA GLU A 119 48.98 8.01 13.45
C GLU A 119 48.00 8.01 14.61
N ALA A 120 46.97 8.85 14.54
CA ALA A 120 45.95 8.88 15.59
C ALA A 120 45.18 7.58 15.64
N LEU A 121 44.85 7.01 14.48
CA LEU A 121 44.16 5.73 14.45
C LEU A 121 45.01 4.64 15.10
N GLU A 122 46.31 4.61 14.78
CA GLU A 122 47.18 3.60 15.39
C GLU A 122 47.30 3.81 16.89
N GLY A 123 47.43 5.06 17.33
CA GLY A 123 47.54 5.32 18.76
C GLY A 123 46.29 4.91 19.52
N LEU A 124 45.11 5.22 18.97
CA LEU A 124 43.87 4.82 19.63
C LEU A 124 43.68 3.31 19.58
N LEU A 125 44.12 2.67 18.50
CA LEU A 125 44.04 1.22 18.38
C LEU A 125 44.88 0.55 19.46
N GLN A 126 46.10 1.07 19.68
CA GLN A 126 47.00 0.50 20.69
C GLN A 126 46.61 0.86 22.12
N GLU A 127 46.04 2.05 22.35
CA GLU A 127 45.77 2.54 23.69
C GLU A 127 44.78 1.68 24.47
N PHE A 128 43.71 1.21 23.82
CA PHE A 128 42.65 0.49 24.51
C PHE A 128 42.77 -1.03 24.35
N HIS A 129 43.92 -1.50 23.87
CA HIS A 129 44.17 -2.93 23.70
C HIS A 129 43.11 -3.58 22.82
N ILE A 130 42.67 -2.84 21.79
CA ILE A 130 41.79 -3.37 20.76
C ILE A 130 42.52 -3.49 19.43
N HIS A 131 43.84 -3.67 19.47
CA HIS A 131 44.63 -3.76 18.25
C HIS A 131 44.31 -5.02 17.45
N HIS A 132 44.07 -6.13 18.14
CA HIS A 132 44.06 -7.43 17.47
C HIS A 132 42.70 -7.73 16.83
N ILE A 133 41.68 -6.95 17.14
CA ILE A 133 40.34 -7.19 16.61
C ILE A 133 40.00 -6.11 15.58
N ARG A 134 41.03 -5.55 14.95
CA ARG A 134 40.80 -4.42 14.03
C ARG A 134 40.11 -4.86 12.75
N ASP A 135 40.16 -6.15 12.41
CA ASP A 135 39.58 -6.59 11.16
C ASP A 135 38.19 -7.19 11.34
N ASN A 136 37.82 -7.54 12.57
CA ASN A 136 36.50 -8.10 12.81
C ASN A 136 35.40 -7.06 12.57
N LEU A 137 34.27 -7.52 12.06
CA LEU A 137 33.14 -6.65 11.79
C LEU A 137 32.53 -6.15 13.10
N GLY A 138 31.78 -5.05 13.00
CA GLY A 138 31.21 -4.46 14.19
C GLY A 138 30.18 -5.35 14.87
N MET A 139 29.40 -6.09 14.09
CA MET A 139 28.37 -6.94 14.66
C MET A 139 28.99 -8.13 15.41
N SER A 140 30.19 -8.54 15.02
CA SER A 140 30.77 -9.76 15.58
C SER A 140 31.34 -9.56 16.98
N LEU A 141 31.58 -8.33 17.40
CA LEU A 141 32.21 -8.09 18.69
C LEU A 141 31.29 -8.45 19.84
N SER A 142 31.89 -8.90 20.94
CA SER A 142 31.15 -9.15 22.17
C SER A 142 30.95 -7.84 22.93
N GLY A 143 30.45 -7.96 24.17
CA GLY A 143 30.06 -6.77 24.91
C GLY A 143 31.22 -5.87 25.29
N GLY A 144 32.25 -6.43 25.91
CA GLY A 144 33.35 -5.61 26.40
C GLY A 144 34.13 -4.95 25.29
N GLU A 145 34.43 -5.71 24.24
CA GLU A 145 35.14 -5.14 23.10
C GLU A 145 34.29 -4.08 22.40
N ARG A 146 32.97 -4.30 22.34
CA ARG A 146 32.08 -3.29 21.77
C ARG A 146 32.12 -2.00 22.57
N ARG A 147 32.08 -2.12 23.90
CA ARG A 147 32.14 -0.93 24.75
C ARG A 147 33.46 -0.20 24.58
N ARG A 148 34.57 -0.95 24.54
CA ARG A 148 35.88 -0.34 24.36
C ARG A 148 35.99 0.36 23.01
N VAL A 149 35.44 -0.26 21.96
CA VAL A 149 35.46 0.37 20.64
C VAL A 149 34.61 1.64 20.63
N GLU A 150 33.45 1.59 21.30
CA GLU A 150 32.60 2.78 21.39
C GLU A 150 33.33 3.92 22.07
N ILE A 151 34.00 3.63 23.19
CA ILE A 151 34.72 4.67 23.93
C ILE A 151 35.91 5.18 23.13
N ALA A 152 36.58 4.29 22.40
CA ALA A 152 37.68 4.72 21.53
C ALA A 152 37.18 5.64 20.43
N ARG A 153 36.02 5.33 19.86
CA ARG A 153 35.41 6.21 18.86
C ARG A 153 35.09 7.57 19.46
N ALA A 154 34.51 7.58 20.66
CA ALA A 154 34.19 8.84 21.32
C ALA A 154 35.44 9.67 21.56
N LEU A 155 36.54 9.02 21.95
CA LEU A 155 37.82 9.71 22.07
C LEU A 155 38.30 10.22 20.71
N ALA A 156 38.10 9.43 19.66
CA ALA A 156 38.48 9.84 18.31
C ALA A 156 37.74 11.10 17.90
N SER A 157 36.53 11.30 18.42
CA SER A 157 35.85 12.57 18.19
C SER A 157 36.56 13.76 18.83
N ALA A 158 37.52 13.50 19.72
CA ALA A 158 38.29 14.52 20.44
C ALA A 158 37.38 15.46 21.22
N PRO A 159 36.66 14.95 22.23
CA PRO A 159 35.78 15.83 23.01
C PRO A 159 36.49 16.44 24.21
N LYS A 160 35.79 17.29 24.96
CA LYS A 160 36.32 17.85 26.19
C LYS A 160 35.61 17.29 27.42
N PHE A 161 34.35 16.88 27.26
CA PHE A 161 33.62 16.15 28.28
C PHE A 161 32.76 15.10 27.61
N ILE A 162 32.72 13.90 28.20
CA ILE A 162 31.90 12.80 27.69
C ILE A 162 30.81 12.53 28.71
N LEU A 163 29.57 12.46 28.23
CA LEU A 163 28.39 12.31 29.09
C LEU A 163 27.90 10.87 28.96
N LEU A 164 28.40 10.00 29.82
CA LEU A 164 28.00 8.60 29.79
C LEU A 164 26.55 8.44 30.22
N ASP A 165 25.91 7.38 29.71
CA ASP A 165 24.51 7.09 30.00
C ASP A 165 24.40 5.63 30.38
N GLU A 166 24.18 5.37 31.68
CA GLU A 166 23.98 4.03 32.23
C GLU A 166 25.11 3.07 31.83
N PRO A 167 26.37 3.37 32.17
CA PRO A 167 27.45 2.46 31.79
C PRO A 167 27.36 1.09 32.42
N PHE A 168 26.83 0.99 33.64
CA PHE A 168 26.73 -0.28 34.36
C PHE A 168 25.32 -0.85 34.36
N ALA A 169 24.59 -0.69 33.26
CA ALA A 169 23.23 -1.20 33.14
C ALA A 169 23.28 -2.61 32.53
N GLY A 170 22.90 -3.61 33.32
CA GLY A 170 22.92 -4.98 32.85
C GLY A 170 24.30 -5.49 32.52
N VAL A 171 25.27 -5.23 33.39
CA VAL A 171 26.66 -5.59 33.17
C VAL A 171 27.09 -6.56 34.27
N ASP A 172 27.80 -7.62 33.86
CA ASP A 172 28.25 -8.62 34.81
C ASP A 172 29.21 -8.00 35.83
N PRO A 173 29.23 -8.53 37.07
CA PRO A 173 30.12 -7.96 38.09
C PRO A 173 31.59 -8.01 37.71
N ILE A 174 32.02 -9.05 36.99
CA ILE A 174 33.42 -9.14 36.58
C ILE A 174 33.74 -8.09 35.52
N SER A 175 32.82 -7.84 34.60
CA SER A 175 33.05 -6.89 33.53
C SER A 175 32.93 -5.44 33.98
N VAL A 176 32.45 -5.21 35.22
CA VAL A 176 32.36 -3.85 35.73
C VAL A 176 33.76 -3.25 35.91
N GLY A 177 34.73 -4.08 36.30
CA GLY A 177 36.08 -3.57 36.52
C GLY A 177 36.70 -2.98 35.26
N ASP A 178 36.43 -3.58 34.11
CA ASP A 178 36.93 -3.03 32.85
C ASP A 178 36.37 -1.64 32.60
N ILE A 179 35.07 -1.46 32.83
CA ILE A 179 34.45 -0.16 32.64
C ILE A 179 35.04 0.86 33.61
N LYS A 180 35.23 0.44 34.87
CA LYS A 180 35.79 1.36 35.86
C LYS A 180 37.20 1.78 35.48
N GLN A 181 38.01 0.83 35.01
CA GLN A 181 39.37 1.15 34.57
C GLN A 181 39.37 2.09 33.38
N ILE A 182 38.44 1.89 32.44
CA ILE A 182 38.38 2.75 31.27
C ILE A 182 37.96 4.17 31.66
N ILE A 183 37.00 4.29 32.58
CA ILE A 183 36.63 5.62 33.08
C ILE A 183 37.81 6.28 33.79
N HIS A 184 38.58 5.51 34.55
CA HIS A 184 39.76 6.06 35.19
C HIS A 184 40.77 6.55 34.17
N HIS A 185 40.97 5.79 33.08
CA HIS A 185 41.86 6.22 32.01
C HIS A 185 41.37 7.51 31.37
N LEU A 186 40.06 7.59 31.11
CA LEU A 186 39.50 8.79 30.50
C LEU A 186 39.69 10.01 31.40
N LYS A 187 39.46 9.84 32.70
CA LYS A 187 39.67 10.94 33.63
C LYS A 187 41.14 11.34 33.68
N ALA A 188 42.05 10.36 33.67
CA ALA A 188 43.48 10.66 33.70
C ALA A 188 43.91 11.39 32.45
N LYS A 189 43.24 11.13 31.32
CA LYS A 189 43.54 11.85 30.09
C LYS A 189 43.32 13.35 30.21
N GLY A 190 42.35 13.77 31.01
CA GLY A 190 41.99 15.15 31.14
C GLY A 190 40.57 15.49 30.73
N ILE A 191 39.67 14.53 30.72
CA ILE A 191 38.29 14.72 30.26
C ILE A 191 37.35 14.50 31.44
N GLY A 192 36.55 15.51 31.75
CA GLY A 192 35.54 15.34 32.78
C GLY A 192 34.41 14.44 32.29
N ILE A 193 33.87 13.64 33.19
CA ILE A 193 32.84 12.66 32.87
C ILE A 193 31.68 12.81 33.84
N LEU A 194 30.46 12.75 33.31
CA LEU A 194 29.25 12.74 34.13
C LEU A 194 28.51 11.44 33.88
N ILE A 195 28.10 10.78 34.97
CA ILE A 195 27.53 9.44 34.91
C ILE A 195 26.16 9.45 35.59
N THR A 196 25.18 8.81 34.95
CA THR A 196 23.86 8.61 35.52
C THR A 196 23.41 7.18 35.24
N ASP A 197 22.94 6.50 36.27
CA ASP A 197 22.45 5.13 36.14
C ASP A 197 21.67 4.76 37.38
N HIS A 198 21.06 3.57 37.34
CA HIS A 198 20.23 3.08 38.45
C HIS A 198 21.02 2.32 39.50
N ASN A 199 22.19 1.79 39.15
CA ASN A 199 22.98 0.99 40.08
C ASN A 199 23.79 1.94 40.96
N VAL A 200 23.34 2.10 42.20
CA VAL A 200 23.84 3.16 43.08
C VAL A 200 25.27 2.89 43.51
N ARG A 201 25.58 1.63 43.82
CA ARG A 201 26.85 1.30 44.48
C ARG A 201 28.05 1.76 43.66
N GLU A 202 28.10 1.35 42.39
CA GLU A 202 29.31 1.59 41.59
C GLU A 202 29.47 3.06 41.25
N THR A 203 28.38 3.75 40.92
CA THR A 203 28.50 5.17 40.60
C THR A 203 28.88 5.98 41.83
N LEU A 204 28.42 5.56 43.02
CA LEU A 204 28.87 6.21 44.24
C LEU A 204 30.34 5.92 44.51
N ASP A 205 30.80 4.72 44.13
CA ASP A 205 32.19 4.37 44.33
C ASP A 205 33.11 5.19 43.44
N ILE A 206 32.77 5.30 42.15
CA ILE A 206 33.67 5.92 41.18
C ILE A 206 33.62 7.45 41.29
N CYS A 207 32.41 8.02 41.31
CA CYS A 207 32.26 9.46 41.17
C CYS A 207 32.90 10.20 42.34
N GLU A 208 33.55 11.32 42.04
CA GLU A 208 34.12 12.16 43.09
C GLU A 208 33.04 12.93 43.83
N THR A 209 32.07 13.47 43.10
CA THR A 209 30.95 14.19 43.70
C THR A 209 29.66 13.67 43.07
N ALA A 210 28.61 13.65 43.87
CA ALA A 210 27.31 13.13 43.42
C ALA A 210 26.25 14.22 43.56
N TYR A 211 25.37 14.28 42.57
CA TYR A 211 24.23 15.20 42.58
C TYR A 211 22.94 14.39 42.64
N ILE A 212 22.11 14.67 43.64
CA ILE A 212 20.85 13.96 43.85
C ILE A 212 19.71 14.92 43.60
N VAL A 213 18.78 14.52 42.73
CA VAL A 213 17.60 15.32 42.41
C VAL A 213 16.37 14.51 42.80
N ASN A 214 15.37 15.20 43.34
CA ASN A 214 14.09 14.59 43.69
C ASN A 214 13.01 15.65 43.57
N ASP A 215 11.85 15.25 43.03
CA ASP A 215 10.74 16.16 42.76
C ASP A 215 11.18 17.32 41.87
N GLY A 216 12.16 17.07 41.00
CA GLY A 216 12.67 18.10 40.11
C GLY A 216 13.57 19.13 40.76
N GLN A 217 14.14 18.85 41.93
CA GLN A 217 15.02 19.78 42.60
C GLN A 217 16.18 19.02 43.24
N LEU A 218 17.32 19.71 43.35
CA LEU A 218 18.55 19.12 43.88
C LEU A 218 18.45 19.08 45.40
N ILE A 219 18.11 17.91 45.94
CA ILE A 219 17.93 17.77 47.38
C ILE A 219 19.28 17.78 48.11
N ALA A 220 20.29 17.16 47.51
CA ALA A 220 21.58 17.04 48.18
C ALA A 220 22.69 16.92 47.14
N GLU A 221 23.91 17.26 47.57
CA GLU A 221 25.09 17.15 46.72
C GLU A 221 26.32 17.08 47.62
N GLY A 222 27.38 16.50 47.09
CA GLY A 222 28.62 16.37 47.84
C GLY A 222 29.29 15.05 47.52
N ASP A 223 30.32 14.74 48.29
CA ASP A 223 31.05 13.48 48.13
C ASP A 223 30.18 12.31 48.56
N ALA A 224 30.61 11.11 48.16
CA ALA A 224 29.79 9.92 48.35
C ALA A 224 29.47 9.67 49.82
N GLU A 225 30.45 9.84 50.70
CA GLU A 225 30.20 9.63 52.13
C GLU A 225 29.15 10.60 52.66
N SER A 226 29.20 11.87 52.23
CA SER A 226 28.21 12.84 52.67
C SER A 226 26.82 12.50 52.15
N ILE A 227 26.73 12.03 50.89
CA ILE A 227 25.44 11.57 50.36
C ILE A 227 24.93 10.40 51.18
N LEU A 228 25.84 9.53 51.63
CA LEU A 228 25.43 8.41 52.46
C LEU A 228 24.93 8.88 53.83
N ALA A 229 25.52 9.95 54.36
CA ALA A 229 25.21 10.37 55.72
C ALA A 229 24.01 11.30 55.77
N ASN A 230 23.67 11.95 54.66
CA ASN A 230 22.60 12.94 54.67
C ASN A 230 21.27 12.26 54.97
N ASP A 231 20.43 12.94 55.76
CA ASP A 231 19.19 12.32 56.24
C ASP A 231 18.13 12.28 55.14
N LEU A 232 17.99 13.35 54.36
CA LEU A 232 16.87 13.46 53.44
C LEU A 232 16.97 12.43 52.31
N VAL A 233 18.16 12.29 51.71
CA VAL A 233 18.34 11.33 50.63
C VAL A 233 18.13 9.91 51.13
N LYS A 234 18.59 9.63 52.35
CA LYS A 234 18.36 8.31 52.93
C LYS A 234 16.88 8.05 53.15
N GLU A 235 16.15 9.05 53.64
CA GLU A 235 14.73 8.89 53.90
C GLU A 235 13.95 8.66 52.61
N VAL A 236 14.26 9.42 51.56
CA VAL A 236 13.42 9.42 50.37
C VAL A 236 13.97 8.58 49.22
N TYR A 237 15.29 8.38 49.14
CA TYR A 237 15.86 7.74 47.97
C TYR A 237 16.62 6.47 48.35
N LEU A 238 17.54 6.57 49.30
CA LEU A 238 18.48 5.48 49.55
C LEU A 238 17.85 4.41 50.43
N GLY A 239 17.19 4.81 51.51
CA GLY A 239 16.63 3.85 52.45
C GLY A 239 17.53 3.64 53.65
N HIS A 240 16.90 3.42 54.81
CA HIS A 240 17.65 3.18 56.04
C HIS A 240 18.44 1.88 55.96
N GLU A 241 17.85 0.83 55.38
CA GLU A 241 18.52 -0.47 55.33
C GLU A 241 19.70 -0.44 54.37
N PHE A 242 19.77 0.56 53.49
CA PHE A 242 20.85 0.64 52.52
C PHE A 242 22.19 0.82 53.23
N ARG A 243 23.19 0.09 52.76
CA ARG A 243 24.55 0.15 53.32
C ARG A 243 24.56 -0.20 54.81
N ALA B 5 5.35 -30.93 47.75
CA ALA B 5 5.41 -30.77 46.30
C ALA B 5 6.75 -30.18 45.88
N THR B 6 7.38 -30.80 44.88
CA THR B 6 8.68 -30.36 44.40
C THR B 6 8.67 -30.30 42.89
N LEU B 7 9.41 -29.35 42.33
CA LEU B 7 9.61 -29.25 40.89
C LEU B 7 11.04 -29.69 40.59
N LYS B 8 11.18 -30.65 39.69
CA LYS B 8 12.49 -31.20 39.34
C LYS B 8 12.71 -31.10 37.84
N ALA B 9 13.73 -30.34 37.45
CA ALA B 9 14.16 -30.24 36.06
C ALA B 9 15.43 -31.05 35.92
N GLN B 10 15.36 -32.15 35.16
CA GLN B 10 16.45 -33.11 35.06
C GLN B 10 17.05 -33.09 33.67
N HIS B 11 18.36 -32.89 33.59
CA HIS B 11 19.12 -33.06 32.35
C HIS B 11 18.59 -32.18 31.23
N LEU B 12 18.24 -30.94 31.57
CA LEU B 12 17.77 -30.00 30.56
C LEU B 12 18.90 -29.62 29.61
N ALA B 13 18.58 -29.54 28.32
CA ALA B 13 19.52 -29.16 27.29
C ALA B 13 18.77 -28.67 26.07
N LYS B 14 19.46 -27.88 25.24
CA LYS B 14 18.87 -27.32 24.03
C LYS B 14 19.97 -26.74 23.17
N SER B 15 19.89 -27.00 21.86
CA SER B 15 20.81 -26.45 20.89
C SER B 15 20.06 -25.46 20.01
N TYR B 16 20.53 -24.23 19.97
CA TYR B 16 19.91 -23.19 19.15
C TYR B 16 20.36 -23.31 17.70
N LYS B 17 20.12 -22.26 16.91
CA LYS B 17 20.27 -22.33 15.46
C LYS B 17 21.62 -22.92 15.05
N GLY B 18 22.71 -22.47 15.67
CA GLY B 18 24.01 -22.96 15.30
C GLY B 18 24.83 -23.55 16.43
N ARG B 19 24.57 -23.12 17.66
CA ARG B 19 25.37 -23.52 18.81
C ARG B 19 24.45 -23.89 19.97
N GLN B 20 24.84 -24.93 20.71
CA GLN B 20 24.08 -25.33 21.88
C GLN B 20 24.21 -24.30 23.00
N VAL B 21 23.13 -24.12 23.76
CA VAL B 21 23.06 -23.09 24.78
C VAL B 21 23.10 -23.68 26.19
N VAL B 22 22.49 -24.85 26.37
CA VAL B 22 22.38 -25.48 27.69
C VAL B 22 22.72 -26.96 27.55
N ARG B 23 23.49 -27.50 28.50
CA ARG B 23 23.88 -28.90 28.50
C ARG B 23 23.84 -29.43 29.92
N ASP B 24 22.90 -30.35 30.17
CA ASP B 24 22.83 -31.11 31.43
C ASP B 24 22.82 -30.20 32.66
N VAL B 25 21.75 -29.44 32.81
CA VAL B 25 21.51 -28.65 34.01
C VAL B 25 20.33 -29.25 34.77
N SER B 26 20.49 -29.40 36.09
CA SER B 26 19.48 -30.02 36.92
C SER B 26 19.17 -29.12 38.11
N MET B 27 17.89 -28.89 38.37
CA MET B 27 17.45 -28.03 39.45
C MET B 27 16.29 -28.69 40.19
N SER B 28 16.31 -28.57 41.52
CA SER B 28 15.27 -29.13 42.38
C SER B 28 14.73 -28.01 43.27
N ILE B 29 13.45 -27.71 43.12
CA ILE B 29 12.79 -26.64 43.88
C ILE B 29 11.67 -27.27 44.69
N ASP B 30 11.64 -26.99 45.98
CA ASP B 30 10.64 -27.53 46.90
C ASP B 30 9.63 -26.46 47.27
N SER B 31 8.48 -26.90 47.74
CA SER B 31 7.47 -25.97 48.23
C SER B 31 7.90 -25.38 49.57
N GLY B 32 8.00 -24.06 49.62
CA GLY B 32 8.52 -23.40 50.80
C GLY B 32 10.00 -23.13 50.78
N GLN B 33 10.59 -22.92 49.61
CA GLN B 33 12.01 -22.63 49.48
C GLN B 33 12.23 -21.66 48.33
N ILE B 34 13.07 -20.67 48.57
CA ILE B 34 13.40 -19.65 47.57
C ILE B 34 14.75 -20.01 46.96
N VAL B 35 14.80 -20.12 45.64
CA VAL B 35 16.00 -20.52 44.91
C VAL B 35 16.27 -19.49 43.83
N GLY B 36 17.52 -19.02 43.76
CA GLY B 36 17.90 -18.04 42.77
C GLY B 36 18.72 -18.59 41.63
N LEU B 37 18.40 -18.17 40.40
CA LEU B 37 19.20 -18.52 39.23
C LEU B 37 20.04 -17.32 38.82
N LEU B 38 21.35 -17.49 38.84
CA LEU B 38 22.28 -16.40 38.56
C LEU B 38 23.36 -16.89 37.61
N GLY B 39 23.83 -16.00 36.75
CA GLY B 39 24.86 -16.35 35.79
C GLY B 39 25.11 -15.25 34.79
N PRO B 40 26.15 -15.41 33.97
CA PRO B 40 26.43 -14.42 32.92
C PRO B 40 25.30 -14.35 31.92
N ASN B 41 25.13 -13.17 31.33
CA ASN B 41 24.09 -12.98 30.31
C ASN B 41 24.34 -13.90 29.12
N GLY B 42 25.61 -14.16 28.80
CA GLY B 42 25.91 -15.08 27.70
C GLY B 42 25.49 -16.51 28.00
N ALA B 43 25.62 -16.92 29.26
CA ALA B 43 25.24 -18.28 29.64
C ALA B 43 23.73 -18.46 29.53
N GLY B 44 23.31 -19.73 29.52
CA GLY B 44 21.92 -20.06 29.28
C GLY B 44 21.02 -19.98 30.50
N LYS B 45 21.24 -18.99 31.36
CA LYS B 45 20.36 -18.81 32.52
C LYS B 45 18.94 -18.47 32.09
N THR B 46 18.79 -17.47 31.21
CA THR B 46 17.46 -17.10 30.73
C THR B 46 16.82 -18.23 29.95
N THR B 47 17.61 -18.91 29.11
CA THR B 47 17.07 -20.03 28.34
C THR B 47 16.56 -21.13 29.26
N CYS B 48 17.34 -21.52 30.27
CA CYS B 48 16.91 -22.57 31.20
C CYS B 48 15.67 -22.13 31.97
N PHE B 49 15.64 -20.87 32.41
CA PHE B 49 14.45 -20.35 33.07
C PHE B 49 13.22 -20.47 32.17
N TYR B 50 13.39 -20.18 30.89
CA TYR B 50 12.25 -20.23 29.98
C TYR B 50 11.84 -21.67 29.66
N MET B 51 12.80 -22.60 29.69
CA MET B 51 12.46 -24.02 29.60
C MET B 51 11.61 -24.43 30.79
N ILE B 52 12.01 -24.00 31.99
CA ILE B 52 11.26 -24.37 33.19
C ILE B 52 9.87 -23.76 33.15
N VAL B 53 9.77 -22.50 32.71
CA VAL B 53 8.45 -21.90 32.46
C VAL B 53 7.74 -22.63 31.35
N GLY B 54 8.45 -22.95 30.27
CA GLY B 54 7.87 -23.63 29.13
C GLY B 54 7.73 -22.79 27.87
N LEU B 55 8.27 -21.58 27.86
CA LEU B 55 8.16 -20.73 26.68
C LEU B 55 8.91 -21.32 25.49
N VAL B 56 10.09 -21.88 25.73
CA VAL B 56 10.89 -22.52 24.70
C VAL B 56 10.99 -24.01 25.03
N GLN B 57 10.68 -24.85 24.04
CA GLN B 57 10.73 -26.28 24.24
C GLN B 57 12.18 -26.74 24.40
N ALA B 58 12.35 -27.81 25.17
CA ALA B 58 13.66 -28.38 25.46
C ALA B 58 13.89 -29.61 24.60
N ASP B 59 15.05 -29.67 23.95
CA ASP B 59 15.35 -30.81 23.09
C ASP B 59 15.48 -32.09 23.89
N GLN B 60 16.08 -32.01 25.08
CA GLN B 60 16.30 -33.17 25.91
C GLN B 60 16.07 -32.80 27.37
N GLY B 61 15.72 -33.79 28.18
CA GLY B 61 15.48 -33.60 29.59
C GLY B 61 14.00 -33.64 29.91
N VAL B 62 13.71 -33.95 31.17
CA VAL B 62 12.35 -34.06 31.68
C VAL B 62 12.17 -33.06 32.81
N VAL B 63 10.99 -32.43 32.86
CA VAL B 63 10.60 -31.56 33.95
C VAL B 63 9.33 -32.13 34.57
N ARG B 64 9.39 -32.43 35.87
CA ARG B 64 8.28 -33.04 36.56
C ARG B 64 7.97 -32.27 37.83
N ILE B 65 6.67 -32.11 38.11
CA ILE B 65 6.19 -31.47 39.32
C ILE B 65 5.40 -32.51 40.12
N ASP B 66 6.03 -33.04 41.17
CA ASP B 66 5.43 -34.07 42.02
C ASP B 66 5.01 -35.29 41.21
N GLU B 67 6.01 -35.95 40.62
CA GLU B 67 5.84 -37.18 39.85
C GLU B 67 4.83 -37.04 38.71
N GLN B 68 4.86 -35.93 37.99
CA GLN B 68 4.04 -35.75 36.80
C GLN B 68 4.89 -35.12 35.71
N ASN B 69 5.13 -35.87 34.64
CA ASN B 69 6.02 -35.42 33.57
C ASN B 69 5.28 -34.38 32.74
N VAL B 70 5.67 -33.12 32.89
CA VAL B 70 5.02 -32.01 32.19
C VAL B 70 5.87 -31.47 31.04
N THR B 71 6.85 -32.24 30.57
CA THR B 71 7.70 -31.78 29.47
C THR B 71 6.89 -31.58 28.20
N HIS B 72 5.98 -32.52 27.90
CA HIS B 72 5.19 -32.42 26.68
C HIS B 72 4.08 -31.38 26.80
N LEU B 73 3.65 -31.09 28.02
CA LEU B 73 2.54 -30.17 28.21
C LEU B 73 2.93 -28.75 27.80
N PRO B 74 2.05 -28.02 27.11
CA PRO B 74 2.35 -26.63 26.75
C PRO B 74 2.24 -25.69 27.94
N MET B 75 2.36 -24.39 27.69
CA MET B 75 2.38 -23.41 28.77
C MET B 75 1.09 -23.46 29.60
N HIS B 76 -0.06 -23.58 28.95
CA HIS B 76 -1.31 -23.68 29.69
C HIS B 76 -1.39 -24.98 30.47
N GLY B 77 -0.85 -26.07 29.91
CA GLY B 77 -0.79 -27.31 30.66
C GLY B 77 0.07 -27.21 31.90
N ARG B 78 1.24 -26.58 31.78
CA ARG B 78 2.09 -26.36 32.95
C ARG B 78 1.40 -25.46 33.96
N ALA B 79 0.69 -24.44 33.49
CA ALA B 79 -0.03 -23.55 34.39
C ALA B 79 -1.11 -24.30 35.16
N ARG B 80 -1.86 -25.15 34.47
CA ARG B 80 -2.86 -25.97 35.16
C ARG B 80 -2.20 -26.98 36.10
N ALA B 81 -0.95 -27.35 35.80
CA ALA B 81 -0.21 -28.23 36.70
C ALA B 81 0.10 -27.52 38.01
N GLY B 82 0.37 -26.22 37.97
CA GLY B 82 0.61 -25.46 39.19
C GLY B 82 1.68 -24.40 39.07
N ILE B 83 2.40 -24.37 37.95
CA ILE B 83 3.48 -23.40 37.79
C ILE B 83 2.91 -22.02 37.45
N GLY B 84 3.51 -20.99 38.04
CA GLY B 84 3.10 -19.63 37.75
C GLY B 84 4.29 -18.82 37.25
N TYR B 85 3.97 -17.69 36.63
CA TYR B 85 4.99 -16.84 36.01
C TYR B 85 4.56 -15.38 36.05
N LEU B 86 5.53 -14.50 36.27
CA LEU B 86 5.36 -13.06 36.12
C LEU B 86 6.42 -12.54 35.16
N PRO B 87 6.08 -11.71 34.19
CA PRO B 87 7.10 -11.14 33.31
C PRO B 87 7.74 -9.91 33.92
N GLN B 88 8.96 -9.62 33.45
CA GLN B 88 9.69 -8.45 33.96
C GLN B 88 8.96 -7.15 33.63
N GLU B 89 8.46 -7.04 32.40
CA GLU B 89 7.78 -5.82 31.98
C GLU B 89 6.41 -5.72 32.65
N ALA B 90 5.82 -4.53 32.57
CA ALA B 90 4.51 -4.30 33.13
C ALA B 90 3.47 -5.15 32.41
N SER B 91 2.64 -5.84 33.18
CA SER B 91 1.68 -6.80 32.64
C SER B 91 0.27 -6.58 33.18
N ILE B 92 -0.01 -5.41 33.74
CA ILE B 92 -1.36 -5.13 34.23
C ILE B 92 -2.31 -4.94 33.06
N PHE B 93 -3.60 -5.11 33.31
CA PHE B 93 -4.63 -4.89 32.30
C PHE B 93 -5.01 -3.41 32.36
N ARG B 94 -4.63 -2.65 31.33
CA ARG B 94 -4.69 -1.19 31.43
C ARG B 94 -6.12 -0.69 31.56
N LYS B 95 -7.01 -1.13 30.66
CA LYS B 95 -8.36 -0.61 30.57
C LYS B 95 -9.31 -1.26 31.57
N LEU B 96 -8.82 -2.19 32.37
CA LEU B 96 -9.63 -2.88 33.36
C LEU B 96 -9.20 -2.49 34.77
N SER B 97 -10.18 -2.33 35.66
CA SER B 97 -9.91 -1.93 37.03
C SER B 97 -9.26 -3.08 37.79
N VAL B 98 -8.69 -2.73 38.95
CA VAL B 98 -7.95 -3.70 39.76
C VAL B 98 -8.87 -4.84 40.21
N SER B 99 -10.05 -4.50 40.70
CA SER B 99 -11.00 -5.53 41.11
C SER B 99 -11.36 -6.43 39.94
N ASP B 100 -11.60 -5.84 38.77
CA ASP B 100 -11.85 -6.64 37.57
C ASP B 100 -10.60 -7.42 37.18
N ASN B 101 -9.42 -6.85 37.41
CA ASN B 101 -8.18 -7.54 37.10
C ASN B 101 -8.06 -8.85 37.88
N ILE B 102 -8.42 -8.82 39.17
CA ILE B 102 -8.36 -10.03 39.96
C ILE B 102 -9.53 -10.95 39.64
N MET B 103 -10.71 -10.38 39.37
CA MET B 103 -11.89 -11.21 39.13
C MET B 103 -11.78 -11.98 37.82
N ALA B 104 -11.15 -11.39 36.81
CA ALA B 104 -10.99 -12.10 35.54
C ALA B 104 -10.18 -13.37 35.72
N ILE B 105 -9.12 -13.30 36.53
CA ILE B 105 -8.33 -14.49 36.82
C ILE B 105 -9.12 -15.45 37.71
N LEU B 106 -9.90 -14.91 38.66
CA LEU B 106 -10.68 -15.77 39.55
C LEU B 106 -11.72 -16.57 38.78
N GLU B 107 -12.32 -15.98 37.74
CA GLU B 107 -13.30 -16.69 36.92
C GLU B 107 -12.67 -17.91 36.24
N THR B 108 -11.36 -17.89 36.03
CA THR B 108 -10.70 -18.99 35.33
C THR B 108 -10.79 -20.28 36.13
N ARG B 109 -10.66 -20.20 37.45
CA ARG B 109 -10.65 -21.40 38.28
C ARG B 109 -12.00 -22.10 38.24
N SER B 110 -11.97 -23.40 37.98
CA SER B 110 -13.22 -24.15 37.83
C SER B 110 -13.83 -24.51 39.18
N ASP B 111 -12.99 -24.75 40.19
CA ASP B 111 -13.48 -25.25 41.47
C ASP B 111 -14.35 -24.22 42.18
N LEU B 112 -13.95 -22.95 42.14
CA LEU B 112 -14.59 -21.94 42.98
C LEU B 112 -15.96 -21.55 42.44
N ASP B 113 -16.89 -21.30 43.35
CA ASP B 113 -18.24 -20.88 43.01
C ASP B 113 -18.36 -19.36 43.06
N ARG B 114 -19.56 -18.85 42.79
CA ARG B 114 -19.77 -17.40 42.78
C ARG B 114 -19.51 -16.81 44.17
N ASN B 115 -20.11 -17.39 45.20
CA ASN B 115 -19.84 -16.92 46.56
C ASN B 115 -18.37 -17.10 46.92
N GLY B 116 -17.80 -18.25 46.54
CA GLY B 116 -16.37 -18.45 46.76
C GLY B 116 -15.52 -17.46 45.99
N ARG B 117 -15.91 -17.15 44.75
CA ARG B 117 -15.17 -16.17 43.97
C ARG B 117 -15.18 -14.81 44.63
N LYS B 118 -16.36 -14.39 45.13
CA LYS B 118 -16.44 -13.09 45.80
C LYS B 118 -15.61 -13.07 47.08
N GLU B 119 -15.67 -14.16 47.86
CA GLU B 119 -14.91 -14.22 49.10
C GLU B 119 -13.41 -14.19 48.82
N ALA B 120 -12.96 -14.93 47.81
CA ALA B 120 -11.55 -14.90 47.42
C ALA B 120 -11.15 -13.51 46.94
N LEU B 121 -12.01 -12.84 46.16
CA LEU B 121 -11.74 -11.47 45.75
C LEU B 121 -11.46 -10.61 46.97
N GLU B 122 -12.37 -10.66 47.95
CA GLU B 122 -12.22 -9.81 49.13
C GLU B 122 -10.95 -10.17 49.90
N GLY B 123 -10.65 -11.46 50.00
CA GLY B 123 -9.46 -11.88 50.72
C GLY B 123 -8.17 -11.37 50.10
N LEU B 124 -8.01 -11.56 48.79
CA LEU B 124 -6.80 -11.07 48.13
C LEU B 124 -6.76 -9.54 48.12
N LEU B 125 -7.91 -8.88 47.96
CA LEU B 125 -7.93 -7.43 47.95
C LEU B 125 -7.48 -6.85 49.29
N GLN B 126 -7.96 -7.43 50.40
CA GLN B 126 -7.57 -6.91 51.71
C GLN B 126 -6.16 -7.35 52.07
N GLU B 127 -5.72 -8.51 51.59
CA GLU B 127 -4.47 -9.09 52.06
C GLU B 127 -3.27 -8.24 51.65
N PHE B 128 -3.23 -7.80 50.40
CA PHE B 128 -2.07 -7.08 49.88
C PHE B 128 -2.21 -5.56 49.99
N HIS B 129 -3.19 -5.09 50.74
CA HIS B 129 -3.40 -3.66 50.97
C HIS B 129 -3.64 -2.91 49.65
N ILE B 130 -4.39 -3.54 48.76
CA ILE B 130 -4.83 -2.90 47.52
C ILE B 130 -6.34 -2.64 47.57
N HIS B 131 -6.91 -2.60 48.76
CA HIS B 131 -8.35 -2.36 48.91
C HIS B 131 -8.72 -0.95 48.49
N HIS B 132 -7.82 0.01 48.71
CA HIS B 132 -8.17 1.41 48.51
C HIS B 132 -8.19 1.77 47.02
N ILE B 133 -7.54 0.97 46.19
CA ILE B 133 -7.40 1.28 44.77
C ILE B 133 -8.21 0.31 43.89
N ARG B 134 -9.29 -0.26 44.44
CA ARG B 134 -10.07 -1.23 43.67
C ARG B 134 -10.73 -0.60 42.47
N ASP B 135 -11.23 0.63 42.60
CA ASP B 135 -11.98 1.24 41.51
C ASP B 135 -11.05 1.81 40.44
N ASN B 136 -9.81 2.14 40.81
CA ASN B 136 -8.90 2.78 39.88
C ASN B 136 -8.54 1.84 38.74
N LEU B 137 -8.38 2.42 37.54
CA LEU B 137 -8.00 1.64 36.37
C LEU B 137 -6.51 1.31 36.40
N GLY B 138 -6.15 0.26 35.67
CA GLY B 138 -4.78 -0.23 35.71
C GLY B 138 -3.77 0.75 35.13
N MET B 139 -4.17 1.48 34.08
CA MET B 139 -3.23 2.36 33.39
C MET B 139 -2.75 3.49 34.29
N SER B 140 -3.66 4.10 35.07
CA SER B 140 -3.29 5.24 35.89
C SER B 140 -2.52 4.81 37.13
N LEU B 141 -2.46 3.51 37.40
CA LEU B 141 -1.87 3.01 38.63
C LEU B 141 -0.35 3.15 38.61
N SER B 142 0.23 3.39 39.78
CA SER B 142 1.66 3.63 39.90
C SER B 142 2.44 2.31 39.80
N GLY B 143 3.77 2.44 39.78
CA GLY B 143 4.61 1.26 39.54
C GLY B 143 4.57 0.24 40.67
N GLY B 144 4.77 0.69 41.91
CA GLY B 144 4.75 -0.24 43.02
C GLY B 144 3.39 -0.89 43.21
N GLU B 145 2.33 -0.09 43.12
CA GLU B 145 0.98 -0.66 43.19
C GLU B 145 0.72 -1.59 42.01
N ARG B 146 1.32 -1.30 40.85
CA ARG B 146 1.21 -2.21 39.72
C ARG B 146 1.86 -3.55 40.03
N ARG B 147 3.04 -3.53 40.67
CA ARG B 147 3.68 -4.78 41.06
C ARG B 147 2.85 -5.55 42.08
N ARG B 148 2.28 -4.85 43.06
CA ARG B 148 1.40 -5.52 44.02
C ARG B 148 0.19 -6.15 43.33
N VAL B 149 -0.40 -5.42 42.39
CA VAL B 149 -1.58 -5.93 41.68
C VAL B 149 -1.21 -7.14 40.85
N GLU B 150 -0.04 -7.11 40.19
CA GLU B 150 0.40 -8.27 39.42
C GLU B 150 0.64 -9.47 40.31
N ILE B 151 1.24 -9.25 41.49
CA ILE B 151 1.46 -10.36 42.42
C ILE B 151 0.13 -10.95 42.86
N ALA B 152 -0.82 -10.10 43.21
CA ALA B 152 -2.14 -10.58 43.62
C ALA B 152 -2.84 -11.32 42.48
N ARG B 153 -2.70 -10.82 41.25
CA ARG B 153 -3.29 -11.48 40.10
C ARG B 153 -2.71 -12.87 39.90
N ALA B 154 -1.38 -13.01 40.02
CA ALA B 154 -0.75 -14.31 39.91
C ALA B 154 -1.20 -15.24 41.04
N LEU B 155 -1.30 -14.70 42.26
CA LEU B 155 -1.73 -15.51 43.39
C LEU B 155 -3.19 -15.94 43.28
N ALA B 156 -4.01 -15.18 42.56
CA ALA B 156 -5.41 -15.54 42.41
C ALA B 156 -5.58 -16.88 41.70
N SER B 157 -4.59 -17.27 40.91
CA SER B 157 -4.62 -18.55 40.21
C SER B 157 -4.24 -19.71 41.12
N ALA B 158 -3.84 -19.45 42.36
CA ALA B 158 -3.40 -20.45 43.32
C ALA B 158 -2.29 -21.30 42.75
N PRO B 159 -1.12 -20.73 42.46
CA PRO B 159 -0.05 -21.52 41.87
C PRO B 159 0.78 -22.24 42.93
N LYS B 160 1.21 -23.46 42.62
CA LYS B 160 2.07 -24.19 43.54
C LYS B 160 3.46 -23.58 43.59
N PHE B 161 3.96 -23.09 42.45
CA PHE B 161 5.22 -22.38 42.37
C PHE B 161 5.08 -21.21 41.42
N ILE B 162 5.62 -20.06 41.81
CA ILE B 162 5.58 -18.84 41.00
C ILE B 162 7.01 -18.46 40.65
N LEU B 163 7.24 -18.09 39.40
CA LEU B 163 8.57 -17.79 38.89
C LEU B 163 8.64 -16.32 38.53
N LEU B 164 9.69 -15.65 38.99
CA LEU B 164 9.90 -14.23 38.76
C LEU B 164 11.14 -14.05 37.89
N ASP B 165 11.07 -13.11 36.94
CA ASP B 165 12.23 -12.74 36.14
C ASP B 165 12.51 -11.25 36.35
N GLU B 166 13.77 -10.93 36.65
CA GLU B 166 14.21 -9.57 36.88
C GLU B 166 13.29 -8.78 37.82
N PRO B 167 13.06 -9.27 39.03
CA PRO B 167 12.16 -8.55 39.94
C PRO B 167 12.79 -7.29 40.52
N PHE B 168 14.10 -7.33 40.78
CA PHE B 168 14.82 -6.21 41.38
C PHE B 168 15.39 -5.25 40.34
N ALA B 169 15.33 -5.61 39.06
CA ALA B 169 15.92 -4.76 38.02
C ALA B 169 15.09 -3.50 37.80
N GLY B 170 15.77 -2.37 37.69
CA GLY B 170 15.09 -1.11 37.45
C GLY B 170 14.15 -0.69 38.55
N VAL B 171 14.53 -0.94 39.80
CA VAL B 171 13.70 -0.65 40.97
C VAL B 171 14.53 0.19 41.94
N ASP B 172 13.93 1.27 42.44
CA ASP B 172 14.63 2.15 43.36
C ASP B 172 14.94 1.40 44.66
N PRO B 173 16.10 1.67 45.27
CA PRO B 173 16.47 0.94 46.49
C PRO B 173 15.47 1.07 47.64
N ILE B 174 14.56 2.05 47.59
CA ILE B 174 13.56 2.16 48.65
C ILE B 174 12.43 1.17 48.41
N SER B 175 12.22 0.75 47.16
CA SER B 175 11.15 -0.17 46.83
C SER B 175 11.58 -1.63 46.82
N VAL B 176 12.89 -1.90 46.75
CA VAL B 176 13.35 -3.29 46.80
C VAL B 176 13.03 -3.90 48.15
N GLY B 177 12.93 -3.09 49.19
CA GLY B 177 12.48 -3.60 50.48
C GLY B 177 11.05 -4.12 50.42
N ASP B 178 10.16 -3.36 49.77
CA ASP B 178 8.79 -3.82 49.56
C ASP B 178 8.78 -5.09 48.71
N ILE B 179 9.66 -5.15 47.71
CA ILE B 179 9.71 -6.35 46.86
C ILE B 179 10.11 -7.57 47.69
N LYS B 180 11.12 -7.43 48.56
CA LYS B 180 11.51 -8.55 49.42
C LYS B 180 10.39 -8.90 50.41
N GLN B 181 9.65 -7.89 50.88
CA GLN B 181 8.53 -8.17 51.78
C GLN B 181 7.46 -9.00 51.08
N ILE B 182 7.14 -8.65 49.83
CA ILE B 182 6.16 -9.42 49.06
C ILE B 182 6.69 -10.83 48.80
N ILE B 183 7.98 -10.95 48.51
CA ILE B 183 8.56 -12.26 48.29
C ILE B 183 8.46 -13.11 49.55
N HIS B 184 8.73 -12.51 50.71
CA HIS B 184 8.62 -13.25 51.97
C HIS B 184 7.18 -13.66 52.24
N HIS B 185 6.21 -12.79 51.93
CA HIS B 185 4.82 -13.15 52.13
C HIS B 185 4.41 -14.31 51.23
N LEU B 186 4.88 -14.30 49.98
CA LEU B 186 4.62 -15.44 49.10
C LEU B 186 5.30 -16.70 49.62
N LYS B 187 6.45 -16.54 50.27
CA LYS B 187 7.12 -17.65 50.95
C LYS B 187 6.22 -18.21 52.06
N ALA B 188 5.58 -17.31 52.83
CA ALA B 188 4.85 -17.73 54.03
C ALA B 188 3.73 -18.72 53.71
N LYS B 189 3.10 -18.57 52.54
CA LYS B 189 2.00 -19.46 52.18
C LYS B 189 2.49 -20.86 51.82
N GLY B 190 3.77 -21.02 51.50
CA GLY B 190 4.32 -22.30 51.10
C GLY B 190 4.68 -22.39 49.63
N ILE B 191 4.46 -21.33 48.86
CA ILE B 191 4.78 -21.35 47.44
C ILE B 191 6.27 -21.12 47.26
N GLY B 192 6.92 -22.04 46.55
CA GLY B 192 8.33 -21.94 46.22
C GLY B 192 8.52 -20.97 45.06
N ILE B 193 9.54 -20.13 45.18
CA ILE B 193 9.80 -19.05 44.23
C ILE B 193 11.19 -19.26 43.63
N LEU B 194 11.28 -19.18 42.31
CA LEU B 194 12.54 -19.16 41.59
C LEU B 194 12.77 -17.78 41.01
N ILE B 195 13.93 -17.20 41.28
CA ILE B 195 14.23 -15.82 40.93
C ILE B 195 15.46 -15.80 40.03
N THR B 196 15.35 -15.16 38.88
CA THR B 196 16.48 -14.84 38.01
C THR B 196 16.59 -13.33 37.93
N ASP B 197 17.78 -12.80 38.20
CA ASP B 197 17.97 -11.36 38.25
C ASP B 197 19.40 -11.00 37.90
N HIS B 198 19.58 -9.79 37.35
CA HIS B 198 20.91 -9.28 37.08
C HIS B 198 21.59 -8.78 38.36
N ASN B 199 20.81 -8.25 39.31
CA ASN B 199 21.37 -7.68 40.53
C ASN B 199 21.76 -8.81 41.47
N VAL B 200 23.06 -9.09 41.58
CA VAL B 200 23.52 -10.26 42.33
C VAL B 200 23.19 -10.14 43.81
N ARG B 201 23.46 -8.98 44.39
CA ARG B 201 23.51 -8.86 45.83
C ARG B 201 22.14 -9.14 46.44
N GLU B 202 21.10 -8.53 45.89
CA GLU B 202 19.77 -8.66 46.49
C GLU B 202 19.27 -10.10 46.46
N THR B 203 19.48 -10.79 45.35
CA THR B 203 19.06 -12.19 45.29
C THR B 203 19.87 -13.05 46.25
N LEU B 204 21.20 -12.94 46.20
CA LEU B 204 22.01 -13.76 47.11
C LEU B 204 21.67 -13.46 48.56
N ASP B 205 21.12 -12.27 48.82
CA ASP B 205 20.59 -11.97 50.15
C ASP B 205 19.30 -12.74 50.39
N ILE B 206 18.40 -12.74 49.41
CA ILE B 206 17.02 -13.17 49.69
C ILE B 206 16.88 -14.70 49.63
N CYS B 207 17.41 -15.35 48.60
CA CYS B 207 17.12 -16.77 48.41
C CYS B 207 18.00 -17.62 49.32
N GLU B 208 17.50 -18.79 49.69
CA GLU B 208 18.26 -19.71 50.54
C GLU B 208 19.40 -20.37 49.75
N THR B 209 19.12 -20.79 48.52
CA THR B 209 20.09 -21.50 47.70
C THR B 209 20.10 -20.87 46.31
N ALA B 210 21.29 -20.81 45.71
CA ALA B 210 21.46 -20.23 44.39
C ALA B 210 22.12 -21.23 43.46
N TYR B 211 21.73 -21.17 42.19
CA TYR B 211 22.31 -22.01 41.15
C TYR B 211 23.04 -21.13 40.15
N ILE B 212 24.32 -21.40 39.92
CA ILE B 212 25.11 -20.59 39.02
C ILE B 212 25.43 -21.36 37.75
N VAL B 213 25.07 -20.81 36.59
CA VAL B 213 25.29 -21.54 35.35
C VAL B 213 26.26 -20.86 34.40
N ASN B 214 26.96 -21.66 33.59
CA ASN B 214 27.88 -21.11 32.61
C ASN B 214 28.06 -22.11 31.48
N ASP B 215 28.17 -21.64 30.24
CA ASP B 215 28.37 -22.52 29.10
C ASP B 215 27.26 -23.56 28.96
N GLY B 216 26.13 -23.33 29.60
CA GLY B 216 25.04 -24.27 29.56
C GLY B 216 25.02 -25.33 30.64
N GLN B 217 26.08 -25.44 31.44
CA GLN B 217 26.10 -26.38 32.55
C GLN B 217 26.38 -25.64 33.85
N LEU B 218 25.69 -26.03 34.91
CA LEU B 218 25.87 -25.39 36.21
C LEU B 218 27.29 -25.63 36.70
N ILE B 219 27.88 -24.61 37.33
CA ILE B 219 29.26 -24.67 37.76
C ILE B 219 29.34 -24.68 39.28
N ALA B 220 28.35 -24.08 39.93
CA ALA B 220 28.33 -23.97 41.38
C ALA B 220 26.90 -24.01 41.89
N GLU B 221 26.71 -24.62 43.05
CA GLU B 221 25.41 -24.68 43.69
C GLU B 221 25.61 -24.75 45.19
N GLY B 222 24.60 -24.32 45.93
CA GLY B 222 24.65 -24.33 47.37
C GLY B 222 24.10 -23.03 47.93
N ASP B 223 24.42 -22.79 49.20
CA ASP B 223 23.98 -21.58 49.88
C ASP B 223 24.78 -20.38 49.37
N ALA B 224 24.33 -19.18 49.75
CA ALA B 224 24.97 -17.96 49.29
C ALA B 224 26.43 -17.88 49.74
N GLU B 225 26.71 -18.31 50.97
CA GLU B 225 28.08 -18.28 51.45
C GLU B 225 28.99 -19.18 50.63
N SER B 226 28.51 -20.39 50.29
CA SER B 226 29.31 -21.29 49.47
C SER B 226 29.43 -20.78 48.04
N ILE B 227 28.41 -20.07 47.56
CA ILE B 227 28.48 -19.47 46.24
C ILE B 227 29.57 -18.39 46.20
N LEU B 228 29.62 -17.56 47.24
CA LEU B 228 30.63 -16.51 47.29
C LEU B 228 32.04 -17.09 47.38
N ALA B 229 32.22 -18.14 48.19
CA ALA B 229 33.57 -18.60 48.51
C ALA B 229 34.15 -19.49 47.43
N ASN B 230 33.31 -19.99 46.51
CA ASN B 230 33.79 -20.91 45.48
C ASN B 230 34.71 -20.16 44.53
N ASP B 231 35.77 -20.83 44.08
CA ASP B 231 36.80 -20.16 43.29
C ASP B 231 36.43 -20.08 41.81
N LEU B 232 35.77 -21.11 41.27
CA LEU B 232 35.38 -21.08 39.87
C LEU B 232 34.45 -19.92 39.58
N VAL B 233 33.41 -19.75 40.40
CA VAL B 233 32.43 -18.70 40.17
C VAL B 233 33.07 -17.33 40.38
N LYS B 234 33.95 -17.21 41.38
CA LYS B 234 34.67 -15.95 41.58
C LYS B 234 35.54 -15.62 40.37
N GLU B 235 36.23 -16.62 39.82
CA GLU B 235 37.09 -16.38 38.68
C GLU B 235 36.29 -15.93 37.47
N VAL B 236 35.12 -16.52 37.25
CA VAL B 236 34.43 -16.25 35.98
C VAL B 236 33.41 -15.12 36.12
N TYR B 237 32.44 -15.26 37.02
CA TYR B 237 31.28 -14.38 37.01
C TYR B 237 31.26 -13.38 38.16
N LEU B 238 31.53 -13.80 39.40
CA LEU B 238 31.60 -12.83 40.51
C LEU B 238 32.70 -11.80 40.32
N GLY B 239 33.93 -12.24 40.12
CA GLY B 239 35.06 -11.35 40.24
C GLY B 239 35.65 -11.35 41.64
N HIS B 240 36.95 -11.11 41.72
CA HIS B 240 37.63 -11.09 43.01
C HIS B 240 37.22 -9.89 43.85
N GLU B 241 36.85 -8.79 43.18
CA GLU B 241 36.57 -7.55 43.90
C GLU B 241 35.24 -7.62 44.64
N PHE B 242 34.32 -8.46 44.18
CA PHE B 242 32.97 -8.47 44.73
C PHE B 242 32.96 -9.02 46.15
N ARG B 243 32.42 -8.21 47.06
CA ARG B 243 32.28 -8.57 48.48
C ARG B 243 33.61 -9.02 49.09
N MET C 4 -15.84 -18.29 32.29
CA MET C 4 -15.02 -17.20 31.80
C MET C 4 -15.88 -16.12 31.13
N VAL C 5 -15.93 -14.94 31.75
CA VAL C 5 -16.80 -13.87 31.29
C VAL C 5 -16.00 -12.61 30.97
N LYS C 6 -15.26 -12.09 31.95
CA LYS C 6 -14.63 -10.78 31.80
C LYS C 6 -13.58 -10.77 30.71
N LEU C 7 -12.75 -11.82 30.64
CA LEU C 7 -11.70 -11.86 29.63
C LEU C 7 -12.28 -11.89 28.23
N ASP C 8 -13.34 -12.68 28.03
CA ASP C 8 -13.99 -12.75 26.72
C ASP C 8 -14.52 -11.39 26.31
N ARG C 9 -15.19 -10.70 27.23
CA ARG C 9 -15.72 -9.37 26.93
C ARG C 9 -14.60 -8.40 26.60
N TYR C 10 -13.52 -8.42 27.37
CA TYR C 10 -12.38 -7.54 27.11
C TYR C 10 -11.83 -7.74 25.71
N ILE C 11 -11.53 -9.00 25.36
CA ILE C 11 -10.92 -9.30 24.07
C ILE C 11 -11.89 -8.94 22.94
N GLY C 12 -13.14 -9.34 23.07
CA GLY C 12 -14.12 -9.06 22.03
C GLY C 12 -14.32 -7.58 21.79
N VAL C 13 -14.45 -6.81 22.88
CA VAL C 13 -14.64 -5.37 22.75
C VAL C 13 -13.43 -4.74 22.07
N THR C 14 -12.23 -5.12 22.50
CA THR C 14 -11.02 -4.52 21.91
C THR C 14 -10.96 -4.80 20.41
N VAL C 15 -11.13 -6.07 20.02
CA VAL C 15 -11.03 -6.42 18.60
C VAL C 15 -12.14 -5.74 17.80
N PHE C 16 -13.35 -5.69 18.35
CA PHE C 16 -14.47 -5.09 17.62
C PHE C 16 -14.22 -3.61 17.38
N VAL C 17 -13.76 -2.89 18.40
CA VAL C 17 -13.50 -1.46 18.24
C VAL C 17 -12.37 -1.23 17.24
N ALA C 18 -11.30 -2.02 17.33
CA ALA C 18 -10.19 -1.84 16.39
C ALA C 18 -10.65 -2.09 14.96
N ILE C 19 -11.46 -3.13 14.74
CA ILE C 19 -11.91 -3.46 13.39
C ILE C 19 -12.85 -2.37 12.88
N LEU C 20 -13.70 -1.82 13.76
CA LEU C 20 -14.57 -0.72 13.34
C LEU C 20 -13.75 0.48 12.89
N ALA C 21 -12.72 0.84 13.65
CA ALA C 21 -11.88 1.97 13.25
C ALA C 21 -11.18 1.71 11.92
N VAL C 22 -10.64 0.50 11.76
CA VAL C 22 -9.94 0.15 10.52
C VAL C 22 -10.91 0.21 9.33
N LEU C 23 -12.12 -0.32 9.51
CA LEU C 23 -13.12 -0.27 8.44
C LEU C 23 -13.48 1.16 8.09
N GLY C 24 -13.62 2.03 9.09
CA GLY C 24 -13.92 3.43 8.81
C GLY C 24 -12.82 4.09 7.99
N VAL C 25 -11.57 3.87 8.38
CA VAL C 25 -10.45 4.46 7.64
C VAL C 25 -10.41 3.94 6.21
N ILE C 26 -10.60 2.62 6.05
CA ILE C 26 -10.55 2.01 4.73
C ILE C 26 -11.67 2.54 3.85
N LEU C 27 -12.87 2.68 4.41
CA LEU C 27 -13.98 3.25 3.64
C LEU C 27 -13.70 4.68 3.23
N GLY C 28 -13.14 5.48 4.13
CA GLY C 28 -12.80 6.85 3.75
C GLY C 28 -11.82 6.89 2.58
N LEU C 29 -10.77 6.08 2.67
CA LEU C 29 -9.78 6.06 1.59
C LEU C 29 -10.39 5.56 0.28
N ALA C 30 -11.21 4.51 0.34
CA ALA C 30 -11.81 3.96 -0.87
C ALA C 30 -12.75 4.96 -1.52
N LEU C 31 -13.57 5.65 -0.72
CA LEU C 31 -14.46 6.67 -1.26
C LEU C 31 -13.67 7.80 -1.90
N LEU C 32 -12.58 8.24 -1.24
CA LEU C 32 -11.77 9.30 -1.81
C LEU C 32 -11.17 8.89 -3.15
N PHE C 33 -10.62 7.68 -3.22
CA PHE C 33 -10.02 7.23 -4.47
C PHE C 33 -11.06 7.08 -5.57
N ALA C 34 -12.23 6.52 -5.24
CA ALA C 34 -13.28 6.36 -6.24
C ALA C 34 -13.74 7.72 -6.76
N PHE C 35 -13.93 8.69 -5.86
CA PHE C 35 -14.36 10.02 -6.28
C PHE C 35 -13.31 10.68 -7.16
N ILE C 36 -12.04 10.57 -6.79
CA ILE C 36 -10.97 11.19 -7.57
C ILE C 36 -10.91 10.58 -8.96
N ASP C 37 -11.00 9.25 -9.05
CA ASP C 37 -10.97 8.61 -10.37
C ASP C 37 -12.19 8.99 -11.19
N GLU C 38 -13.38 9.02 -10.58
CA GLU C 38 -14.63 9.22 -11.27
C GLU C 38 -14.88 10.68 -11.65
N LEU C 39 -14.16 11.63 -11.05
CA LEU C 39 -14.40 13.04 -11.32
C LEU C 39 -14.14 13.42 -12.77
N ASN C 40 -13.47 12.58 -13.56
CA ASN C 40 -13.14 12.90 -14.94
C ASN C 40 -14.35 12.90 -15.87
N ASP C 41 -15.52 12.46 -15.40
CA ASP C 41 -16.68 12.27 -16.26
C ASP C 41 -17.66 13.43 -16.23
N ILE C 42 -17.26 14.58 -15.68
CA ILE C 42 -18.16 15.74 -15.66
C ILE C 42 -18.35 16.27 -17.07
N SER C 43 -19.61 16.48 -17.46
CA SER C 43 -19.91 16.90 -18.83
C SER C 43 -20.99 17.97 -18.89
N ALA C 44 -21.14 18.80 -17.85
CA ALA C 44 -22.08 19.91 -17.79
C ALA C 44 -23.53 19.44 -17.77
N SER C 45 -23.74 18.14 -17.90
CA SER C 45 -25.05 17.53 -17.71
C SER C 45 -25.07 16.55 -16.55
N TYR C 46 -23.91 16.17 -16.04
CA TYR C 46 -23.77 15.25 -14.90
C TYR C 46 -22.86 15.97 -13.91
N GLY C 47 -23.47 16.73 -13.00
CA GLY C 47 -22.72 17.65 -12.16
C GLY C 47 -21.92 16.97 -11.07
N ILE C 48 -21.10 17.78 -10.39
CA ILE C 48 -20.27 17.28 -9.30
C ILE C 48 -21.14 16.81 -8.14
N GLY C 49 -22.28 17.49 -7.91
CA GLY C 49 -23.19 17.02 -6.88
C GLY C 49 -23.75 15.64 -7.19
N ASP C 50 -24.03 15.38 -8.46
CA ASP C 50 -24.48 14.05 -8.86
C ASP C 50 -23.40 13.01 -8.61
N ALA C 51 -22.13 13.36 -8.88
CA ALA C 51 -21.04 12.45 -8.60
C ALA C 51 -20.92 12.16 -7.11
N LEU C 52 -21.05 13.19 -6.28
CA LEU C 52 -21.01 12.97 -4.83
C LEU C 52 -22.16 12.09 -4.38
N ARG C 53 -23.34 12.29 -4.92
CA ARG C 53 -24.46 11.44 -4.57
C ARG C 53 -24.11 10.01 -4.94
N PHE C 54 -23.72 9.80 -6.19
CA PHE C 54 -23.44 8.44 -6.64
C PHE C 54 -22.41 7.76 -5.73
N ILE C 55 -21.35 8.48 -5.36
CA ILE C 55 -20.32 7.90 -4.51
C ILE C 55 -20.90 7.54 -3.15
N PHE C 56 -21.67 8.45 -2.56
CA PHE C 56 -22.25 8.19 -1.25
C PHE C 56 -23.24 7.04 -1.28
N LEU C 57 -24.02 6.94 -2.37
CA LEU C 57 -24.99 5.85 -2.46
C LEU C 57 -24.32 4.52 -2.78
N THR C 58 -23.13 4.55 -3.36
CA THR C 58 -22.43 3.30 -3.65
C THR C 58 -21.47 2.88 -2.55
N ALA C 59 -21.25 3.75 -1.55
CA ALA C 59 -20.37 3.42 -0.42
C ALA C 59 -20.68 2.10 0.30
N PRO C 60 -21.93 1.75 0.62
CA PRO C 60 -22.16 0.48 1.33
C PRO C 60 -21.67 -0.75 0.58
N ARG C 61 -21.76 -0.75 -0.75
CA ARG C 61 -21.32 -1.90 -1.52
C ARG C 61 -19.82 -2.14 -1.34
N ARG C 62 -19.02 -1.07 -1.43
CA ARG C 62 -17.58 -1.24 -1.23
C ARG C 62 -17.25 -1.48 0.24
N ALA C 63 -18.11 -1.03 1.15
CA ALA C 63 -17.94 -1.41 2.55
C ALA C 63 -18.02 -2.91 2.72
N TYR C 64 -19.06 -3.53 2.17
CA TYR C 64 -19.17 -4.98 2.22
C TYR C 64 -18.04 -5.65 1.46
N ASP C 65 -17.61 -5.04 0.35
CA ASP C 65 -16.53 -5.63 -0.45
C ASP C 65 -15.24 -5.69 0.36
N MET C 66 -14.90 -4.61 1.05
CA MET C 66 -13.64 -4.52 1.78
C MET C 66 -13.73 -4.96 3.23
N LEU C 67 -14.89 -5.44 3.68
CA LEU C 67 -15.02 -5.96 5.03
C LEU C 67 -13.97 -7.00 5.43
N PRO C 68 -13.64 -8.02 4.61
CA PRO C 68 -12.67 -9.03 5.08
C PRO C 68 -11.29 -8.46 5.38
N MET C 69 -10.75 -7.61 4.50
CA MET C 69 -9.43 -7.04 4.74
C MET C 69 -9.44 -6.13 5.95
N ALA C 70 -10.51 -5.36 6.11
CA ALA C 70 -10.64 -4.50 7.29
C ALA C 70 -10.67 -5.34 8.56
N ALA C 71 -11.40 -6.44 8.55
CA ALA C 71 -11.42 -7.33 9.71
C ALA C 71 -10.04 -7.90 9.99
N LEU C 72 -9.33 -8.32 8.95
CA LEU C 72 -7.98 -8.83 9.12
C LEU C 72 -7.09 -7.80 9.79
N ILE C 73 -7.05 -6.59 9.25
CA ILE C 73 -6.15 -5.56 9.76
C ILE C 73 -6.54 -5.14 11.18
N GLY C 74 -7.84 -4.99 11.43
CA GLY C 74 -8.28 -4.61 12.76
C GLY C 74 -7.98 -5.66 13.81
N CYS C 75 -8.22 -6.93 13.48
CA CYS C 75 -7.88 -8.00 14.42
C CYS C 75 -6.37 -8.03 14.67
N LEU C 76 -5.57 -7.84 13.65
CA LEU C 76 -4.12 -7.81 13.84
C LEU C 76 -3.73 -6.76 14.86
N VAL C 77 -3.99 -5.50 14.57
CA VAL C 77 -3.60 -4.41 15.47
C VAL C 77 -4.18 -4.56 16.86
N GLY C 78 -5.46 -4.85 16.97
CA GLY C 78 -6.10 -4.93 18.28
C GLY C 78 -5.49 -5.97 19.17
N LEU C 79 -5.38 -7.19 18.67
CA LEU C 79 -4.80 -8.27 19.46
C LEU C 79 -3.35 -7.93 19.73
N GLY C 80 -2.69 -7.31 18.76
CA GLY C 80 -1.31 -6.93 18.94
C GLY C 80 -1.14 -5.95 20.08
N THR C 81 -2.06 -5.02 20.21
CA THR C 81 -1.97 -4.05 21.28
C THR C 81 -1.93 -4.79 22.59
N LEU C 82 -2.83 -5.74 22.78
CA LEU C 82 -2.88 -6.48 24.02
C LEU C 82 -1.65 -7.35 24.21
N ALA C 83 -1.18 -7.99 23.15
CA ALA C 83 -0.04 -8.90 23.28
C ALA C 83 1.27 -8.18 23.54
N SER C 84 1.63 -7.29 22.62
CA SER C 84 2.90 -6.58 22.77
C SER C 84 3.00 -5.85 24.10
N ASN C 85 1.85 -5.57 24.73
CA ASN C 85 1.78 -4.92 26.02
C ASN C 85 1.96 -5.95 27.14
N SER C 86 2.08 -7.24 26.79
CA SER C 86 2.36 -8.33 27.72
C SER C 86 1.15 -8.66 28.60
N GLU C 87 0.02 -8.98 27.98
CA GLU C 87 -1.12 -9.51 28.71
C GLU C 87 -1.58 -10.87 28.21
N LEU C 88 -1.39 -11.18 26.92
CA LEU C 88 -1.65 -12.53 26.44
C LEU C 88 -0.75 -13.54 27.14
N THR C 89 0.48 -13.17 27.45
CA THR C 89 1.35 -14.06 28.21
C THR C 89 0.75 -14.37 29.57
N ILE C 90 0.22 -13.35 30.24
CA ILE C 90 -0.42 -13.55 31.54
C ILE C 90 -1.65 -14.44 31.40
N MET C 91 -2.47 -14.18 30.38
CA MET C 91 -3.67 -14.99 30.18
C MET C 91 -3.33 -16.45 29.91
N ARG C 92 -2.28 -16.71 29.13
CA ARG C 92 -1.85 -18.08 28.91
C ARG C 92 -1.30 -18.71 30.18
N ALA C 93 -0.48 -17.96 30.93
CA ALA C 93 0.12 -18.50 32.14
C ALA C 93 -0.89 -18.66 33.27
N ALA C 94 -2.10 -18.12 33.12
CA ALA C 94 -3.16 -18.33 34.10
C ALA C 94 -3.89 -19.65 33.88
N GLY C 95 -3.64 -20.33 32.78
CA GLY C 95 -4.31 -21.58 32.45
C GLY C 95 -5.17 -21.53 31.21
N VAL C 96 -5.47 -20.33 30.69
CA VAL C 96 -6.30 -20.23 29.51
C VAL C 96 -5.52 -20.73 28.29
N SER C 97 -6.14 -21.64 27.55
CA SER C 97 -5.52 -22.28 26.39
C SER C 97 -5.62 -21.38 25.16
N LEU C 98 -4.88 -21.75 24.12
CA LEU C 98 -4.92 -20.99 22.88
C LEU C 98 -6.28 -21.11 22.19
N SER C 99 -6.90 -22.29 22.29
CA SER C 99 -8.20 -22.50 21.68
C SER C 99 -9.26 -21.57 22.27
N ARG C 100 -9.21 -21.37 23.59
CA ARG C 100 -10.16 -20.48 24.24
C ARG C 100 -9.99 -19.04 23.76
N ILE C 101 -8.74 -18.60 23.60
CA ILE C 101 -8.47 -17.26 23.09
C ILE C 101 -8.98 -17.13 21.66
N VAL C 102 -8.77 -18.17 20.84
CA VAL C 102 -9.24 -18.16 19.47
C VAL C 102 -10.76 -18.03 19.42
N TRP C 103 -11.46 -18.80 20.26
CA TRP C 103 -12.92 -18.71 20.30
C TRP C 103 -13.38 -17.35 20.81
N ALA C 104 -12.68 -16.78 21.79
CA ALA C 104 -13.02 -15.47 22.29
C ALA C 104 -12.91 -14.41 21.19
N VAL C 105 -11.88 -14.52 20.35
CA VAL C 105 -11.79 -13.62 19.20
C VAL C 105 -12.89 -13.94 18.18
N MET C 106 -13.23 -15.22 18.01
CA MET C 106 -14.18 -15.64 17.00
C MET C 106 -15.60 -15.13 17.27
N LYS C 107 -15.99 -15.06 18.55
CA LYS C 107 -17.37 -14.69 18.87
C LYS C 107 -17.79 -13.34 18.30
N PRO C 108 -17.09 -12.22 18.56
CA PRO C 108 -17.43 -10.99 17.84
C PRO C 108 -17.27 -11.12 16.35
N MET C 109 -16.34 -11.97 15.89
CA MET C 109 -16.23 -12.20 14.45
C MET C 109 -17.47 -12.92 13.93
N LEU C 110 -18.03 -13.84 14.72
CA LEU C 110 -19.30 -14.46 14.33
C LEU C 110 -20.38 -13.41 14.18
N VAL C 111 -20.47 -12.50 15.16
CA VAL C 111 -21.44 -11.41 15.07
C VAL C 111 -21.18 -10.61 13.80
N LEU C 112 -19.90 -10.35 13.51
CA LEU C 112 -19.55 -9.47 12.40
C LEU C 112 -19.89 -10.09 11.06
N MET C 113 -19.60 -11.37 10.83
CA MET C 113 -19.93 -11.93 9.51
C MET C 113 -21.42 -12.16 9.37
N LEU C 114 -22.12 -12.48 10.48
CA LEU C 114 -23.58 -12.51 10.39
C LEU C 114 -24.11 -11.16 9.92
N ALA C 115 -23.67 -10.08 10.58
CA ALA C 115 -24.13 -8.74 10.21
C ALA C 115 -23.73 -8.42 8.78
N GLY C 116 -22.52 -8.80 8.38
CA GLY C 116 -22.05 -8.48 7.04
C GLY C 116 -22.84 -9.19 5.95
N ILE C 117 -23.10 -10.49 6.14
CA ILE C 117 -23.89 -11.22 5.15
C ILE C 117 -25.30 -10.65 5.09
N LEU C 118 -25.85 -10.23 6.24
CA LEU C 118 -27.17 -9.62 6.23
C LEU C 118 -27.18 -8.32 5.44
N VAL C 119 -26.26 -7.41 5.77
CA VAL C 119 -26.28 -6.09 5.13
C VAL C 119 -26.01 -6.24 3.64
N GLY C 120 -25.05 -7.08 3.27
CA GLY C 120 -24.86 -7.36 1.86
C GLY C 120 -26.12 -7.83 1.20
N GLU C 121 -26.57 -9.04 1.53
CA GLU C 121 -27.65 -9.70 0.81
C GLU C 121 -28.94 -8.91 0.80
N TYR C 122 -29.19 -8.04 1.78
CA TYR C 122 -30.43 -7.26 1.77
C TYR C 122 -30.23 -5.85 1.24
N VAL C 123 -29.31 -5.08 1.83
CA VAL C 123 -29.21 -3.67 1.52
C VAL C 123 -28.42 -3.43 0.23
N ALA C 124 -27.27 -4.11 0.08
CA ALA C 124 -26.30 -3.67 -0.94
C ALA C 124 -26.86 -3.61 -2.35
N PRO C 125 -27.58 -4.62 -2.85
CA PRO C 125 -28.15 -4.48 -4.21
C PRO C 125 -29.13 -3.32 -4.33
N TRP C 126 -29.87 -3.01 -3.27
CA TRP C 126 -30.84 -1.92 -3.33
C TRP C 126 -30.15 -0.58 -3.56
N THR C 127 -29.16 -0.27 -2.73
CA THR C 127 -28.43 0.99 -2.88
C THR C 127 -27.63 1.02 -4.18
N GLU C 128 -27.05 -0.11 -4.58
CA GLU C 128 -26.34 -0.15 -5.85
C GLU C 128 -27.27 0.13 -7.01
N ASN C 129 -28.48 -0.45 -6.98
CA ASN C 129 -29.46 -0.21 -8.03
C ASN C 129 -29.86 1.26 -8.06
N ILE C 130 -30.10 1.85 -6.88
CA ILE C 130 -30.48 3.26 -6.83
C ILE C 130 -29.39 4.14 -7.44
N ALA C 131 -28.13 3.88 -7.04
CA ALA C 131 -27.02 4.70 -7.52
C ALA C 131 -26.82 4.54 -9.02
N GLN C 132 -26.85 3.30 -9.52
CA GLN C 132 -26.65 3.07 -10.94
C GLN C 132 -27.78 3.68 -11.76
N SER C 133 -29.02 3.56 -11.28
CA SER C 133 -30.14 4.16 -11.98
C SER C 133 -30.00 5.67 -12.03
N GLY C 134 -29.61 6.29 -10.91
CA GLY C 134 -29.41 7.73 -10.92
C GLY C 134 -28.32 8.18 -11.87
N ARG C 135 -27.20 7.45 -11.88
CA ARG C 135 -26.09 7.81 -12.76
C ARG C 135 -26.48 7.63 -14.23
N ALA C 136 -27.18 6.54 -14.55
CA ALA C 136 -27.62 6.32 -15.92
C ALA C 136 -28.63 7.37 -16.36
N LEU C 137 -29.53 7.77 -15.45
CA LEU C 137 -30.47 8.85 -15.77
C LEU C 137 -29.71 10.15 -16.02
N ALA C 138 -28.71 10.45 -15.21
CA ALA C 138 -27.95 11.70 -15.38
C ALA C 138 -27.19 11.71 -16.70
N GLN C 139 -26.60 10.57 -17.09
CA GLN C 139 -25.74 10.56 -18.27
C GLN C 139 -26.52 10.37 -19.57
N GLY C 140 -27.43 9.39 -19.60
CA GLY C 140 -27.99 8.90 -20.85
C GLY C 140 -29.08 9.74 -21.48
N GLY C 141 -29.47 10.84 -20.83
CA GLY C 141 -30.50 11.70 -21.41
C GLY C 141 -29.98 12.53 -22.57
N GLY C 142 -29.43 11.86 -23.58
CA GLY C 142 -28.80 12.54 -24.70
C GLY C 142 -29.49 12.35 -26.03
N ASP C 143 -28.97 11.43 -26.83
CA ASP C 143 -29.38 11.26 -28.22
C ASP C 143 -29.53 9.77 -28.48
N SER C 144 -29.55 9.39 -29.77
CA SER C 144 -29.74 7.99 -30.19
C SER C 144 -28.88 7.03 -29.38
N GLN C 145 -27.56 7.19 -29.43
CA GLN C 145 -26.67 6.43 -28.55
C GLN C 145 -25.49 7.33 -28.20
N SER C 146 -25.46 7.78 -26.94
CA SER C 146 -24.40 8.67 -26.45
C SER C 146 -23.95 8.32 -25.04
N SER C 147 -24.31 7.14 -24.53
CA SER C 147 -24.01 6.75 -23.16
C SER C 147 -23.38 5.36 -23.14
N LYS C 148 -22.38 5.18 -22.29
CA LYS C 148 -21.78 3.88 -22.07
C LYS C 148 -22.69 2.95 -21.28
N ARG C 149 -23.44 3.46 -20.31
CA ARG C 149 -24.26 2.60 -19.48
C ARG C 149 -25.53 2.22 -20.23
N GLY C 150 -25.37 1.61 -21.40
CA GLY C 150 -26.49 1.20 -22.23
C GLY C 150 -26.41 -0.28 -22.57
N LEU C 151 -27.43 -0.75 -23.29
CA LEU C 151 -27.58 -2.16 -23.63
C LEU C 151 -27.97 -2.30 -25.08
N TRP C 152 -27.46 -3.36 -25.72
CA TRP C 152 -27.81 -3.71 -27.08
C TRP C 152 -28.57 -5.03 -27.10
N HIS C 153 -29.61 -5.10 -27.92
CA HIS C 153 -30.44 -6.29 -28.02
C HIS C 153 -31.05 -6.35 -29.41
N ARG C 154 -31.29 -7.58 -29.88
CA ARG C 154 -31.89 -7.80 -31.19
C ARG C 154 -33.04 -8.79 -31.08
N GLN C 155 -34.17 -8.43 -31.68
CA GLN C 155 -35.28 -9.36 -31.85
C GLN C 155 -35.71 -9.33 -33.31
N GLY C 156 -35.90 -10.51 -33.90
CA GLY C 156 -36.30 -10.62 -35.28
C GLY C 156 -35.37 -9.88 -36.23
N ARG C 157 -35.94 -8.99 -37.05
CA ARG C 157 -35.15 -8.13 -37.93
C ARG C 157 -35.19 -6.68 -37.49
N GLU C 158 -35.36 -6.43 -36.19
CA GLU C 158 -35.41 -5.08 -35.63
C GLU C 158 -34.33 -4.98 -34.57
N TYR C 159 -33.43 -4.01 -34.71
CA TYR C 159 -32.27 -3.88 -33.83
C TYR C 159 -32.53 -2.75 -32.83
N ILE C 160 -32.37 -3.06 -31.55
CA ILE C 160 -32.82 -2.18 -30.49
C ILE C 160 -31.65 -1.81 -29.57
N HIS C 161 -31.55 -0.53 -29.25
CA HIS C 161 -30.55 -0.03 -28.31
C HIS C 161 -31.22 0.84 -27.27
N ILE C 162 -30.73 0.74 -26.03
CA ILE C 162 -31.25 1.52 -24.92
C ILE C 162 -30.14 2.37 -24.31
N ASN C 163 -30.39 3.67 -24.16
CA ASN C 163 -29.39 4.53 -23.51
C ASN C 163 -29.37 4.32 -22.00
N ALA C 164 -30.54 4.19 -21.37
CA ALA C 164 -30.60 4.07 -19.92
C ALA C 164 -31.80 3.24 -19.51
N VAL C 165 -31.65 2.50 -18.41
CA VAL C 165 -32.69 1.65 -17.86
C VAL C 165 -32.96 2.08 -16.42
N GLN C 166 -34.22 2.20 -16.04
CA GLN C 166 -34.52 2.73 -14.72
C GLN C 166 -35.33 1.73 -13.88
N PRO C 167 -35.31 1.89 -12.54
CA PRO C 167 -36.00 0.86 -11.76
C PRO C 167 -37.50 1.00 -11.79
N ASN C 168 -38.03 1.92 -12.59
CA ASN C 168 -39.47 2.04 -12.71
C ASN C 168 -39.93 1.45 -14.02
N GLY C 169 -39.03 0.74 -14.69
CA GLY C 169 -39.37 0.12 -15.96
C GLY C 169 -39.33 1.14 -17.07
N VAL C 170 -38.87 2.34 -16.76
CA VAL C 170 -38.84 3.40 -17.74
C VAL C 170 -37.52 3.43 -18.49
N LEU C 171 -37.47 2.83 -19.67
CA LEU C 171 -36.27 2.89 -20.46
C LEU C 171 -36.14 4.29 -21.03
N TYR C 172 -34.92 4.80 -21.08
CA TYR C 172 -34.71 6.15 -21.61
C TYR C 172 -33.85 6.14 -22.86
N GLY C 173 -34.29 6.85 -23.88
CA GLY C 173 -33.53 6.92 -25.11
C GLY C 173 -33.42 5.60 -25.85
N VAL C 174 -34.54 5.12 -26.39
CA VAL C 174 -34.58 3.86 -27.12
C VAL C 174 -34.59 4.19 -28.61
N THR C 175 -33.77 3.47 -29.38
CA THR C 175 -33.72 3.60 -30.83
C THR C 175 -33.80 2.22 -31.47
N ARG C 176 -34.59 2.10 -32.53
CA ARG C 176 -34.76 0.83 -33.21
C ARG C 176 -34.65 1.01 -34.72
N TYR C 177 -33.90 0.12 -35.36
CA TYR C 177 -33.78 0.07 -36.81
C TYR C 177 -34.48 -1.18 -37.31
N ARG C 178 -35.41 -1.01 -38.25
CA ARG C 178 -36.12 -2.13 -38.87
C ARG C 178 -35.55 -2.36 -40.26
N PHE C 179 -35.38 -3.62 -40.62
CA PHE C 179 -34.75 -4.00 -41.87
C PHE C 179 -35.64 -4.95 -42.66
N ASP C 180 -35.09 -5.50 -43.73
CA ASP C 180 -35.80 -6.34 -44.68
C ASP C 180 -35.05 -7.66 -44.79
N GLU C 181 -35.70 -8.67 -45.39
CA GLU C 181 -35.03 -9.92 -45.68
C GLU C 181 -33.76 -9.67 -46.47
N GLN C 182 -33.82 -8.80 -47.48
CA GLN C 182 -32.65 -8.35 -48.21
C GLN C 182 -31.79 -7.38 -47.39
N ARG C 183 -32.23 -7.05 -46.18
CA ARG C 183 -31.48 -6.19 -45.25
C ARG C 183 -31.24 -4.81 -45.86
N GLY C 184 -32.28 -4.27 -46.49
CA GLY C 184 -32.31 -2.88 -46.88
C GLY C 184 -33.02 -2.05 -45.82
N LEU C 185 -32.45 -0.90 -45.47
CA LEU C 185 -33.02 -0.10 -44.40
C LEU C 185 -34.39 0.42 -44.79
N GLU C 186 -35.35 0.27 -43.88
CA GLU C 186 -36.72 0.74 -44.09
C GLU C 186 -37.12 1.85 -43.15
N SER C 187 -36.82 1.73 -41.86
CA SER C 187 -37.22 2.75 -40.90
C SER C 187 -36.13 2.89 -39.84
N ALA C 188 -36.04 4.10 -39.28
CA ALA C 188 -35.11 4.37 -38.19
C ALA C 188 -35.84 5.26 -37.19
N SER C 189 -35.98 4.78 -35.96
CA SER C 189 -36.80 5.44 -34.96
C SER C 189 -35.99 5.71 -33.70
N PHE C 190 -36.50 6.64 -32.90
CA PHE C 190 -35.90 6.97 -31.60
C PHE C 190 -36.95 7.69 -30.76
N ALA C 191 -37.23 7.15 -29.59
CA ALA C 191 -38.16 7.75 -28.64
C ALA C 191 -37.44 7.98 -27.31
N LYS C 192 -37.73 9.10 -26.67
CA LYS C 192 -37.05 9.44 -25.43
C LYS C 192 -37.39 8.46 -24.31
N ARG C 193 -38.66 8.09 -24.17
CA ARG C 193 -39.10 7.31 -23.03
C ARG C 193 -39.94 6.13 -23.49
N ALA C 194 -39.96 5.09 -22.66
CA ALA C 194 -40.72 3.88 -22.94
C ALA C 194 -41.19 3.28 -21.63
N ARG C 195 -42.48 2.95 -21.57
CA ARG C 195 -43.12 2.47 -20.36
C ARG C 195 -43.69 1.08 -20.59
N PHE C 196 -43.58 0.22 -19.57
CA PHE C 196 -44.06 -1.16 -19.66
C PHE C 196 -45.46 -1.25 -19.06
N GLU C 197 -46.47 -1.14 -19.91
CA GLU C 197 -47.81 -1.52 -19.50
C GLU C 197 -47.88 -3.03 -19.33
N THR C 198 -48.86 -3.49 -18.55
CA THR C 198 -48.93 -4.91 -18.22
C THR C 198 -49.10 -5.78 -19.46
N ASP C 199 -49.98 -5.38 -20.37
CA ASP C 199 -50.19 -6.17 -21.57
C ASP C 199 -49.00 -6.07 -22.53
N HIS C 200 -48.44 -4.88 -22.70
CA HIS C 200 -47.45 -4.65 -23.73
C HIS C 200 -46.61 -3.43 -23.36
N TRP C 201 -45.46 -3.32 -24.01
CA TRP C 201 -44.66 -2.11 -23.93
C TRP C 201 -45.36 -0.97 -24.66
N GLN C 202 -45.08 0.26 -24.21
CA GLN C 202 -45.63 1.45 -24.83
C GLN C 202 -44.54 2.50 -24.97
N LEU C 203 -44.59 3.29 -26.04
CA LEU C 203 -43.64 4.38 -26.25
C LEU C 203 -44.28 5.72 -25.92
N GLU C 204 -43.44 6.76 -25.96
CA GLU C 204 -43.89 8.14 -25.80
C GLU C 204 -43.11 9.02 -26.75
N GLU C 205 -43.82 9.73 -27.63
CA GLU C 205 -43.25 10.72 -28.55
C GLU C 205 -42.10 10.14 -29.38
N VAL C 206 -42.44 9.14 -30.19
CA VAL C 206 -41.51 8.53 -31.12
C VAL C 206 -41.16 9.53 -32.22
N THR C 207 -40.03 9.29 -32.90
CA THR C 207 -39.54 10.16 -33.96
C THR C 207 -39.03 9.32 -35.14
N THR C 208 -39.85 8.35 -35.56
CA THR C 208 -39.44 7.46 -36.64
C THR C 208 -39.38 8.19 -37.98
N THR C 209 -38.63 7.60 -38.91
CA THR C 209 -38.58 8.07 -40.29
C THR C 209 -38.78 6.87 -41.21
N LEU C 210 -39.32 7.12 -42.40
CA LEU C 210 -39.60 6.08 -43.37
C LEU C 210 -38.75 6.27 -44.61
N LEU C 211 -38.04 5.23 -45.00
CA LEU C 211 -37.21 5.21 -46.21
C LEU C 211 -37.75 4.12 -47.13
N HIS C 212 -38.73 4.45 -47.95
CA HIS C 212 -39.28 3.48 -48.88
C HIS C 212 -38.17 3.03 -49.84
N PRO C 213 -38.14 1.74 -50.20
CA PRO C 213 -36.97 1.19 -50.91
C PRO C 213 -36.64 1.90 -52.22
N ARG C 214 -37.66 2.36 -52.94
CA ARG C 214 -37.44 2.97 -54.24
C ARG C 214 -37.02 4.44 -54.05
N GLU C 215 -36.83 5.13 -55.17
CA GLU C 215 -36.37 6.53 -55.19
C GLU C 215 -37.47 7.52 -54.79
N LYS C 216 -38.57 7.06 -54.21
CA LYS C 216 -39.68 7.94 -53.88
C LYS C 216 -39.29 8.89 -52.74
N ARG C 217 -40.23 9.79 -52.42
CA ARG C 217 -40.01 10.78 -51.37
C ARG C 217 -39.73 10.10 -50.04
N SER C 218 -38.68 10.56 -49.36
CA SER C 218 -38.32 10.08 -48.04
C SER C 218 -39.02 10.95 -47.00
N GLU C 219 -39.86 10.32 -46.18
CA GLU C 219 -40.69 11.03 -45.22
C GLU C 219 -40.27 10.70 -43.78
N VAL C 220 -40.71 11.55 -42.87
CA VAL C 220 -40.51 11.36 -41.43
C VAL C 220 -41.85 11.56 -40.74
N VAL C 221 -42.20 10.65 -39.83
CA VAL C 221 -43.50 10.62 -39.19
C VAL C 221 -43.31 10.58 -37.69
N LYS C 222 -44.11 11.38 -36.97
CA LYS C 222 -44.03 11.49 -35.51
C LYS C 222 -45.39 11.12 -34.92
N LEU C 223 -45.36 10.22 -33.94
CA LEU C 223 -46.57 9.87 -33.18
C LEU C 223 -46.27 9.96 -31.69
N PRO C 224 -47.10 10.64 -30.90
CA PRO C 224 -46.80 10.81 -29.47
C PRO C 224 -46.81 9.51 -28.67
N THR C 225 -47.62 8.53 -29.06
CA THR C 225 -47.80 7.32 -28.25
C THR C 225 -47.81 6.07 -29.12
N GLU C 226 -46.76 5.87 -29.93
CA GLU C 226 -46.64 4.65 -30.70
C GLU C 226 -46.56 3.43 -29.79
N ARG C 227 -47.10 2.31 -30.27
CA ARG C 227 -47.11 1.05 -29.54
C ARG C 227 -46.26 0.02 -30.27
N TRP C 228 -45.44 -0.73 -29.53
CA TRP C 228 -44.68 -1.83 -30.08
C TRP C 228 -44.60 -2.97 -29.08
N ASP C 229 -44.41 -4.19 -29.58
CA ASP C 229 -44.42 -5.40 -28.77
C ASP C 229 -43.08 -6.11 -28.92
N ALA C 230 -42.59 -6.67 -27.81
CA ALA C 230 -41.40 -7.51 -27.78
C ALA C 230 -41.55 -8.54 -26.67
N GLN C 231 -40.43 -9.20 -26.35
CA GLN C 231 -40.41 -10.25 -25.34
C GLN C 231 -39.61 -9.87 -24.09
N LEU C 232 -38.80 -8.83 -24.15
CA LEU C 232 -37.99 -8.45 -23.01
C LEU C 232 -38.86 -7.90 -21.88
N SER C 233 -38.44 -8.14 -20.64
CA SER C 233 -39.16 -7.73 -19.46
C SER C 233 -38.28 -6.88 -18.55
N PRO C 234 -38.87 -5.91 -17.83
CA PRO C 234 -38.06 -5.07 -16.93
C PRO C 234 -37.35 -5.86 -15.84
N GLN C 235 -37.97 -6.95 -15.35
CA GLN C 235 -37.33 -7.74 -14.31
C GLN C 235 -36.00 -8.31 -14.79
N LEU C 236 -35.93 -8.72 -16.05
CA LEU C 236 -34.64 -9.11 -16.62
C LEU C 236 -33.77 -7.88 -16.89
N LEU C 237 -34.39 -6.76 -17.24
CA LEU C 237 -33.63 -5.57 -17.63
C LEU C 237 -32.80 -5.05 -16.47
N ASN C 238 -33.37 -5.01 -15.26
CA ASN C 238 -32.62 -4.47 -14.12
C ASN C 238 -31.48 -5.41 -13.72
N THR C 239 -31.66 -6.72 -13.91
CA THR C 239 -30.63 -7.67 -13.54
C THR C 239 -29.46 -7.68 -14.52
N VAL C 240 -29.74 -7.59 -15.83
CA VAL C 240 -28.67 -7.72 -16.82
C VAL C 240 -27.73 -6.52 -16.83
N VAL C 241 -28.24 -5.31 -16.67
CA VAL C 241 -27.40 -4.11 -16.70
C VAL C 241 -26.47 -4.06 -15.50
N MET C 242 -26.95 -4.49 -14.34
CA MET C 242 -26.14 -4.46 -13.12
C MET C 242 -24.93 -5.38 -13.25
N GLU C 243 -23.87 -5.02 -12.53
CA GLU C 243 -22.67 -5.85 -12.49
C GLU C 243 -22.98 -7.18 -11.80
N PRO C 244 -22.30 -8.27 -12.17
CA PRO C 244 -22.59 -9.57 -11.53
C PRO C 244 -22.26 -9.59 -10.05
N GLU C 245 -21.48 -8.61 -9.59
CA GLU C 245 -21.06 -8.53 -8.21
C GLU C 245 -22.03 -7.73 -7.33
N ALA C 246 -23.15 -7.29 -7.86
CA ALA C 246 -24.03 -6.35 -7.16
C ALA C 246 -25.42 -6.90 -6.87
N LEU C 247 -25.79 -8.05 -7.43
CA LEU C 247 -27.13 -8.56 -7.20
C LEU C 247 -27.20 -9.32 -5.87
N SER C 248 -28.44 -9.57 -5.44
CA SER C 248 -28.67 -10.35 -4.23
C SER C 248 -28.29 -11.81 -4.46
N ILE C 249 -28.07 -12.53 -3.35
CA ILE C 249 -27.77 -13.95 -3.43
C ILE C 249 -28.93 -14.71 -4.06
N SER C 250 -30.16 -14.40 -3.61
CA SER C 250 -31.34 -15.01 -4.21
C SER C 250 -31.48 -14.60 -5.68
N GLY C 251 -31.20 -13.33 -5.99
CA GLY C 251 -31.23 -12.89 -7.37
C GLY C 251 -30.21 -13.60 -8.23
N LEU C 252 -28.99 -13.77 -7.70
CA LEU C 252 -27.97 -14.51 -8.43
C LEU C 252 -28.41 -15.96 -8.67
N TRP C 253 -28.98 -16.60 -7.64
CA TRP C 253 -29.46 -17.98 -7.79
C TRP C 253 -30.53 -18.07 -8.87
N GLN C 254 -31.51 -17.17 -8.82
CA GLN C 254 -32.60 -17.22 -9.79
C GLN C 254 -32.09 -16.95 -11.21
N TYR C 255 -31.17 -16.00 -11.36
CA TYR C 255 -30.68 -15.68 -12.70
C TYR C 255 -29.78 -16.80 -13.23
N ILE C 256 -29.06 -17.47 -12.33
CA ILE C 256 -28.27 -18.64 -12.71
C ILE C 256 -29.16 -19.76 -13.21
N HIS C 257 -30.27 -20.01 -12.51
CA HIS C 257 -31.23 -21.01 -12.98
C HIS C 257 -31.84 -20.59 -14.31
N TYR C 258 -32.12 -19.30 -14.48
CA TYR C 258 -32.67 -18.82 -15.75
C TYR C 258 -31.71 -19.06 -16.90
N LEU C 259 -30.42 -18.80 -16.69
CA LEU C 259 -29.43 -19.03 -17.74
C LEU C 259 -29.23 -20.53 -17.99
N ALA C 260 -29.27 -21.34 -16.93
CA ALA C 260 -29.13 -22.78 -17.11
C ALA C 260 -30.32 -23.37 -17.85
N ASP C 261 -31.49 -22.74 -17.74
CA ASP C 261 -32.67 -23.24 -18.43
C ASP C 261 -32.48 -23.19 -19.94
N GLN C 262 -31.98 -22.09 -20.47
CA GLN C 262 -31.81 -21.93 -21.91
C GLN C 262 -30.40 -22.30 -22.40
N GLY C 263 -29.51 -22.70 -21.51
CA GLY C 263 -28.23 -23.25 -21.90
C GLY C 263 -27.10 -22.25 -22.05
N LEU C 264 -27.34 -20.95 -21.88
CA LEU C 264 -26.27 -19.98 -21.95
C LEU C 264 -25.31 -20.16 -20.78
N ASN C 265 -24.02 -19.99 -21.06
CA ASN C 265 -23.00 -20.17 -20.03
C ASN C 265 -23.13 -19.10 -18.95
N ASN C 266 -22.97 -19.53 -17.70
CA ASN C 266 -23.18 -18.68 -16.53
C ASN C 266 -22.08 -18.90 -15.49
N ASN C 267 -20.84 -19.07 -15.95
CA ASN C 267 -19.75 -19.32 -15.02
C ASN C 267 -19.43 -18.08 -14.20
N ARG C 268 -19.55 -16.89 -14.80
CA ARG C 268 -19.26 -15.66 -14.07
C ARG C 268 -20.23 -15.48 -12.91
N TYR C 269 -21.51 -15.75 -13.13
CA TYR C 269 -22.48 -15.63 -12.05
C TYR C 269 -22.30 -16.75 -11.02
N TRP C 270 -21.82 -17.91 -11.45
CA TRP C 270 -21.47 -18.96 -10.49
C TRP C 270 -20.34 -18.51 -9.58
N LEU C 271 -19.31 -17.88 -10.14
CA LEU C 271 -18.22 -17.36 -9.32
C LEU C 271 -18.72 -16.25 -8.40
N ALA C 272 -19.60 -15.39 -8.90
CA ALA C 272 -20.18 -14.34 -8.05
C ALA C 272 -20.95 -14.94 -6.88
N PHE C 273 -21.77 -15.95 -7.15
CA PHE C 273 -22.51 -16.61 -6.08
C PHE C 273 -21.57 -17.24 -5.07
N TRP C 274 -20.50 -17.89 -5.55
CA TRP C 274 -19.56 -18.56 -4.66
C TRP C 274 -18.83 -17.56 -3.77
N THR C 275 -18.41 -16.43 -4.33
CA THR C 275 -17.68 -15.45 -3.51
C THR C 275 -18.63 -14.69 -2.59
N LYS C 276 -19.90 -14.57 -2.97
CA LYS C 276 -20.86 -13.90 -2.09
C LYS C 276 -21.24 -14.78 -0.90
N VAL C 277 -21.50 -16.06 -1.15
CA VAL C 277 -21.96 -16.95 -0.08
C VAL C 277 -20.83 -17.32 0.88
N LEU C 278 -19.65 -17.63 0.36
CA LEU C 278 -18.55 -18.14 1.16
C LEU C 278 -17.77 -17.03 1.88
N GLN C 279 -18.34 -15.84 2.00
CA GLN C 279 -17.67 -14.74 2.69
C GLN C 279 -17.31 -15.08 4.14
N PRO C 280 -18.18 -15.70 4.96
CA PRO C 280 -17.74 -16.06 6.32
C PRO C 280 -16.51 -16.95 6.34
N LEU C 281 -16.38 -17.87 5.39
CA LEU C 281 -15.24 -18.78 5.40
C LEU C 281 -13.92 -18.04 5.16
N VAL C 282 -13.88 -17.17 4.15
CA VAL C 282 -12.65 -16.42 3.90
C VAL C 282 -12.36 -15.47 5.05
N THR C 283 -13.40 -14.85 5.63
CA THR C 283 -13.17 -13.96 6.76
C THR C 283 -12.58 -14.72 7.95
N ALA C 284 -13.12 -15.90 8.25
CA ALA C 284 -12.63 -16.69 9.37
C ALA C 284 -11.20 -17.17 9.12
N ALA C 285 -10.90 -17.59 7.89
CA ALA C 285 -9.54 -18.01 7.58
C ALA C 285 -8.56 -16.86 7.74
N LEU C 286 -8.93 -15.68 7.25
CA LEU C 286 -8.04 -14.52 7.37
C LEU C 286 -7.83 -14.12 8.83
N VAL C 287 -8.90 -14.15 9.63
CA VAL C 287 -8.77 -13.77 11.04
C VAL C 287 -7.94 -14.80 11.80
N LEU C 288 -8.08 -16.09 11.45
CA LEU C 288 -7.24 -17.10 12.07
C LEU C 288 -5.77 -16.89 11.72
N MET C 289 -5.50 -16.54 10.46
CA MET C 289 -4.13 -16.26 10.05
C MET C 289 -3.57 -15.05 10.79
N ALA C 290 -4.39 -14.02 10.97
CA ALA C 290 -3.96 -12.84 11.73
C ALA C 290 -3.64 -13.20 13.17
N ILE C 291 -4.51 -14.01 13.80
CA ILE C 291 -4.26 -14.46 15.16
C ILE C 291 -2.95 -15.23 15.24
N SER C 292 -2.71 -16.10 14.26
CA SER C 292 -1.48 -16.88 14.24
C SER C 292 -0.25 -15.99 14.07
N PHE C 293 -0.34 -14.96 13.22
CA PHE C 293 0.74 -14.00 13.10
C PHE C 293 1.02 -13.29 14.41
N ILE C 294 -0.02 -12.88 15.12
CA ILE C 294 0.18 -12.13 16.37
C ILE C 294 0.94 -12.97 17.38
N PHE C 295 0.64 -14.27 17.44
CA PHE C 295 1.27 -15.14 18.41
C PHE C 295 2.64 -15.65 17.97
N GLY C 296 3.08 -15.30 16.77
CA GLY C 296 4.36 -15.76 16.28
C GLY C 296 5.35 -14.64 16.02
N PRO C 297 5.72 -14.43 14.76
CA PRO C 297 6.71 -13.39 14.45
C PRO C 297 6.29 -12.00 14.88
N LEU C 298 5.00 -11.67 14.76
CA LEU C 298 4.50 -10.36 15.15
C LEU C 298 4.16 -10.32 16.63
N ARG C 299 5.12 -10.68 17.48
CA ARG C 299 4.84 -10.76 18.91
C ARG C 299 5.00 -9.41 19.60
N SER C 300 6.18 -8.79 19.46
CA SER C 300 6.52 -7.57 20.17
C SER C 300 7.06 -6.51 19.21
N VAL C 301 6.37 -6.32 18.09
CA VAL C 301 6.77 -5.34 17.10
C VAL C 301 5.88 -4.11 17.23
N THR C 302 6.28 -3.02 16.57
CA THR C 302 5.53 -1.79 16.62
C THR C 302 4.20 -1.91 15.88
N LEU C 303 3.24 -1.07 16.26
CA LEU C 303 1.93 -1.07 15.62
C LEU C 303 2.03 -0.71 14.14
N GLY C 304 2.95 0.19 13.80
CA GLY C 304 3.14 0.54 12.39
C GLY C 304 3.56 -0.65 11.56
N GLN C 305 4.46 -1.49 12.09
CA GLN C 305 4.84 -2.71 11.40
C GLN C 305 3.64 -3.63 11.21
N ARG C 306 2.79 -3.74 12.23
CA ARG C 306 1.59 -4.55 12.12
C ARG C 306 0.68 -4.06 11.01
N ILE C 307 0.45 -2.75 10.95
CA ILE C 307 -0.41 -2.19 9.91
C ILE C 307 0.21 -2.43 8.53
N PHE C 308 1.53 -2.24 8.42
CA PHE C 308 2.19 -2.40 7.13
C PHE C 308 2.09 -3.84 6.63
N THR C 309 2.39 -4.81 7.50
CA THR C 309 2.31 -6.20 7.07
C THR C 309 0.87 -6.61 6.81
N GLY C 310 -0.08 -6.02 7.55
CA GLY C 310 -1.48 -6.32 7.29
C GLY C 310 -1.93 -5.85 5.93
N VAL C 311 -1.59 -4.60 5.57
CA VAL C 311 -2.01 -4.09 4.26
C VAL C 311 -1.29 -4.82 3.14
N LEU C 312 -0.02 -5.19 3.36
CA LEU C 312 0.70 -5.98 2.36
C LEU C 312 0.04 -7.33 2.13
N VAL C 313 -0.31 -8.03 3.20
CA VAL C 313 -0.94 -9.33 3.07
C VAL C 313 -2.32 -9.20 2.44
N GLY C 314 -3.06 -8.14 2.80
CA GLY C 314 -4.36 -7.92 2.19
C GLY C 314 -4.28 -7.68 0.69
N PHE C 315 -3.30 -6.86 0.27
CA PHE C 315 -3.10 -6.64 -1.16
C PHE C 315 -2.73 -7.94 -1.86
N VAL C 316 -1.86 -8.74 -1.25
CA VAL C 316 -1.46 -10.01 -1.85
C VAL C 316 -2.67 -10.92 -2.03
N PHE C 317 -3.50 -11.03 -0.99
CA PHE C 317 -4.67 -11.90 -1.05
C PHE C 317 -5.68 -11.42 -2.08
N ARG C 318 -5.93 -10.11 -2.13
CA ARG C 318 -6.87 -9.58 -3.11
C ARG C 318 -6.37 -9.80 -4.53
N ILE C 319 -5.08 -9.57 -4.77
CA ILE C 319 -4.51 -9.77 -6.10
C ILE C 319 -4.62 -11.24 -6.50
N ALA C 320 -4.32 -12.15 -5.57
CA ALA C 320 -4.42 -13.57 -5.89
C ALA C 320 -5.85 -13.97 -6.24
N GLN C 321 -6.82 -13.58 -5.42
CA GLN C 321 -8.19 -13.98 -5.68
C GLN C 321 -8.77 -13.27 -6.90
N ASP C 322 -8.24 -12.11 -7.27
CA ASP C 322 -8.65 -11.47 -8.51
C ASP C 322 -8.04 -12.15 -9.72
N LEU C 323 -6.80 -12.64 -9.61
CA LEU C 323 -6.21 -13.44 -10.68
C LEU C 323 -6.99 -14.73 -10.90
N LEU C 324 -7.40 -15.39 -9.82
CA LEU C 324 -8.07 -16.69 -9.96
C LEU C 324 -9.47 -16.58 -10.55
N GLY C 325 -10.04 -15.38 -10.63
CA GLY C 325 -11.40 -15.22 -11.10
C GLY C 325 -11.55 -15.49 -12.59
N PRO C 326 -11.01 -14.60 -13.42
CA PRO C 326 -11.06 -14.83 -14.88
C PRO C 326 -10.31 -16.08 -15.32
N SER C 327 -9.32 -16.52 -14.56
CA SER C 327 -8.57 -17.72 -14.94
C SER C 327 -9.48 -18.94 -14.97
N SER C 328 -10.48 -18.99 -14.10
CA SER C 328 -11.44 -20.08 -14.14
C SER C 328 -12.21 -20.10 -15.45
N LEU C 329 -12.63 -18.92 -15.93
CA LEU C 329 -13.31 -18.85 -17.21
C LEU C 329 -12.40 -19.22 -18.37
N VAL C 330 -11.15 -18.75 -18.33
CA VAL C 330 -10.23 -19.01 -19.44
C VAL C 330 -9.90 -20.49 -19.55
N PHE C 331 -9.56 -21.12 -18.43
CA PHE C 331 -9.07 -22.49 -18.42
C PHE C 331 -10.12 -23.51 -18.02
N ASP C 332 -11.41 -23.17 -18.12
CA ASP C 332 -12.51 -24.10 -17.81
C ASP C 332 -12.43 -24.62 -16.38
N PHE C 333 -11.77 -23.84 -15.52
CA PHE C 333 -11.50 -24.26 -14.16
C PHE C 333 -12.73 -23.99 -13.28
N PRO C 334 -13.23 -25.01 -12.58
CA PRO C 334 -14.48 -24.86 -11.79
C PRO C 334 -14.43 -23.65 -10.86
N PRO C 335 -15.48 -22.83 -10.88
CA PRO C 335 -15.42 -21.52 -10.19
C PRO C 335 -15.24 -21.59 -8.69
N LEU C 336 -15.75 -22.63 -8.02
CA LEU C 336 -15.70 -22.66 -6.56
C LEU C 336 -14.27 -22.84 -6.06
N LEU C 337 -13.44 -23.52 -6.84
CA LEU C 337 -12.03 -23.67 -6.49
C LEU C 337 -11.35 -22.30 -6.41
N ALA C 338 -11.69 -21.41 -7.34
CA ALA C 338 -11.07 -20.09 -7.39
C ALA C 338 -11.35 -19.29 -6.13
N VAL C 339 -12.43 -19.60 -5.42
CA VAL C 339 -12.68 -18.95 -4.13
C VAL C 339 -12.03 -19.74 -3.00
N VAL C 340 -12.02 -21.07 -3.12
CA VAL C 340 -11.57 -21.91 -2.01
C VAL C 340 -10.06 -21.80 -1.81
N ILE C 341 -9.29 -21.85 -2.90
CA ILE C 341 -7.83 -21.98 -2.82
C ILE C 341 -7.13 -20.90 -2.01
N PRO C 342 -7.34 -19.60 -2.26
CA PRO C 342 -6.65 -18.60 -1.42
C PRO C 342 -7.00 -18.73 0.05
N ALA C 343 -8.27 -18.98 0.36
CA ALA C 343 -8.68 -19.18 1.75
C ALA C 343 -8.05 -20.44 2.33
N SER C 344 -8.01 -21.52 1.55
CA SER C 344 -7.42 -22.76 2.05
C SER C 344 -5.94 -22.59 2.35
N ILE C 345 -5.21 -21.91 1.45
CA ILE C 345 -3.79 -21.67 1.66
C ILE C 345 -3.59 -20.80 2.91
N CYS C 346 -4.40 -19.75 3.03
CA CYS C 346 -4.29 -18.86 4.19
C CYS C 346 -4.55 -19.61 5.50
N ALA C 347 -5.60 -20.43 5.53
CA ALA C 347 -5.91 -21.18 6.74
C ALA C 347 -4.84 -22.21 7.06
N LEU C 348 -4.31 -22.89 6.02
CA LEU C 348 -3.24 -23.85 6.25
C LEU C 348 -1.99 -23.19 6.82
N ALA C 349 -1.60 -22.04 6.26
CA ALA C 349 -0.44 -21.34 6.78
C ALA C 349 -0.68 -20.88 8.21
N GLY C 350 -1.87 -20.35 8.50
CA GLY C 350 -2.17 -19.91 9.85
C GLY C 350 -2.13 -21.04 10.86
N VAL C 351 -2.75 -22.17 10.53
CA VAL C 351 -2.80 -23.29 11.47
C VAL C 351 -1.39 -23.89 11.63
N TRP C 352 -0.59 -23.89 10.56
CA TRP C 352 0.78 -24.39 10.68
C TRP C 352 1.60 -23.51 11.61
N LEU C 353 1.51 -22.18 11.44
CA LEU C 353 2.26 -21.30 12.32
C LEU C 353 1.75 -21.35 13.75
N LEU C 354 0.45 -21.60 13.94
CA LEU C 354 -0.09 -21.74 15.29
C LEU C 354 0.41 -23.03 15.94
N ARG C 355 0.45 -24.13 15.19
CA ARG C 355 1.02 -25.36 15.70
C ARG C 355 2.51 -25.23 15.98
N ARG C 356 3.20 -24.36 15.24
CA ARG C 356 4.59 -24.05 15.55
C ARG C 356 4.75 -23.29 16.86
N ALA C 357 3.66 -22.78 17.42
CA ALA C 357 3.67 -22.07 18.70
C ALA C 357 4.65 -20.89 18.70
N MET D 4 34.23 10.51 4.63
CA MET D 4 34.16 9.90 3.32
C MET D 4 33.63 8.47 3.41
N ILE D 5 34.06 7.74 4.44
CA ILE D 5 33.64 6.37 4.66
C ILE D 5 32.14 6.30 4.98
N VAL D 6 31.65 7.20 5.82
CA VAL D 6 30.22 7.24 6.14
C VAL D 6 29.41 7.52 4.89
N PHE D 7 29.96 8.27 3.93
CA PHE D 7 29.29 8.50 2.66
C PHE D 7 29.04 7.18 1.95
N ARG D 8 30.07 6.34 1.83
CA ARG D 8 29.91 5.05 1.18
C ARG D 8 28.95 4.16 1.95
N TYR D 9 29.04 4.17 3.28
CA TYR D 9 28.14 3.35 4.11
C TYR D 9 26.68 3.69 3.83
N LEU D 10 26.34 4.98 3.96
CA LEU D 10 24.96 5.40 3.77
C LEU D 10 24.52 5.16 2.33
N SER D 11 25.39 5.44 1.36
CA SER D 11 25.01 5.23 -0.04
C SER D 11 24.68 3.77 -0.30
N ARG D 12 25.49 2.86 0.24
CA ARG D 12 25.25 1.43 0.03
C ARG D 12 23.92 0.99 0.63
N GLU D 13 23.64 1.43 1.88
CA GLU D 13 22.38 1.05 2.49
C GLU D 13 21.18 1.58 1.71
N VAL D 14 21.24 2.86 1.30
CA VAL D 14 20.13 3.43 0.54
C VAL D 14 19.94 2.68 -0.78
N LEU D 15 21.04 2.40 -1.48
CA LEU D 15 20.91 1.72 -2.77
C LEU D 15 20.30 0.33 -2.61
N VAL D 16 20.76 -0.43 -1.61
CA VAL D 16 20.24 -1.78 -1.42
C VAL D 16 18.75 -1.74 -1.08
N THR D 17 18.38 -0.87 -0.13
CA THR D 17 16.97 -0.82 0.27
C THR D 17 16.09 -0.35 -0.88
N MET D 18 16.58 0.61 -1.68
CA MET D 18 15.82 1.10 -2.82
C MET D 18 15.64 -0.01 -3.86
N SER D 19 16.68 -0.82 -4.07
CA SER D 19 16.56 -1.93 -5.02
C SER D 19 15.47 -2.91 -4.56
N ALA D 20 15.49 -3.26 -3.28
CA ALA D 20 14.49 -4.21 -2.78
C ALA D 20 13.07 -3.64 -2.92
N VAL D 21 12.89 -2.38 -2.51
CA VAL D 21 11.57 -1.77 -2.58
C VAL D 21 11.09 -1.66 -4.02
N SER D 22 12.00 -1.29 -4.94
CA SER D 22 11.64 -1.19 -6.35
C SER D 22 11.21 -2.54 -6.90
N ALA D 23 11.92 -3.61 -6.54
CA ALA D 23 11.54 -4.93 -7.01
C ALA D 23 10.13 -5.29 -6.53
N VAL D 24 9.86 -5.08 -5.24
CA VAL D 24 8.54 -5.45 -4.70
C VAL D 24 7.45 -4.63 -5.37
N LEU D 25 7.65 -3.32 -5.50
CA LEU D 25 6.63 -2.46 -6.10
C LEU D 25 6.39 -2.81 -7.56
N LEU D 26 7.46 -3.11 -8.31
CA LEU D 26 7.30 -3.51 -9.70
C LEU D 26 6.50 -4.80 -9.80
N VAL D 27 6.76 -5.76 -8.92
CA VAL D 27 5.98 -6.99 -8.92
C VAL D 27 4.50 -6.68 -8.71
N ILE D 28 4.19 -5.83 -7.73
CA ILE D 28 2.80 -5.55 -7.39
C ILE D 28 2.09 -4.85 -8.56
N ILE D 29 2.74 -3.83 -9.14
CA ILE D 29 2.11 -3.10 -10.24
C ILE D 29 1.92 -3.97 -11.47
N MET D 30 2.92 -4.80 -11.79
CA MET D 30 2.79 -5.71 -12.92
C MET D 30 1.64 -6.68 -12.71
N SER D 31 1.50 -7.19 -11.48
CA SER D 31 0.38 -8.08 -11.18
C SER D 31 -0.95 -7.37 -11.38
N GLY D 32 -1.07 -6.14 -10.88
CA GLY D 32 -2.34 -5.42 -11.02
C GLY D 32 -2.71 -5.19 -12.47
N ARG D 33 -1.74 -4.73 -13.27
CA ARG D 33 -1.99 -4.61 -14.70
C ARG D 33 -2.36 -5.94 -15.33
N PHE D 34 -1.79 -7.03 -14.81
CA PHE D 34 -2.13 -8.35 -15.34
C PHE D 34 -3.59 -8.70 -15.06
N ILE D 35 -4.09 -8.35 -13.88
CA ILE D 35 -5.52 -8.55 -13.61
C ILE D 35 -6.37 -7.75 -14.60
N LYS D 36 -6.06 -6.45 -14.72
CA LYS D 36 -6.87 -5.59 -15.57
C LYS D 36 -6.82 -6.04 -17.03
N TYR D 37 -5.74 -6.72 -17.42
CA TYR D 37 -5.61 -7.15 -18.81
C TYR D 37 -6.27 -8.50 -19.03
N LEU D 38 -6.13 -9.40 -18.04
CA LEU D 38 -6.68 -10.74 -18.15
C LEU D 38 -8.20 -10.74 -18.07
N ALA D 39 -8.80 -9.77 -17.39
CA ALA D 39 -10.26 -9.66 -17.44
C ALA D 39 -10.75 -9.51 -18.87
N GLN D 40 -10.19 -8.54 -19.61
CA GLN D 40 -10.60 -8.31 -20.99
C GLN D 40 -10.25 -9.51 -21.85
N ALA D 41 -9.03 -10.04 -21.71
CA ALA D 41 -8.61 -11.19 -22.51
C ALA D 41 -9.50 -12.39 -22.26
N ALA D 42 -10.07 -12.49 -21.05
CA ALA D 42 -11.00 -13.57 -20.73
C ALA D 42 -12.37 -13.35 -21.36
N GLN D 43 -12.88 -12.11 -21.34
CA GLN D 43 -14.28 -11.94 -21.70
C GLN D 43 -14.54 -12.10 -23.20
N GLY D 44 -13.99 -11.23 -24.04
CA GLY D 44 -14.28 -11.33 -25.47
C GLY D 44 -13.14 -11.07 -26.44
N LEU D 45 -12.03 -10.52 -25.97
CA LEU D 45 -11.00 -9.98 -26.85
C LEU D 45 -9.64 -10.57 -26.50
N LEU D 46 -8.64 -10.18 -27.30
CA LEU D 46 -7.22 -10.50 -27.09
C LEU D 46 -6.95 -12.00 -27.10
N ASP D 47 -5.67 -12.36 -27.05
CA ASP D 47 -5.25 -13.75 -27.01
C ASP D 47 -4.26 -13.94 -25.86
N PRO D 48 -4.27 -15.10 -25.19
CA PRO D 48 -3.36 -15.30 -24.06
C PRO D 48 -1.89 -15.29 -24.45
N GLY D 49 -1.56 -15.57 -25.71
CA GLY D 49 -0.16 -15.70 -26.10
C GLY D 49 0.60 -14.40 -26.17
N SER D 50 -0.08 -13.27 -26.33
CA SER D 50 0.56 -11.98 -26.52
C SER D 50 0.76 -11.21 -25.22
N LEU D 51 0.23 -11.69 -24.10
CA LEU D 51 0.31 -10.94 -22.85
C LEU D 51 1.76 -10.79 -22.38
N PHE D 52 2.57 -11.83 -22.58
CA PHE D 52 3.97 -11.77 -22.19
C PHE D 52 4.69 -10.63 -22.90
N LEU D 53 4.50 -10.52 -24.21
CA LEU D 53 5.13 -9.43 -24.96
C LEU D 53 4.60 -8.08 -24.50
N ILE D 54 3.30 -7.99 -24.22
CA ILE D 54 2.72 -6.73 -23.78
C ILE D 54 3.37 -6.26 -22.49
N MET D 55 3.50 -7.17 -21.52
CA MET D 55 4.11 -6.80 -20.24
C MET D 55 5.59 -6.48 -20.41
N ALA D 56 6.30 -7.27 -21.21
CA ALA D 56 7.74 -7.05 -21.39
C ALA D 56 8.01 -5.74 -22.11
N PHE D 57 7.04 -5.25 -22.87
CA PHE D 57 7.21 -3.96 -23.55
C PHE D 57 6.66 -2.79 -22.74
N ARG D 58 5.74 -3.05 -21.80
CA ARG D 58 5.16 -1.98 -21.00
C ARG D 58 5.87 -1.77 -19.67
N ILE D 59 6.76 -2.69 -19.27
CA ILE D 59 7.45 -2.56 -17.98
C ILE D 59 8.20 -1.24 -17.81
N PRO D 60 8.93 -0.69 -18.80
CA PRO D 60 9.76 0.49 -18.50
C PRO D 60 8.99 1.68 -17.94
N GLY D 61 7.76 1.91 -18.40
CA GLY D 61 6.98 3.00 -17.83
C GLY D 61 6.66 2.79 -16.37
N PHE D 62 6.32 1.56 -16.00
CA PHE D 62 6.07 1.26 -14.59
C PHE D 62 7.33 1.42 -13.76
N LEU D 63 8.47 0.98 -14.28
CA LEU D 63 9.74 1.20 -13.58
C LEU D 63 10.01 2.68 -13.39
N GLN D 64 9.71 3.49 -14.42
CA GLN D 64 9.82 4.94 -14.31
C GLN D 64 8.98 5.49 -13.18
N LEU D 65 7.70 5.13 -13.16
CA LEU D 65 6.80 5.64 -12.14
C LEU D 65 7.07 5.06 -10.76
N ILE D 66 7.88 4.01 -10.67
CA ILE D 66 8.13 3.36 -9.39
C ILE D 66 9.43 3.83 -8.75
N LEU D 67 10.48 4.02 -9.54
CA LEU D 67 11.82 4.25 -8.99
C LEU D 67 11.89 5.40 -7.99
N PRO D 68 11.33 6.59 -8.25
CA PRO D 68 11.36 7.62 -7.19
C PRO D 68 10.70 7.17 -5.90
N LEU D 69 9.58 6.47 -5.99
CA LEU D 69 8.89 6.01 -4.78
C LEU D 69 9.73 4.94 -4.08
N GLY D 70 10.37 4.07 -4.85
CA GLY D 70 11.25 3.08 -4.27
C GLY D 70 12.41 3.71 -3.52
N LEU D 71 13.01 4.76 -4.09
CA LEU D 71 14.05 5.50 -3.38
C LEU D 71 13.48 6.15 -2.12
N PHE D 72 12.26 6.66 -2.19
CA PHE D 72 11.68 7.34 -1.04
C PHE D 72 11.70 6.40 0.14
N LEU D 73 11.01 5.26 0.00
CA LEU D 73 10.91 4.33 1.10
C LEU D 73 12.29 3.80 1.50
N GLY D 74 13.12 3.47 0.51
CA GLY D 74 14.46 3.02 0.82
C GLY D 74 15.07 3.99 1.82
N ILE D 75 15.12 5.25 1.44
CA ILE D 75 15.65 6.27 2.35
C ILE D 75 14.98 6.15 3.71
N LEU D 76 13.65 6.10 3.73
CA LEU D 76 12.92 6.06 4.99
C LEU D 76 13.35 4.85 5.82
N LEU D 77 13.32 3.65 5.22
CA LEU D 77 13.61 2.44 5.96
C LEU D 77 15.06 2.40 6.44
N ALA D 78 16.01 2.72 5.56
CA ALA D 78 17.41 2.64 5.94
C ALA D 78 17.73 3.63 7.05
N TYR D 79 17.26 4.87 6.94
CA TYR D 79 17.62 5.86 7.94
C TYR D 79 16.84 5.64 9.24
N GLY D 80 15.63 5.09 9.16
CA GLY D 80 14.94 4.68 10.37
C GLY D 80 15.66 3.56 11.09
N ARG D 81 16.20 2.60 10.33
CA ARG D 81 16.98 1.53 10.92
C ARG D 81 18.24 2.08 11.59
N LEU D 82 18.90 3.04 10.93
CA LEU D 82 20.10 3.64 11.53
C LEU D 82 19.75 4.42 12.80
N TYR D 83 18.63 5.15 12.79
CA TYR D 83 18.21 5.88 13.98
C TYR D 83 17.87 4.94 15.12
N LEU D 84 17.20 3.82 14.81
CA LEU D 84 16.75 2.92 15.86
C LEU D 84 17.92 2.29 16.61
N GLU D 85 18.99 1.96 15.90
CA GLU D 85 20.14 1.30 16.52
C GLU D 85 21.15 2.28 17.10
N SER D 86 20.88 3.58 17.04
CA SER D 86 21.65 4.69 17.62
C SER D 86 22.90 5.02 16.82
N GLU D 87 23.09 4.48 15.61
CA GLU D 87 24.21 4.93 14.78
C GLU D 87 24.06 6.40 14.42
N MET D 88 22.86 6.81 14.00
CA MET D 88 22.68 8.20 13.59
C MET D 88 22.89 9.15 14.75
N THR D 89 22.56 8.72 15.97
CA THR D 89 22.77 9.57 17.13
C THR D 89 24.24 9.79 17.40
N VAL D 90 25.04 8.71 17.36
CA VAL D 90 26.48 8.86 17.64
C VAL D 90 27.16 9.59 16.49
N LEU D 91 26.59 9.51 15.29
CA LEU D 91 27.08 10.35 14.20
C LEU D 91 26.81 11.82 14.47
N SER D 92 25.56 12.15 14.83
CA SER D 92 25.20 13.54 15.11
C SER D 92 25.91 14.05 16.35
N ALA D 93 26.28 13.16 17.25
CA ALA D 93 27.05 13.54 18.44
C ALA D 93 28.53 13.76 18.14
N THR D 94 28.91 13.85 16.87
CA THR D 94 30.29 14.10 16.47
C THR D 94 30.43 15.44 15.75
N GLY D 95 29.40 15.88 15.05
CA GLY D 95 29.43 17.18 14.40
C GLY D 95 28.88 17.24 13.00
N MET D 96 28.22 16.20 12.51
CA MET D 96 27.62 16.25 11.17
C MET D 96 26.14 16.62 11.31
N SER D 97 25.69 17.54 10.46
CA SER D 97 24.35 18.08 10.56
C SER D 97 23.44 17.50 9.48
N GLN D 98 22.15 17.89 9.54
CA GLN D 98 21.19 17.41 8.57
C GLN D 98 21.50 17.93 7.17
N LYS D 99 22.14 19.09 7.07
CA LYS D 99 22.62 19.55 5.77
C LYS D 99 23.65 18.58 5.21
N ARG D 100 24.53 18.08 6.08
CA ARG D 100 25.48 17.06 5.65
C ARG D 100 24.76 15.78 5.24
N LEU D 101 23.67 15.45 5.92
CA LEU D 101 22.86 14.30 5.52
C LEU D 101 22.30 14.48 4.12
N LEU D 102 21.77 15.67 3.83
CA LEU D 102 21.26 15.95 2.49
C LEU D 102 22.36 15.87 1.45
N GLY D 103 23.54 16.41 1.77
CA GLY D 103 24.66 16.35 0.85
C GLY D 103 25.09 14.92 0.55
N TYR D 104 25.12 14.07 1.58
CA TYR D 104 25.44 12.66 1.37
C TYR D 104 24.37 11.97 0.55
N THR D 105 23.10 12.27 0.82
CA THR D 105 22.01 11.54 0.19
C THR D 105 21.79 11.99 -1.25
N MET D 106 22.30 13.17 -1.62
CA MET D 106 22.10 13.65 -2.99
C MET D 106 22.73 12.74 -4.03
N ALA D 107 23.85 12.11 -3.70
CA ALA D 107 24.51 11.26 -4.69
C ALA D 107 23.67 10.04 -5.09
N PRO D 108 23.13 9.23 -4.17
CA PRO D 108 22.16 8.21 -4.62
C PRO D 108 20.96 8.81 -5.31
N ALA D 109 20.51 9.98 -4.83
CA ALA D 109 19.42 10.68 -5.50
C ALA D 109 19.81 11.06 -6.92
N LEU D 110 21.06 11.51 -7.11
CA LEU D 110 21.53 11.86 -8.45
C LEU D 110 21.57 10.62 -9.35
N LEU D 111 22.00 9.47 -8.82
CA LEU D 111 22.03 8.26 -9.61
C LEU D 111 20.62 7.83 -10.03
N VAL D 112 19.67 7.86 -9.08
CA VAL D 112 18.29 7.51 -9.41
C VAL D 112 17.72 8.51 -10.41
N ALA D 113 18.07 9.78 -10.27
CA ALA D 113 17.60 10.79 -11.23
C ALA D 113 18.15 10.52 -12.62
N ILE D 114 19.42 10.11 -12.72
CA ILE D 114 19.99 9.76 -14.01
C ILE D 114 19.24 8.59 -14.62
N LEU D 115 18.97 7.55 -13.83
CA LEU D 115 18.27 6.38 -14.37
C LEU D 115 16.87 6.73 -14.84
N VAL D 116 16.11 7.48 -14.02
CA VAL D 116 14.75 7.82 -14.41
C VAL D 116 14.74 8.78 -15.59
N ALA D 117 15.74 9.65 -15.69
CA ALA D 117 15.85 10.53 -16.85
C ALA D 117 16.09 9.73 -18.13
N TRP D 118 16.99 8.74 -18.06
CA TRP D 118 17.17 7.84 -19.19
C TRP D 118 15.85 7.17 -19.58
N LEU D 119 15.15 6.60 -18.59
CA LEU D 119 13.91 5.89 -18.87
C LEU D 119 12.88 6.80 -19.51
N SER D 120 12.74 8.02 -18.99
CA SER D 120 11.75 8.95 -19.52
C SER D 120 12.11 9.39 -20.93
N LEU D 121 13.36 9.80 -21.14
CA LEU D 121 13.72 10.43 -22.41
C LEU D 121 13.79 9.42 -23.54
N PHE D 122 14.41 8.26 -23.33
CA PHE D 122 14.70 7.36 -24.45
C PHE D 122 14.01 6.00 -24.32
N LEU D 123 14.17 5.30 -23.20
CA LEU D 123 13.78 3.89 -23.16
C LEU D 123 12.27 3.72 -23.26
N ALA D 124 11.52 4.46 -22.43
CA ALA D 124 10.06 4.27 -22.40
C ALA D 124 9.38 4.61 -23.73
N PRO D 125 9.62 5.76 -24.36
CA PRO D 125 8.98 5.99 -25.67
C PRO D 125 9.39 4.97 -26.72
N GLN D 126 10.66 4.58 -26.75
CA GLN D 126 11.10 3.53 -27.65
C GLN D 126 10.42 2.20 -27.32
N GLY D 127 10.31 1.90 -26.03
CA GLY D 127 9.65 0.67 -25.62
C GLY D 127 8.20 0.61 -26.08
N ILE D 128 7.48 1.73 -25.95
CA ILE D 128 6.07 1.74 -26.33
C ILE D 128 5.91 1.74 -27.85
N ASN D 129 6.84 2.40 -28.56
CA ASN D 129 6.82 2.34 -30.02
C ASN D 129 7.02 0.91 -30.51
N GLN D 130 8.01 0.21 -29.94
CA GLN D 130 8.20 -1.20 -30.26
C GLN D 130 6.98 -2.01 -29.85
N PHE D 131 6.37 -1.68 -28.71
CA PHE D 131 5.15 -2.34 -28.28
C PHE D 131 4.09 -2.29 -29.36
N ALA D 132 3.80 -1.08 -29.85
CA ALA D 132 2.73 -0.93 -30.85
C ALA D 132 3.10 -1.63 -32.15
N LEU D 133 4.32 -1.40 -32.65
CA LEU D 133 4.70 -1.95 -33.95
C LEU D 133 4.74 -3.47 -33.91
N LEU D 134 5.42 -4.05 -32.92
CA LEU D 134 5.52 -5.50 -32.82
C LEU D 134 4.17 -6.13 -32.56
N LEU D 135 3.33 -5.48 -31.73
CA LEU D 135 1.98 -5.97 -31.52
C LEU D 135 1.26 -6.11 -32.86
N ASN D 136 1.22 -5.02 -33.63
CA ASN D 136 0.54 -5.04 -34.92
C ASN D 136 1.13 -6.10 -35.84
N LYS D 137 2.46 -6.28 -35.79
CA LYS D 137 3.09 -7.21 -36.72
C LYS D 137 2.77 -8.66 -36.36
N GLN D 138 3.18 -9.14 -35.20
CA GLN D 138 3.01 -10.57 -34.94
C GLN D 138 1.73 -10.87 -34.16
N ASP D 139 1.41 -10.06 -33.14
CA ASP D 139 0.28 -10.43 -32.31
C ASP D 139 -1.02 -10.41 -33.12
N THR D 140 -1.82 -11.45 -32.94
CA THR D 140 -3.08 -11.60 -33.66
C THR D 140 -4.24 -11.38 -32.71
N LEU D 141 -5.37 -10.99 -33.28
CA LEU D 141 -6.55 -10.63 -32.52
C LEU D 141 -7.57 -11.77 -32.59
N THR D 142 -8.54 -11.75 -31.68
CA THR D 142 -9.51 -12.82 -31.56
C THR D 142 -10.95 -12.35 -31.71
N GLU D 143 -11.17 -11.07 -32.02
CA GLU D 143 -12.53 -10.58 -32.24
C GLU D 143 -13.14 -11.21 -33.48
N PHE D 144 -12.30 -11.50 -34.48
CA PHE D 144 -12.78 -12.23 -35.65
C PHE D 144 -12.64 -13.73 -35.45
N ASP D 145 -11.65 -14.16 -34.66
CA ASP D 145 -11.37 -15.58 -34.51
C ASP D 145 -12.46 -16.28 -33.67
N THR D 146 -12.83 -15.68 -32.54
CA THR D 146 -13.74 -16.32 -31.59
C THR D 146 -14.88 -15.37 -31.25
N LEU D 147 -16.11 -15.80 -31.54
CA LEU D 147 -17.31 -15.07 -31.19
C LEU D 147 -18.44 -16.05 -30.87
N VAL D 148 -19.37 -15.59 -30.05
CA VAL D 148 -20.68 -16.22 -29.89
C VAL D 148 -21.63 -15.52 -30.86
N PRO D 149 -22.29 -16.25 -31.76
CA PRO D 149 -23.08 -15.58 -32.80
C PRO D 149 -24.12 -14.60 -32.27
N GLY D 150 -25.01 -15.05 -31.38
CA GLY D 150 -26.06 -14.18 -30.90
C GLY D 150 -25.54 -13.04 -30.04
N ARG D 151 -24.35 -13.19 -29.48
CA ARG D 151 -23.80 -12.19 -28.58
C ARG D 151 -23.41 -10.92 -29.34
N PHE D 152 -23.84 -9.78 -28.80
CA PHE D 152 -23.35 -8.49 -29.30
C PHE D 152 -21.92 -8.25 -28.86
N GLN D 153 -21.09 -7.79 -29.78
CA GLN D 153 -19.71 -7.42 -29.49
C GLN D 153 -19.56 -5.91 -29.66
N ALA D 154 -19.11 -5.25 -28.60
CA ALA D 154 -18.89 -3.80 -28.61
C ALA D 154 -17.39 -3.54 -28.62
N MET D 155 -16.97 -2.67 -29.53
CA MET D 155 -15.56 -2.32 -29.66
C MET D 155 -15.37 -0.84 -29.35
N ARG D 156 -14.21 -0.53 -28.76
CA ARG D 156 -13.85 0.85 -28.43
C ARG D 156 -14.94 1.52 -27.60
N ASP D 157 -15.45 0.76 -26.62
CA ASP D 157 -16.58 1.18 -25.78
C ASP D 157 -17.78 1.44 -26.69
N GLY D 158 -18.43 2.60 -26.60
CA GLY D 158 -19.71 2.76 -27.27
C GLY D 158 -19.60 3.16 -28.72
N THR D 159 -18.39 3.47 -29.18
CA THR D 159 -18.24 3.97 -30.55
C THR D 159 -18.51 2.87 -31.58
N ARG D 160 -18.03 1.66 -31.33
CA ARG D 160 -18.11 0.57 -32.29
C ARG D 160 -18.84 -0.62 -31.68
N VAL D 161 -19.78 -1.18 -32.45
CA VAL D 161 -20.49 -2.39 -32.08
C VAL D 161 -20.51 -3.32 -33.29
N THR D 162 -20.14 -4.58 -33.07
CA THR D 162 -20.11 -5.58 -34.13
C THR D 162 -20.97 -6.77 -33.74
N TYR D 163 -21.75 -7.28 -34.69
CA TYR D 163 -22.62 -8.42 -34.46
C TYR D 163 -22.74 -9.23 -35.74
N THR D 164 -22.79 -10.54 -35.59
CA THR D 164 -22.97 -11.45 -36.72
C THR D 164 -24.05 -12.47 -36.40
N GLU D 165 -24.68 -13.00 -37.44
CA GLU D 165 -25.70 -14.02 -37.23
C GLU D 165 -25.08 -15.36 -36.88
N GLU D 166 -23.96 -15.70 -37.49
CA GLU D 166 -23.26 -16.96 -37.24
C GLU D 166 -21.82 -16.82 -37.72
N LEU D 167 -20.89 -17.35 -36.94
CA LEU D 167 -19.47 -17.29 -37.26
C LEU D 167 -18.92 -18.70 -37.44
N SER D 168 -18.25 -18.93 -38.56
CA SER D 168 -17.58 -20.20 -38.80
C SER D 168 -16.32 -20.30 -37.93
N LYS D 169 -16.16 -21.44 -37.26
CA LYS D 169 -15.03 -21.62 -36.36
C LYS D 169 -13.70 -21.53 -37.11
N ASP D 170 -13.69 -21.90 -38.39
CA ASP D 170 -12.49 -21.79 -39.20
C ASP D 170 -12.17 -20.34 -39.54
N ARG D 171 -13.07 -19.42 -39.20
CA ARG D 171 -12.93 -17.98 -39.40
C ARG D 171 -13.18 -17.62 -40.85
N GLY D 172 -13.87 -16.52 -41.09
CA GLY D 172 -14.32 -16.15 -42.42
C GLY D 172 -15.52 -16.96 -42.85
N GLU D 173 -16.10 -16.56 -43.99
CA GLU D 173 -17.30 -17.19 -44.52
C GLU D 173 -18.42 -17.22 -43.48
N LEU D 174 -18.59 -16.09 -42.80
CA LEU D 174 -19.53 -15.98 -41.69
C LEU D 174 -20.96 -15.90 -42.22
N ALA D 175 -21.91 -15.67 -41.32
CA ALA D 175 -23.28 -15.34 -41.71
C ALA D 175 -23.43 -13.83 -41.78
N GLY D 176 -24.66 -13.34 -41.85
CA GLY D 176 -24.88 -11.91 -41.91
C GLY D 176 -24.26 -11.20 -40.73
N ILE D 177 -23.57 -10.08 -41.00
CA ILE D 177 -22.85 -9.32 -39.99
C ILE D 177 -23.53 -7.97 -39.84
N PHE D 178 -23.52 -7.43 -38.63
CA PHE D 178 -24.01 -6.09 -38.34
C PHE D 178 -22.88 -5.30 -37.69
N ILE D 179 -22.35 -4.33 -38.43
CA ILE D 179 -21.22 -3.51 -37.98
C ILE D 179 -21.69 -2.08 -37.82
N SER D 180 -21.51 -1.52 -36.63
CA SER D 180 -21.92 -0.15 -36.33
C SER D 180 -20.76 0.59 -35.72
N GLN D 181 -20.44 1.76 -36.28
CA GLN D 181 -19.39 2.63 -35.76
C GLN D 181 -19.92 4.05 -35.65
N LYS D 182 -19.73 4.65 -34.48
CA LYS D 182 -20.14 6.02 -34.22
C LYS D 182 -18.89 6.79 -33.80
N ASP D 183 -18.26 7.45 -34.77
CA ASP D 183 -17.03 8.18 -34.49
C ASP D 183 -17.32 9.46 -33.73
N LEU D 184 -16.42 9.81 -32.81
CA LEU D 184 -16.55 11.01 -32.00
C LEU D 184 -15.85 12.18 -32.69
N ASN D 185 -15.64 13.28 -31.97
CA ASN D 185 -15.01 14.49 -32.49
C ASN D 185 -15.85 15.13 -33.59
N SER D 186 -17.16 15.22 -33.36
CA SER D 186 -18.14 15.86 -34.25
C SER D 186 -18.25 15.17 -35.60
N SER D 187 -17.57 14.04 -35.81
CA SER D 187 -17.69 13.33 -37.08
C SER D 187 -19.12 12.83 -37.28
N ASN D 188 -19.75 12.31 -36.23
CA ASN D 188 -21.16 11.94 -36.31
C ASN D 188 -22.02 13.17 -36.53
N GLN D 189 -21.64 14.31 -35.96
CA GLN D 189 -22.36 15.55 -36.19
C GLN D 189 -22.30 15.97 -37.66
N GLU D 190 -21.14 15.77 -38.29
CA GLU D 190 -21.00 16.14 -39.70
C GLU D 190 -21.95 15.36 -40.59
N ARG D 191 -21.94 14.02 -40.48
CA ARG D 191 -22.76 13.21 -41.36
C ARG D 191 -23.83 12.44 -40.60
N GLY D 192 -23.42 11.62 -39.64
CA GLY D 192 -24.36 10.79 -38.92
C GLY D 192 -23.72 9.48 -38.51
N ILE D 193 -24.57 8.49 -38.25
CA ILE D 193 -24.12 7.18 -37.79
C ILE D 193 -24.00 6.23 -38.97
N SER D 194 -22.87 5.54 -39.06
CA SER D 194 -22.59 4.61 -40.14
C SER D 194 -22.77 3.19 -39.65
N ILE D 195 -23.52 2.39 -40.40
CA ILE D 195 -23.77 0.99 -40.06
C ILE D 195 -23.51 0.13 -41.29
N LEU D 196 -22.97 -1.06 -41.05
CA LEU D 196 -22.62 -1.99 -42.11
C LEU D 196 -23.38 -3.29 -41.91
N VAL D 197 -23.99 -3.79 -42.99
CA VAL D 197 -24.69 -5.07 -42.98
C VAL D 197 -24.24 -5.86 -44.21
N ALA D 198 -23.95 -7.14 -44.01
CA ALA D 198 -23.48 -8.01 -45.07
C ALA D 198 -24.22 -9.34 -45.02
N GLU D 199 -24.00 -10.18 -46.05
CA GLU D 199 -24.65 -11.49 -46.07
C GLU D 199 -23.75 -12.56 -45.48
N LYS D 200 -22.51 -12.69 -45.97
CA LYS D 200 -21.64 -13.72 -45.44
C LYS D 200 -20.37 -13.14 -44.83
N GLY D 201 -19.64 -12.34 -45.60
CA GLY D 201 -18.38 -11.78 -45.13
C GLY D 201 -17.27 -12.82 -45.07
N THR D 202 -16.05 -12.35 -45.31
CA THR D 202 -14.87 -13.20 -45.30
C THR D 202 -13.71 -12.48 -44.64
N GLN D 203 -13.12 -13.10 -43.63
CA GLN D 203 -12.01 -12.53 -42.88
C GLN D 203 -10.71 -13.16 -43.34
N ASN D 204 -9.72 -12.31 -43.63
CA ASN D 204 -8.40 -12.75 -44.09
C ASN D 204 -7.33 -12.16 -43.18
N ILE D 205 -6.42 -13.01 -42.72
CA ILE D 205 -5.25 -12.59 -41.95
C ILE D 205 -4.01 -12.85 -42.79
N GLN D 206 -3.10 -11.89 -42.80
CA GLN D 206 -1.92 -11.95 -43.66
C GLN D 206 -0.90 -10.92 -43.19
N ALA D 207 0.25 -10.91 -43.86
CA ALA D 207 1.27 -9.91 -43.56
C ALA D 207 1.09 -8.67 -44.40
N ASP D 208 0.71 -8.82 -45.67
CA ASP D 208 0.47 -7.68 -46.54
C ASP D 208 -0.66 -6.81 -45.99
N GLY D 209 -1.77 -7.43 -45.61
CA GLY D 209 -2.84 -6.72 -44.95
C GLY D 209 -3.03 -7.22 -43.53
N SER D 210 -3.19 -6.31 -42.57
CA SER D 210 -3.36 -6.73 -41.18
C SER D 210 -4.59 -7.63 -41.03
N ARG D 211 -5.77 -7.08 -41.27
CA ARG D 211 -7.00 -7.87 -41.25
C ARG D 211 -7.90 -7.39 -42.38
N TYR D 212 -8.27 -8.32 -43.25
CA TYR D 212 -9.09 -8.01 -44.43
C TYR D 212 -10.44 -8.70 -44.29
N LEU D 213 -11.51 -7.91 -44.40
CA LEU D 213 -12.87 -8.43 -44.38
C LEU D 213 -13.52 -8.18 -45.73
N ILE D 214 -13.92 -9.25 -46.41
CA ILE D 214 -14.55 -9.18 -47.73
C ILE D 214 -15.97 -9.73 -47.60
N LEU D 215 -16.95 -8.91 -47.98
CA LEU D 215 -18.34 -9.32 -47.88
C LEU D 215 -18.75 -10.11 -49.12
N HIS D 216 -19.62 -11.12 -48.93
CA HIS D 216 -20.22 -11.78 -50.07
C HIS D 216 -21.25 -10.89 -50.75
N ASN D 217 -22.15 -10.29 -49.95
CA ASN D 217 -23.01 -9.21 -50.39
C ASN D 217 -23.29 -8.32 -49.19
N GLY D 218 -23.22 -7.01 -49.39
CA GLY D 218 -23.28 -6.09 -48.28
C GLY D 218 -23.94 -4.78 -48.63
N TYR D 219 -24.16 -3.97 -47.60
CA TYR D 219 -24.80 -2.67 -47.74
C TYR D 219 -24.20 -1.72 -46.71
N ARG D 220 -24.23 -0.43 -47.03
CA ARG D 220 -23.80 0.62 -46.11
C ARG D 220 -24.85 1.74 -46.10
N TYR D 221 -25.44 1.97 -44.94
CA TYR D 221 -26.41 3.06 -44.75
C TYR D 221 -25.85 4.02 -43.71
N ASP D 222 -25.83 5.31 -44.05
CA ASP D 222 -25.24 6.33 -43.20
C ASP D 222 -26.15 7.54 -43.15
N GLY D 223 -26.63 7.88 -41.97
CA GLY D 223 -27.48 9.03 -41.78
C GLY D 223 -28.04 9.07 -40.38
N ASN D 224 -28.50 10.25 -39.98
CA ASN D 224 -29.07 10.39 -38.64
C ASN D 224 -30.35 9.56 -38.52
N PRO D 225 -30.55 8.87 -37.40
CA PRO D 225 -31.75 8.03 -37.26
C PRO D 225 -33.05 8.82 -37.35
N GLY D 226 -33.06 10.07 -36.89
CA GLY D 226 -34.28 10.85 -36.95
C GLY D 226 -34.39 11.71 -38.20
N GLN D 227 -33.25 12.12 -38.74
CA GLN D 227 -33.25 12.99 -39.92
C GLN D 227 -33.24 12.15 -41.20
N ALA D 228 -33.73 12.75 -42.28
CA ALA D 228 -34.01 11.99 -43.49
C ALA D 228 -32.81 11.97 -44.43
N ASN D 229 -31.74 12.69 -44.11
CA ASN D 229 -30.56 12.69 -44.97
C ASN D 229 -29.75 11.41 -44.75
N TYR D 230 -29.76 10.54 -45.77
CA TYR D 230 -29.09 9.25 -45.67
C TYR D 230 -28.23 9.02 -46.90
N ARG D 231 -27.19 8.21 -46.72
CA ARG D 231 -26.40 7.69 -47.83
C ARG D 231 -26.42 6.17 -47.76
N ALA D 232 -26.91 5.53 -48.82
CA ALA D 232 -26.99 4.08 -48.88
C ALA D 232 -26.08 3.58 -49.98
N ILE D 233 -25.19 2.66 -49.64
CA ILE D 233 -24.23 2.09 -50.58
C ILE D 233 -24.48 0.59 -50.68
N GLN D 234 -24.69 0.12 -51.91
CA GLN D 234 -25.01 -1.28 -52.19
C GLN D 234 -23.90 -1.89 -53.03
N TYR D 235 -23.46 -3.09 -52.66
CA TYR D 235 -22.36 -3.76 -53.32
C TYR D 235 -22.37 -5.22 -52.93
N ASP D 236 -21.47 -6.01 -53.52
CA ASP D 236 -21.31 -7.39 -53.09
C ASP D 236 -20.11 -7.53 -52.16
N THR D 237 -18.95 -7.02 -52.55
CA THR D 237 -17.76 -7.06 -51.71
C THR D 237 -17.59 -5.70 -51.03
N TYR D 238 -16.63 -5.66 -50.09
CA TYR D 238 -16.29 -4.47 -49.31
C TYR D 238 -15.02 -4.82 -48.55
N GLY D 239 -14.36 -3.80 -47.99
CA GLY D 239 -13.08 -3.97 -47.34
C GLY D 239 -13.09 -3.59 -45.87
N VAL D 240 -12.01 -4.01 -45.20
CA VAL D 240 -11.66 -3.60 -43.84
C VAL D 240 -10.15 -3.69 -43.74
N MET D 241 -9.53 -2.69 -43.09
CA MET D 241 -8.08 -2.64 -43.07
C MET D 241 -7.63 -1.85 -41.86
N LEU D 242 -6.36 -2.06 -41.46
CA LEU D 242 -5.74 -1.60 -40.22
C LEU D 242 -6.69 -1.56 -39.03
N PRO D 243 -7.24 -2.70 -38.59
CA PRO D 243 -7.94 -2.69 -37.30
C PRO D 243 -6.98 -2.92 -36.14
N LYS D 244 -6.78 -1.89 -35.31
CA LYS D 244 -5.90 -1.98 -34.14
C LYS D 244 -6.65 -1.46 -32.92
N PRO D 245 -7.60 -2.25 -32.40
CA PRO D 245 -8.36 -1.76 -31.24
C PRO D 245 -7.51 -1.52 -30.01
N GLU D 246 -6.64 -2.47 -29.64
CA GLU D 246 -5.97 -2.40 -28.35
C GLU D 246 -5.01 -1.21 -28.26
N ALA D 247 -4.19 -1.00 -29.31
CA ALA D 247 -3.13 0.00 -29.23
C ALA D 247 -3.70 1.39 -28.98
N SER D 248 -4.90 1.67 -29.49
CA SER D 248 -5.57 2.92 -29.18
C SER D 248 -5.90 3.01 -27.69
N SER D 249 -6.38 1.92 -27.10
CA SER D 249 -6.74 1.93 -25.68
C SER D 249 -5.49 1.92 -24.81
N GLU D 250 -4.45 1.19 -25.24
CA GLU D 250 -3.23 1.09 -24.45
C GLU D 250 -2.56 2.45 -24.26
N VAL D 251 -2.10 3.07 -25.35
CA VAL D 251 -1.39 4.34 -25.27
C VAL D 251 -1.97 5.31 -26.28
N SER D 252 -1.74 6.60 -26.00
CA SER D 252 -2.07 7.67 -26.92
C SER D 252 -0.98 7.81 -27.97
N GLU D 253 -1.32 8.51 -29.06
CA GLU D 253 -0.36 8.71 -30.14
C GLU D 253 0.84 9.52 -29.67
N ARG D 254 0.66 10.37 -28.66
CA ARG D 254 1.75 11.22 -28.19
C ARG D 254 2.76 10.44 -27.36
N ASP D 255 2.34 9.30 -26.81
CA ASP D 255 3.21 8.55 -25.91
C ASP D 255 4.46 8.01 -26.60
N ALA D 256 4.33 7.45 -27.79
CA ALA D 256 5.46 6.88 -28.50
C ALA D 256 6.25 7.90 -29.32
N VAL D 257 5.85 9.16 -29.29
CA VAL D 257 6.57 10.19 -30.05
C VAL D 257 7.98 10.34 -29.50
N PRO D 258 9.03 10.23 -30.32
CA PRO D 258 10.39 10.40 -29.81
C PRO D 258 10.65 11.83 -29.37
N THR D 259 11.55 11.99 -28.40
CA THR D 259 11.84 13.29 -27.82
C THR D 259 12.63 14.19 -28.77
N ALA D 260 13.11 13.66 -29.90
CA ALA D 260 13.91 14.46 -30.81
C ALA D 260 13.11 15.60 -31.42
N ASP D 261 11.92 15.30 -31.95
CA ASP D 261 11.06 16.30 -32.56
C ASP D 261 10.03 16.87 -31.60
N LEU D 262 10.05 16.45 -30.33
CA LEU D 262 8.97 16.79 -29.41
C LEU D 262 9.06 18.24 -28.96
N PHE D 263 10.27 18.72 -28.65
CA PHE D 263 10.41 20.08 -28.13
C PHE D 263 10.27 21.12 -29.24
N GLY D 264 10.68 20.77 -30.46
CA GLY D 264 10.60 21.71 -31.56
C GLY D 264 9.18 22.05 -31.97
N SER D 265 8.26 21.08 -31.85
CA SER D 265 6.90 21.27 -32.32
C SER D 265 6.16 22.29 -31.46
N ASP D 266 5.11 22.87 -32.03
CA ASP D 266 4.32 23.91 -31.38
C ASP D 266 2.97 23.42 -30.88
N ASN D 267 2.64 22.14 -31.07
CA ASN D 267 1.39 21.61 -30.57
C ASN D 267 1.41 21.64 -29.04
N PRO D 268 0.39 22.24 -28.39
CA PRO D 268 0.42 22.30 -26.92
C PRO D 268 0.47 20.94 -26.25
N ARG D 269 -0.11 19.92 -26.87
CA ARG D 269 -0.04 18.57 -26.31
C ARG D 269 1.41 18.09 -26.22
N TYR D 270 2.19 18.32 -27.28
CA TYR D 270 3.59 17.89 -27.27
C TYR D 270 4.40 18.72 -26.28
N GLN D 271 4.09 20.00 -26.15
CA GLN D 271 4.78 20.83 -25.16
C GLN D 271 4.48 20.35 -23.75
N ALA D 272 3.24 19.97 -23.48
CA ALA D 272 2.90 19.41 -22.17
C ALA D 272 3.60 18.09 -21.93
N GLU D 273 3.69 17.25 -22.97
CA GLU D 273 4.39 15.98 -22.84
C GLU D 273 5.87 16.19 -22.53
N LEU D 274 6.48 17.20 -23.16
CA LEU D 274 7.88 17.49 -22.89
C LEU D 274 8.10 17.87 -21.42
N GLN D 275 7.23 18.71 -20.88
CA GLN D 275 7.34 19.08 -19.47
C GLN D 275 7.09 17.89 -18.57
N TRP D 276 6.15 17.02 -18.96
CA TRP D 276 5.88 15.83 -18.15
C TRP D 276 7.09 14.89 -18.11
N ARG D 277 7.76 14.70 -19.24
CA ARG D 277 8.90 13.78 -19.28
C ARG D 277 10.06 14.30 -18.44
N LEU D 278 10.24 15.62 -18.41
CA LEU D 278 11.33 16.20 -17.63
C LEU D 278 10.97 16.37 -16.16
N SER D 279 9.74 16.02 -15.78
CA SER D 279 9.31 16.24 -14.40
C SER D 279 9.92 15.21 -13.45
N THR D 280 10.15 13.98 -13.93
CA THR D 280 10.57 12.90 -13.04
C THR D 280 11.89 13.13 -12.33
N PRO D 281 12.96 13.67 -12.95
CA PRO D 281 14.19 13.89 -12.17
C PRO D 281 14.01 14.89 -11.03
N LEU D 282 13.34 16.01 -11.29
CA LEU D 282 13.08 16.97 -10.22
C LEU D 282 12.16 16.37 -9.17
N LEU D 283 11.24 15.48 -9.59
CA LEU D 283 10.42 14.77 -8.63
C LEU D 283 11.29 13.90 -7.71
N VAL D 284 12.28 13.21 -8.30
CA VAL D 284 13.19 12.39 -7.51
C VAL D 284 13.95 13.27 -6.52
N PHE D 285 14.46 14.41 -6.99
CA PHE D 285 15.20 15.31 -6.11
C PHE D 285 14.34 15.84 -4.96
N VAL D 286 13.10 16.23 -5.26
CA VAL D 286 12.21 16.74 -4.22
C VAL D 286 11.87 15.65 -3.21
N VAL D 287 11.64 14.42 -3.70
CA VAL D 287 11.36 13.31 -2.80
C VAL D 287 12.55 13.06 -1.88
N THR D 288 13.77 13.08 -2.44
CA THR D 288 14.95 12.90 -1.61
C THR D 288 15.08 14.02 -0.58
N LEU D 289 14.79 15.26 -0.99
CA LEU D 289 14.90 16.39 -0.07
C LEU D 289 13.92 16.25 1.09
N LEU D 290 12.68 15.87 0.80
CA LEU D 290 11.65 15.79 1.83
C LEU D 290 11.64 14.45 2.56
N ALA D 291 12.48 13.50 2.16
CA ALA D 291 12.52 12.20 2.80
C ALA D 291 13.38 12.18 4.06
N VAL D 292 14.53 12.85 4.04
CA VAL D 292 15.50 12.79 5.14
C VAL D 292 14.92 13.32 6.45
N PRO D 293 14.29 14.50 6.48
CA PRO D 293 13.72 14.97 7.76
C PRO D 293 12.64 14.04 8.31
N LEU D 294 11.88 13.37 7.45
CA LEU D 294 10.83 12.46 7.91
C LEU D 294 11.37 11.16 8.48
N SER D 295 12.65 10.87 8.29
CA SER D 295 13.23 9.61 8.74
C SER D 295 13.60 9.59 10.21
N ARG D 296 13.42 10.71 10.91
CA ARG D 296 13.72 10.80 12.34
C ARG D 296 12.60 10.12 13.11
N VAL D 297 12.86 8.91 13.59
CA VAL D 297 11.88 8.14 14.34
C VAL D 297 12.52 7.65 15.64
N ASN D 298 11.82 7.83 16.74
CA ASN D 298 12.17 7.25 18.03
C ASN D 298 11.63 5.83 18.13
N PRO D 299 12.20 4.99 19.00
CA PRO D 299 11.73 3.60 19.07
C PRO D 299 10.30 3.44 19.55
N ARG D 300 9.65 4.52 19.99
CA ARG D 300 8.25 4.41 20.39
C ARG D 300 7.35 4.11 19.18
N GLN D 301 7.52 4.86 18.10
CA GLN D 301 6.68 4.72 16.92
C GLN D 301 7.27 3.80 15.86
N GLY D 302 8.44 3.22 16.11
CA GLY D 302 8.99 2.24 15.19
C GLY D 302 9.49 2.83 13.89
N ARG D 303 9.57 1.94 12.89
CA ARG D 303 10.12 2.28 11.58
C ARG D 303 9.07 2.30 10.47
N PHE D 304 8.08 1.41 10.53
CA PHE D 304 7.11 1.26 9.47
C PHE D 304 5.87 2.13 9.64
N LEU D 305 5.82 2.97 10.67
CA LEU D 305 4.60 3.73 10.96
C LEU D 305 4.30 4.74 9.85
N LYS D 306 5.32 5.41 9.34
CA LYS D 306 5.13 6.51 8.39
C LYS D 306 5.46 6.10 6.95
N LEU D 307 5.13 4.88 6.54
CA LEU D 307 5.28 4.46 5.17
C LEU D 307 4.01 4.65 4.35
N LEU D 308 2.85 4.31 4.90
CA LEU D 308 1.59 4.55 4.23
C LEU D 308 1.33 6.03 3.98
N PRO D 309 1.56 6.95 4.93
CA PRO D 309 1.44 8.38 4.59
C PRO D 309 2.34 8.80 3.45
N ALA D 310 3.57 8.26 3.39
CA ALA D 310 4.45 8.56 2.27
C ALA D 310 3.88 8.04 0.96
N ILE D 311 3.32 6.83 0.98
CA ILE D 311 2.70 6.26 -0.21
C ILE D 311 1.58 7.15 -0.72
N LEU D 312 0.68 7.56 0.19
CA LEU D 312 -0.45 8.38 -0.22
C LEU D 312 -0.01 9.76 -0.66
N LEU D 313 1.04 10.31 -0.05
CA LEU D 313 1.58 11.60 -0.48
C LEU D 313 2.13 11.50 -1.90
N TYR D 314 2.86 10.42 -2.20
CA TYR D 314 3.39 10.27 -3.56
C TYR D 314 2.27 10.08 -4.57
N MET D 315 1.23 9.33 -4.21
CA MET D 315 0.09 9.17 -5.11
C MET D 315 -0.61 10.50 -5.36
N GLY D 316 -0.76 11.32 -4.31
CA GLY D 316 -1.33 12.65 -4.51
C GLY D 316 -0.47 13.53 -5.40
N TYR D 317 0.86 13.46 -5.22
CA TYR D 317 1.78 14.17 -6.10
C TYR D 317 1.55 13.78 -7.55
N LEU D 318 1.50 12.47 -7.82
CA LEU D 318 1.33 12.00 -9.19
C LEU D 318 -0.02 12.42 -9.76
N ALA D 319 -1.09 12.33 -8.95
CA ALA D 319 -2.41 12.72 -9.43
C ALA D 319 -2.47 14.20 -9.77
N LEU D 320 -1.87 15.05 -8.91
CA LEU D 320 -1.83 16.47 -9.20
C LEU D 320 -1.02 16.75 -10.46
N LEU D 321 0.08 16.05 -10.65
CA LEU D 321 0.87 16.20 -11.88
C LEU D 321 0.04 15.85 -13.10
N ILE D 322 -0.72 14.75 -13.02
CA ILE D 322 -1.52 14.31 -14.15
C ILE D 322 -2.61 15.33 -14.47
N ALA D 323 -3.28 15.83 -13.44
CA ALA D 323 -4.35 16.81 -13.66
C ALA D 323 -3.79 18.10 -14.27
N VAL D 324 -2.64 18.57 -13.77
CA VAL D 324 -2.04 19.77 -14.30
C VAL D 324 -1.62 19.57 -15.75
N ARG D 325 -1.05 18.39 -16.07
CA ARG D 325 -0.68 18.11 -17.45
C ARG D 325 -1.90 18.08 -18.36
N GLY D 326 -3.01 17.51 -17.88
CA GLY D 326 -4.22 17.50 -18.68
C GLY D 326 -4.75 18.89 -18.97
N GLN D 327 -4.81 19.74 -17.93
CA GLN D 327 -5.28 21.11 -18.15
C GLN D 327 -4.29 21.89 -19.00
N LEU D 328 -3.01 21.51 -18.96
CA LEU D 328 -2.02 22.17 -19.80
C LEU D 328 -2.22 21.82 -21.28
N ASP D 329 -2.39 20.53 -21.59
CA ASP D 329 -2.54 20.14 -22.99
C ASP D 329 -3.90 20.59 -23.52
N LYS D 330 -4.88 20.76 -22.63
CA LYS D 330 -6.13 21.38 -23.06
C LYS D 330 -5.94 22.85 -23.41
N GLY D 331 -4.89 23.47 -22.87
CA GLY D 331 -4.62 24.87 -23.12
C GLY D 331 -5.22 25.83 -22.12
N LYS D 332 -5.99 25.34 -21.14
CA LYS D 332 -6.58 26.22 -20.14
C LYS D 332 -5.51 26.92 -19.30
N ILE D 333 -4.49 26.17 -18.89
CA ILE D 333 -3.39 26.73 -18.10
C ILE D 333 -2.39 27.38 -19.03
N PRO D 334 -1.90 28.60 -18.73
CA PRO D 334 -0.87 29.20 -19.57
C PRO D 334 0.40 28.36 -19.63
N MET D 335 1.04 28.32 -20.80
CA MET D 335 2.23 27.50 -20.98
C MET D 335 3.43 28.06 -20.22
N ALA D 336 3.50 29.39 -20.06
CA ALA D 336 4.63 30.00 -19.38
C ALA D 336 4.76 29.48 -17.94
N ILE D 337 3.67 29.50 -17.19
CA ILE D 337 3.67 28.87 -15.87
C ILE D 337 3.86 27.37 -16.01
N GLY D 338 3.14 26.75 -16.94
CA GLY D 338 3.37 25.35 -17.26
C GLY D 338 3.11 24.43 -16.08
N LEU D 339 4.06 23.53 -15.83
CA LEU D 339 3.92 22.48 -14.84
C LEU D 339 4.80 22.70 -13.61
N TRP D 340 5.69 23.67 -13.62
CA TRP D 340 6.70 23.80 -12.56
C TRP D 340 6.12 24.32 -11.24
N TRP D 341 4.90 24.86 -11.23
CA TRP D 341 4.38 25.46 -10.00
C TRP D 341 4.05 24.42 -8.95
N VAL D 342 3.58 23.24 -9.34
CA VAL D 342 3.30 22.19 -8.37
C VAL D 342 4.60 21.65 -7.79
N HIS D 343 5.64 21.52 -8.63
CA HIS D 343 6.95 21.15 -8.10
C HIS D 343 7.46 22.18 -7.13
N GLY D 344 7.27 23.47 -7.44
CA GLY D 344 7.67 24.51 -6.51
C GLY D 344 6.92 24.43 -5.19
N LEU D 345 5.62 24.17 -5.25
CA LEU D 345 4.82 24.04 -4.02
C LEU D 345 5.31 22.88 -3.17
N PHE D 346 5.56 21.73 -3.80
CA PHE D 346 6.02 20.56 -3.05
C PHE D 346 7.43 20.79 -2.50
N LEU D 347 8.29 21.47 -3.26
CA LEU D 347 9.61 21.81 -2.74
C LEU D 347 9.51 22.75 -1.55
N ALA D 348 8.58 23.71 -1.59
CA ALA D 348 8.38 24.59 -0.46
C ALA D 348 7.90 23.83 0.77
N ILE D 349 6.98 22.87 0.57
CA ILE D 349 6.51 22.05 1.69
C ILE D 349 7.67 21.25 2.28
N GLY D 350 8.48 20.64 1.42
CA GLY D 350 9.62 19.89 1.91
C GLY D 350 10.64 20.76 2.62
N LEU D 351 10.88 21.96 2.11
CA LEU D 351 11.82 22.88 2.74
C LEU D 351 11.33 23.31 4.11
N LEU D 352 10.03 23.61 4.23
CA LEU D 352 9.48 23.94 5.54
C LEU D 352 9.60 22.75 6.49
N LEU D 353 9.39 21.54 5.99
CA LEU D 353 9.55 20.35 6.82
C LEU D 353 10.99 20.17 7.27
N PHE D 354 11.96 20.47 6.41
CA PHE D 354 13.36 20.23 6.75
C PHE D 354 13.88 21.29 7.72
N TYR D 355 13.42 22.53 7.60
CA TYR D 355 13.91 23.63 8.42
C TYR D 355 13.04 23.88 9.65
N TRP D 356 12.14 22.96 9.99
CA TRP D 356 11.24 23.16 11.11
C TRP D 356 12.02 23.30 12.43
N GLU D 357 12.96 22.38 12.67
CA GLU D 357 13.66 22.37 13.96
C GLU D 357 14.60 23.57 14.10
N PRO D 358 15.45 23.91 13.12
CA PRO D 358 16.26 25.14 13.29
C PRO D 358 15.40 26.38 13.44
N LEU D 359 14.29 26.49 12.72
CA LEU D 359 13.42 27.66 12.85
C LEU D 359 12.78 27.72 14.23
N ARG D 360 12.36 26.57 14.76
CA ARG D 360 11.81 26.55 16.11
C ARG D 360 12.86 26.95 17.14
N LEU D 361 14.09 26.47 16.98
CA LEU D 361 15.16 26.84 17.89
C LEU D 361 15.47 28.33 17.81
N LYS D 362 15.46 28.89 16.59
CA LYS D 362 15.65 30.33 16.44
C LYS D 362 14.53 31.10 17.10
N LEU D 363 13.29 30.64 16.96
CA LEU D 363 12.17 31.27 17.65
C LEU D 363 12.28 31.11 19.16
N ALA D 364 13.04 30.11 19.61
CA ALA D 364 13.28 29.95 21.04
C ALA D 364 14.36 30.90 21.56
N SER D 365 14.91 31.75 20.70
CA SER D 365 15.92 32.74 21.07
C SER D 365 17.16 32.08 21.67
N THR E 47 -2.11 1.00 -48.35
CA THR E 47 -3.15 0.09 -47.88
C THR E 47 -4.53 0.53 -48.35
N ILE E 48 -5.26 -0.41 -48.95
CA ILE E 48 -6.61 -0.15 -49.43
C ILE E 48 -7.59 -0.49 -48.32
N ASP E 49 -8.14 0.54 -47.67
CA ASP E 49 -9.03 0.32 -46.54
C ASP E 49 -10.29 -0.44 -46.97
N TYR E 50 -10.98 0.07 -47.98
CA TYR E 50 -12.26 -0.49 -48.39
C TYR E 50 -12.18 -0.78 -49.88
N TYR E 51 -12.57 -1.99 -50.29
CA TYR E 51 -12.59 -2.36 -51.69
C TYR E 51 -13.86 -3.14 -51.98
N ALA E 52 -14.71 -2.58 -52.84
CA ALA E 52 -16.01 -3.14 -53.14
C ALA E 52 -16.10 -3.46 -54.62
N GLU E 53 -16.98 -4.42 -54.94
CA GLU E 53 -17.35 -4.76 -56.30
C GLU E 53 -18.84 -4.48 -56.45
N ASN E 54 -19.25 -4.09 -57.66
CA ASN E 54 -20.66 -3.79 -57.95
C ASN E 54 -21.21 -2.72 -57.01
N ALA E 55 -20.42 -1.67 -56.79
CA ALA E 55 -20.76 -0.64 -55.81
C ALA E 55 -21.85 0.27 -56.36
N HIS E 56 -22.97 0.35 -55.62
CA HIS E 56 -24.08 1.23 -55.95
C HIS E 56 -24.41 2.07 -54.73
N SER E 57 -24.34 3.39 -54.86
CA SER E 57 -24.67 4.32 -53.78
C SER E 57 -25.97 5.03 -54.10
N LEU E 58 -26.86 5.11 -53.10
CA LEU E 58 -28.08 5.89 -53.20
C LEU E 58 -28.12 6.85 -52.02
N GLN E 59 -27.82 8.12 -52.28
CA GLN E 59 -27.74 9.14 -51.24
C GLN E 59 -28.98 10.02 -51.34
N TYR E 60 -29.96 9.76 -50.49
CA TYR E 60 -31.13 10.63 -50.39
C TYR E 60 -30.78 11.89 -49.63
N GLN E 61 -31.08 13.05 -50.21
CA GLN E 61 -30.81 14.31 -49.56
C GLN E 61 -31.78 14.53 -48.40
N GLU E 62 -31.50 15.55 -47.59
CA GLU E 62 -32.30 15.82 -46.41
C GLU E 62 -33.76 16.08 -46.77
N ASP E 63 -34.01 16.71 -47.92
CA ASP E 63 -35.38 16.93 -48.37
C ASP E 63 -36.07 15.62 -48.72
N GLY E 64 -35.34 14.67 -49.30
CA GLY E 64 -35.89 13.39 -49.71
C GLY E 64 -35.63 13.02 -51.15
N SER E 65 -35.08 13.94 -51.95
CA SER E 65 -34.74 13.66 -53.35
C SER E 65 -33.23 13.42 -53.43
N LEU E 66 -32.85 12.28 -54.03
CA LEU E 66 -31.46 11.89 -54.05
C LEU E 66 -30.59 12.93 -54.77
N ASP E 67 -29.69 13.56 -54.01
CA ASP E 67 -28.76 14.52 -54.60
C ASP E 67 -27.85 13.86 -55.61
N TYR E 68 -27.32 12.67 -55.29
CA TYR E 68 -26.51 11.91 -56.23
C TYR E 68 -26.65 10.43 -55.91
N GLU E 69 -26.36 9.61 -56.91
CA GLU E 69 -26.52 8.18 -56.75
C GLU E 69 -25.36 7.52 -57.46
N MET E 70 -24.34 7.13 -56.72
CA MET E 70 -23.15 6.56 -57.34
C MET E 70 -23.36 5.14 -57.85
N THR E 71 -22.97 4.89 -59.10
CA THR E 71 -23.04 3.54 -59.62
C THR E 71 -21.66 3.23 -60.14
N ALA E 72 -21.17 2.02 -59.90
CA ALA E 72 -19.81 1.69 -60.27
C ALA E 72 -19.62 0.18 -60.26
N VAL E 73 -18.67 -0.28 -61.06
CA VAL E 73 -18.25 -1.67 -60.98
C VAL E 73 -17.48 -1.92 -59.69
N LYS E 74 -16.67 -0.94 -59.26
CA LYS E 74 -15.85 -1.11 -58.07
C LYS E 74 -15.71 0.21 -57.34
N LEU E 75 -15.45 0.12 -56.04
CA LEU E 75 -15.19 1.27 -55.18
C LEU E 75 -14.01 0.95 -54.27
N GLU E 76 -13.10 1.92 -54.12
CA GLU E 76 -11.91 1.72 -53.31
C GLU E 76 -11.74 2.89 -52.35
N HIS E 77 -11.17 2.60 -51.17
CA HIS E 77 -10.94 3.60 -50.15
C HIS E 77 -9.67 3.25 -49.37
N GLN E 78 -8.96 4.28 -48.91
CA GLN E 78 -7.73 4.13 -48.16
C GLN E 78 -7.87 4.85 -46.82
N LYS E 79 -7.32 4.25 -45.76
CA LYS E 79 -7.43 4.86 -44.44
C LYS E 79 -6.17 5.63 -44.06
N ALA E 80 -4.99 5.15 -44.45
CA ALA E 80 -3.75 5.84 -44.12
C ALA E 80 -3.79 7.29 -44.60
N THR E 81 -4.26 7.49 -45.83
CA THR E 81 -4.74 8.79 -46.29
C THR E 81 -6.16 8.58 -46.79
N ASP E 82 -7.10 9.37 -46.26
CA ASP E 82 -8.51 9.14 -46.57
C ASP E 82 -8.86 9.49 -48.01
N ILE E 83 -7.87 9.81 -48.85
CA ILE E 83 -8.10 9.93 -50.28
C ILE E 83 -8.67 8.62 -50.80
N THR E 84 -9.68 8.71 -51.66
CA THR E 84 -10.36 7.53 -52.17
C THR E 84 -10.24 7.47 -53.69
N PHE E 85 -10.03 6.26 -54.20
CA PHE E 85 -9.96 5.99 -55.62
C PHE E 85 -11.21 5.22 -56.03
N VAL E 86 -11.88 5.68 -57.08
CA VAL E 86 -13.04 4.97 -57.62
C VAL E 86 -12.87 4.80 -59.11
N THR E 87 -12.40 3.63 -59.55
CA THR E 87 -12.17 3.41 -60.97
C THR E 87 -13.36 2.71 -61.61
N THR E 88 -13.57 3.03 -62.90
CA THR E 88 -14.71 2.55 -63.68
C THR E 88 -16.07 2.74 -63.01
N PRO E 89 -16.42 3.99 -62.62
CA PRO E 89 -17.80 4.23 -62.16
C PRO E 89 -18.71 4.73 -63.28
N ASP E 90 -20.01 4.81 -62.99
CA ASP E 90 -20.98 5.52 -63.84
C ASP E 90 -21.77 6.44 -62.90
N LEU E 91 -21.27 7.66 -62.74
CA LEU E 91 -21.80 8.56 -61.72
C LEU E 91 -23.03 9.30 -62.24
N LEU E 92 -24.08 9.32 -61.42
CA LEU E 92 -25.33 9.98 -61.77
C LEU E 92 -25.70 10.97 -60.68
N LEU E 93 -25.88 12.24 -61.06
CA LEU E 93 -26.29 13.30 -60.15
C LEU E 93 -27.51 14.01 -60.74
N PHE E 94 -28.70 13.48 -60.43
CA PHE E 94 -29.92 14.08 -60.95
C PHE E 94 -30.25 15.38 -60.22
N ARG E 95 -30.02 15.42 -58.90
CA ARG E 95 -30.32 16.60 -58.11
C ARG E 95 -29.07 17.33 -57.63
N GLY E 96 -27.89 16.77 -57.84
CA GLY E 96 -26.67 17.51 -57.54
C GLY E 96 -26.57 18.78 -58.35
N ASN E 97 -27.04 18.75 -59.60
CA ASN E 97 -27.20 19.92 -60.44
C ASN E 97 -28.63 19.97 -60.94
N VAL E 98 -29.06 21.18 -61.33
CA VAL E 98 -30.42 21.34 -61.86
C VAL E 98 -30.59 20.50 -63.12
N GLN E 99 -29.61 20.54 -64.01
CA GLN E 99 -29.63 19.67 -65.17
C GLN E 99 -29.31 18.23 -64.77
N PRO E 100 -30.01 17.25 -65.32
CA PRO E 100 -29.60 15.85 -65.11
C PRO E 100 -28.17 15.64 -65.59
N TRP E 101 -27.42 14.85 -64.83
CA TRP E 101 -26.00 14.66 -65.06
C TRP E 101 -25.67 13.18 -65.16
N HIS E 102 -25.06 12.78 -66.28
CA HIS E 102 -24.55 11.44 -66.48
C HIS E 102 -23.03 11.51 -66.60
N ILE E 103 -22.32 10.77 -65.75
CA ILE E 103 -20.87 10.80 -65.72
C ILE E 103 -20.36 9.38 -65.97
N GLN E 104 -19.43 9.25 -66.93
CA GLN E 104 -18.79 7.99 -67.26
C GLN E 104 -17.29 8.23 -67.23
N SER E 105 -16.64 7.78 -66.16
CA SER E 105 -15.23 8.06 -65.90
C SER E 105 -14.42 6.78 -66.04
N ALA E 106 -13.35 6.83 -66.83
CA ALA E 106 -12.41 5.72 -66.88
C ALA E 106 -11.59 5.65 -65.60
N ARG E 107 -11.12 6.80 -65.12
CA ARG E 107 -10.39 6.89 -63.86
C ARG E 107 -10.98 8.03 -63.04
N ALA E 108 -11.20 7.77 -61.75
CA ALA E 108 -11.80 8.77 -60.87
C ALA E 108 -11.20 8.64 -59.47
N GLU E 109 -11.35 9.71 -58.69
CA GLU E 109 -10.72 9.81 -57.38
C GLU E 109 -11.49 10.84 -56.55
N VAL E 110 -11.69 10.53 -55.27
CA VAL E 110 -12.48 11.38 -54.38
C VAL E 110 -11.66 11.67 -53.13
N GLY E 111 -11.56 12.94 -52.76
CA GLY E 111 -10.75 13.36 -51.64
C GLY E 111 -11.34 13.02 -50.29
N PRO E 112 -10.54 13.16 -49.23
CA PRO E 112 -11.03 12.86 -47.88
C PRO E 112 -12.20 13.75 -47.50
N LYS E 113 -13.16 13.16 -46.78
CA LYS E 113 -14.33 13.88 -46.27
C LYS E 113 -15.07 14.63 -47.38
N GLY E 114 -14.94 14.16 -48.60
CA GLY E 114 -15.55 14.85 -49.73
C GLY E 114 -14.99 16.24 -49.95
N LYS E 115 -13.70 16.42 -49.68
CA LYS E 115 -13.07 17.71 -49.94
C LYS E 115 -13.00 18.00 -51.44
N GLU E 116 -12.69 17.00 -52.25
CA GLU E 116 -12.48 17.25 -53.67
C GLU E 116 -12.78 15.96 -54.44
N VAL E 117 -13.07 16.11 -55.72
CA VAL E 117 -13.43 14.99 -56.60
C VAL E 117 -12.51 15.05 -57.81
N GLU E 118 -11.68 14.02 -57.98
CA GLU E 118 -10.71 13.99 -59.06
C GLU E 118 -11.13 12.97 -60.12
N LEU E 119 -11.28 13.43 -61.36
CA LEU E 119 -11.71 12.58 -62.47
C LEU E 119 -10.66 12.65 -63.57
N ILE E 120 -10.27 11.49 -64.11
CA ILE E 120 -9.12 11.40 -65.01
C ILE E 120 -9.52 10.60 -66.25
N ASP E 121 -8.71 10.74 -67.30
CA ASP E 121 -8.78 9.90 -68.50
C ASP E 121 -10.09 10.08 -69.27
N ASP E 122 -10.28 11.31 -69.78
CA ASP E 122 -11.38 11.63 -70.70
C ASP E 122 -12.74 11.31 -70.08
N VAL E 123 -13.03 11.99 -68.97
CA VAL E 123 -14.30 11.78 -68.28
C VAL E 123 -15.44 12.39 -69.08
N ARG E 124 -16.49 11.60 -69.27
CA ARG E 124 -17.67 12.01 -70.04
C ARG E 124 -18.75 12.45 -69.07
N VAL E 125 -19.07 13.74 -69.08
CA VAL E 125 -20.07 14.32 -68.19
C VAL E 125 -21.20 14.89 -69.04
N ALA E 126 -22.44 14.68 -68.58
CA ALA E 126 -23.62 15.09 -69.33
C ALA E 126 -24.30 16.26 -68.64
N ARG E 127 -24.69 17.27 -69.42
CA ARG E 127 -25.48 18.39 -68.94
C ARG E 127 -26.64 18.62 -69.89
N THR E 128 -27.74 19.13 -69.34
CA THR E 128 -28.98 19.32 -70.11
C THR E 128 -29.35 20.80 -70.12
N ASP E 129 -28.84 21.52 -71.10
CA ASP E 129 -29.34 22.84 -71.47
C ASP E 129 -30.50 22.65 -72.45
N ALA E 130 -30.94 23.69 -73.18
CA ALA E 130 -32.00 23.50 -74.17
C ALA E 130 -31.74 22.32 -75.09
N LYS E 131 -30.46 21.92 -75.24
CA LYS E 131 -30.10 20.68 -75.90
C LYS E 131 -30.45 19.53 -74.94
N GLY E 132 -31.54 18.82 -75.24
CA GLY E 132 -32.04 17.84 -74.29
C GLY E 132 -31.19 16.58 -74.21
N GLN E 133 -30.42 16.31 -75.26
CA GLN E 133 -29.58 15.11 -75.28
C GLN E 133 -28.49 15.24 -74.22
N PRO E 134 -28.16 14.15 -73.52
CA PRO E 134 -27.10 14.24 -72.49
C PRO E 134 -25.77 14.73 -73.05
N SER E 135 -25.39 14.26 -74.25
CA SER E 135 -24.18 14.69 -74.94
C SER E 135 -22.97 14.65 -73.99
N ILE E 136 -22.61 13.45 -73.55
CA ILE E 136 -21.52 13.24 -72.61
C ILE E 136 -20.29 14.02 -73.04
N LEU E 137 -19.77 14.85 -72.14
CA LEU E 137 -18.78 15.85 -72.48
C LEU E 137 -17.42 15.38 -71.97
N THR E 138 -16.49 15.16 -72.89
CA THR E 138 -15.20 14.59 -72.52
C THR E 138 -14.37 15.58 -71.72
N THR E 139 -13.83 15.13 -70.59
CA THR E 139 -12.96 15.94 -69.74
C THR E 139 -11.74 15.12 -69.37
N THR E 140 -10.56 15.57 -69.79
CA THR E 140 -9.34 14.77 -69.63
C THR E 140 -9.01 14.57 -68.16
N ARG E 141 -8.94 15.65 -67.39
CA ARG E 141 -8.59 15.57 -65.98
C ARG E 141 -9.08 16.83 -65.28
N LEU E 142 -9.83 16.63 -64.19
CA LEU E 142 -10.44 17.76 -63.49
C LEU E 142 -10.61 17.41 -62.02
N THR E 143 -10.77 18.46 -61.21
CA THR E 143 -10.98 18.34 -59.77
C THR E 143 -12.26 19.09 -59.42
N VAL E 144 -13.28 18.36 -58.99
CA VAL E 144 -14.60 18.92 -58.71
C VAL E 144 -14.74 19.10 -57.21
N PHE E 145 -14.98 20.35 -56.77
CA PHE E 145 -15.19 20.64 -55.37
C PHE E 145 -16.65 20.37 -55.02
N PRO E 146 -16.95 19.38 -54.18
CA PRO E 146 -18.35 19.05 -53.90
C PRO E 146 -19.12 20.14 -53.18
N ASP E 147 -18.42 21.07 -52.51
CA ASP E 147 -19.11 22.10 -51.73
C ASP E 147 -19.97 22.99 -52.61
N LYS E 148 -19.43 23.42 -53.76
CA LYS E 148 -20.14 24.29 -54.68
C LYS E 148 -20.18 23.72 -56.10
N ASN E 149 -19.88 22.42 -56.26
CA ASN E 149 -19.80 21.78 -57.56
C ASN E 149 -18.84 22.51 -58.49
N TYR E 150 -17.71 22.93 -57.92
CA TYR E 150 -16.69 23.67 -58.68
C TYR E 150 -15.79 22.65 -59.37
N ALA E 151 -16.06 22.40 -60.65
CA ALA E 151 -15.31 21.43 -61.43
C ALA E 151 -14.04 22.08 -61.99
N GLN E 152 -13.08 22.30 -61.09
CA GLN E 152 -11.77 22.81 -61.49
C GLN E 152 -11.04 21.75 -62.31
N THR E 153 -10.38 22.18 -63.38
CA THR E 153 -9.68 21.27 -64.29
C THR E 153 -8.18 21.38 -64.08
N GLU E 154 -7.53 20.24 -63.81
CA GLU E 154 -6.09 20.21 -63.65
C GLU E 154 -5.35 20.10 -64.97
N GLN E 155 -6.06 19.80 -66.06
CA GLN E 155 -5.45 19.59 -67.37
C GLN E 155 -6.33 20.21 -68.45
N ALA E 156 -5.75 20.39 -69.63
CA ALA E 156 -6.52 20.85 -70.78
C ALA E 156 -7.64 19.87 -71.10
N VAL E 157 -8.83 20.42 -71.32
CA VAL E 157 -10.04 19.63 -71.50
C VAL E 157 -10.64 19.95 -72.86
N LYS E 158 -10.96 18.90 -73.62
CA LYS E 158 -11.61 19.04 -74.92
C LYS E 158 -13.06 18.60 -74.76
N ILE E 159 -13.93 19.54 -74.41
CA ILE E 159 -15.35 19.26 -74.23
C ILE E 159 -15.99 19.09 -75.61
N ASP E 160 -16.24 17.84 -76.00
CA ASP E 160 -16.83 17.52 -77.28
C ASP E 160 -18.12 16.74 -77.08
N ALA E 161 -19.20 17.20 -77.71
CA ALA E 161 -20.46 16.49 -77.64
C ALA E 161 -20.36 15.17 -78.40
N ALA E 162 -21.15 14.18 -77.97
CA ALA E 162 -21.11 12.87 -78.61
C ALA E 162 -21.58 12.95 -80.06
N ASN E 163 -22.64 13.72 -80.31
CA ASN E 163 -23.18 13.77 -81.67
C ASN E 163 -22.59 14.93 -82.47
N GLY E 164 -22.56 16.13 -81.89
CA GLY E 164 -22.11 17.31 -82.60
C GLY E 164 -20.74 17.74 -82.12
N VAL E 165 -20.20 18.75 -82.80
CA VAL E 165 -18.87 19.27 -82.49
C VAL E 165 -19.01 20.51 -81.63
N THR E 166 -18.65 20.39 -80.35
CA THR E 166 -18.60 21.51 -79.43
C THR E 166 -17.21 21.68 -78.81
N THR E 167 -16.18 21.21 -79.50
CA THR E 167 -14.84 21.11 -78.91
C THR E 167 -14.28 22.49 -78.58
N ALA E 168 -13.57 22.55 -77.45
CA ALA E 168 -12.89 23.77 -77.00
C ALA E 168 -11.45 23.43 -76.66
N VAL E 169 -10.51 24.18 -77.23
CA VAL E 169 -9.08 24.02 -76.95
C VAL E 169 -8.76 24.75 -75.66
N GLY E 170 -7.87 24.17 -74.86
CA GLY E 170 -7.67 24.64 -73.50
C GLY E 170 -8.95 24.51 -72.70
N MET E 171 -8.87 24.88 -71.42
CA MET E 171 -10.07 24.91 -70.61
C MET E 171 -9.76 25.65 -69.32
N LYS E 172 -10.64 26.59 -68.96
CA LYS E 172 -10.51 27.39 -67.75
C LYS E 172 -11.77 27.18 -66.92
N ALA E 173 -11.59 26.88 -65.64
CA ALA E 173 -12.70 26.50 -64.76
C ALA E 173 -13.04 27.66 -63.83
N TYR E 174 -14.23 28.23 -64.00
CA TYR E 174 -14.79 29.21 -63.07
C TYR E 174 -16.26 28.86 -62.83
N LEU E 175 -16.50 28.01 -61.83
CA LEU E 175 -17.87 27.63 -61.49
C LEU E 175 -18.48 28.60 -60.49
N LYS E 176 -17.65 29.25 -59.68
CA LYS E 176 -18.14 30.20 -58.69
C LYS E 176 -18.42 31.56 -59.33
#